data_9DW4
#
_entry.id   9DW4
#
_cell.length_a   1.00
_cell.length_b   1.00
_cell.length_c   1.00
_cell.angle_alpha   90.00
_cell.angle_beta   90.00
_cell.angle_gamma   90.00
#
_symmetry.space_group_name_H-M   'P 1'
#
loop_
_entity.id
_entity.type
_entity.pdbx_description
1 polymer 'cAMP-dependent protein kinase catalytic subunit alpha'
2 polymer 'Cystic fibrosis transmembrane conductance regulator'
3 polymer 'Cystic fibrosis transmembrane conductance regulator'
#
loop_
_entity_poly.entity_id
_entity_poly.type
_entity_poly.pdbx_seq_one_letter_code
_entity_poly.pdbx_strand_id
1 'polypeptide(L)'
;MGNAAAAKKGSEQESVKEFLAKAKEDFLKKWENPAQNTAHLDQFERIKTLGTGSFGRVMLVKHMETGNHYAMKILDKQKV
VKLKQIEHTLNEKRILQAVNFPFLVKLEFSFKDNSNLYMVMEYVPGGEMFSHLRRIGRFSEPHARFYAAQIVLTFEYLHS
LDLIYRDLKPENLLIDQQGYIQVTDFGFAKRVKGRTWTLCGTPEYLAPEIILSKGYNKAVDWWALGVLIYEMAAGYPPFF
ADQPIQIYEKIVSGKVRFPSHFSSDLKDLLRNLLQVDLTKRFGNLKNGVNDIKNHKWFATTDWIAIYQRKVEAPFIPKFK
GPGDTSNFDDYEEEEIRVSINEKCGKEFSEF
;
K
2 'polypeptide(L)'
;MQRSPLEKASVVSKLFFSWTRPILRKGYRQRLELSDIYQIPSVDSADNLSEKLEREWDRELASKKNPKLINALRRCFFWR
FMFYGIFLYLGEVTKAVQPLLLGRIIASYDPDNKEERSIAIYLGIGLCLLFIVRTLLLHPAIFGLHHIGMQMRIAMFSLI
YKKTLKLSSRVLDKISIGQLVSLLSNNLNKFDEGLALAHFVWIAPLQVALLMGLIWELLQASAFCGLGFLIVLALFQAGL
GRMMMKYRDQRAGKISERLVITSEMIENIQSVKAYCWEEAMEKMIENLRQTELKLTRKAAYVRYFNSSAFFFSGFFVVFL
SVLPYALIKGIILRKIFTTISFCIVLRMAVTRQFPWAVQTWYDSLGAINKIQDFLQKQEYKTLEYNLTTTEVVMENVTAF
WEEGFGELFEKAKQNNNNRKTSNGDDSLFFSNFSLLGTPVLKDINFKIERGQLLAVAGSTGAGKTSLLMVIMGELEPSEG
KIKHSGRISFCSQFSWIMPGTIKENIIFGVSYDEYRYRSVIKACQLEEDISKFAEKDNIVLGEGGITLSGGQRARISLAR
AVYKDADLYLLDSPFGYLDVLTEKEIFESCVCKLMANKTRILVTSKMEHLKKADKILILHEGSSYFYGTFSELQNLQPDF
SSKLMGCDSFDQFSAERRNSILTETLHRFSLEGDAPVSWTETKKQSFKQTGEFGEKRKNSILNPINSIRKFSIVQKTPLQ
MNGIEEDSDEPLERRLSLVPDSEQGEAILPRISVISTGPTLQARRRQSVLNLMTHSVNQGQNIHRKTTASTRKVSLAPQA
NLTELDIYSRRLSQETGLEISEEINEEDLKECFFDDMESIPAVTTWNTYLRYITVHKSLIFVLIWCLVIFLAEVAASLVV
LWLLGNTPLQDKGNSTHSRNNSYAVIITSTSSYYVFYIYVGVADTLLAMGFFRGLPLVHTLITVSKILHHKMLHSVLQAP
MSTLNTLKAGGILNRFSKDIAILDDLLPLTIFDFIQLLLIVIGAIAVVAVLQPYIFVATVPVIVAFIMLRAYFLQTSQQL
KQLESEGRSPIFTHLVTSLKGLWTLRAFGRQPYFETLFHKALNLHTANWFLYLSTLRWFQMRIEMIFVIFFIAVTFISIL
TTGEGEGRVGIILTLAMNIMSTLQWAVNSSIDVDSLMRSVSRVFKFIDMPTEGKPTKSTKPYKNGQLSKVMIIENSHVKK
DDIWPSGGQMTVKDLTAKYTEGGNAILENISFSISPGQRVGLLGRTGSGKSTLLSAFLRLLNTEGEIQIDGVSWDSITLQ
QWRKAFGVIPQKVFIFSGTFRKNLDPYEQWSDQEIWKVADEVGLRSVIEQFPGKLDFVLVDGGCVLSHGHKQLMCLARSV
LSKAKILLLDEPSAHLDPVTYQIIRRTLKQAFADCTVILCEHRIEAMLECQQFLVIEENKVRQYDSIQKLLNERSLFRQA
ISPSDRVKLFPHRNSSKCKSKPQIAALKEETEEEVQDTRL
;
A
3 'polypeptide(L)'
;(UNK)(UNK)(UNK)(UNK)(UNK)(UNK)(UNK)(UNK)(UNK)(UNK)(UNK)(UNK)(UNK)(UNK)(UNK)(UNK)
(UNK)(UNK)(UNK)
;
B
#
# COMPACT_ATOMS: atom_id res chain seq x y z
N GLN A 13 38.79 -31.67 -4.87
CA GLN A 13 40.19 -31.63 -4.46
C GLN A 13 41.11 -32.03 -5.60
N GLU A 14 42.01 -32.97 -5.33
CA GLU A 14 42.93 -33.51 -6.31
C GLU A 14 43.84 -32.41 -6.89
N SER A 15 43.52 -31.96 -8.10
CA SER A 15 44.36 -30.95 -8.75
C SER A 15 44.31 -29.62 -8.01
N VAL A 16 43.14 -29.25 -7.49
CA VAL A 16 43.01 -27.95 -6.83
C VAL A 16 43.85 -27.90 -5.56
N LYS A 17 43.83 -28.98 -4.78
CA LYS A 17 44.65 -29.02 -3.57
C LYS A 17 46.13 -29.10 -3.92
N GLU A 18 46.47 -29.81 -5.00
CA GLU A 18 47.87 -29.87 -5.44
C GLU A 18 48.38 -28.50 -5.85
N PHE A 19 47.52 -27.68 -6.46
CA PHE A 19 47.90 -26.31 -6.80
C PHE A 19 47.99 -25.43 -5.56
N LEU A 20 47.06 -25.61 -4.62
CA LEU A 20 47.09 -24.81 -3.40
C LEU A 20 48.36 -25.08 -2.60
N ALA A 21 48.79 -26.34 -2.55
CA ALA A 21 50.03 -26.67 -1.85
C ALA A 21 51.23 -25.99 -2.49
N LYS A 22 51.28 -25.98 -3.83
CA LYS A 22 52.38 -25.32 -4.52
C LYS A 22 52.36 -23.82 -4.29
N ALA A 23 51.17 -23.21 -4.27
CA ALA A 23 51.08 -21.78 -4.00
C ALA A 23 51.57 -21.44 -2.60
N LYS A 24 51.15 -22.23 -1.61
CA LYS A 24 51.60 -22.01 -0.23
C LYS A 24 53.10 -22.21 -0.11
N GLU A 25 53.64 -23.19 -0.84
CA GLU A 25 55.08 -23.43 -0.80
C GLU A 25 55.87 -22.27 -1.40
N ASP A 26 55.40 -21.76 -2.55
CA ASP A 26 56.14 -20.69 -3.22
C ASP A 26 55.99 -19.36 -2.49
N PHE A 27 54.89 -19.17 -1.75
CA PHE A 27 54.68 -17.92 -1.04
C PHE A 27 55.75 -17.69 0.02
N LEU A 28 56.18 -18.75 0.70
CA LEU A 28 57.21 -18.61 1.73
C LEU A 28 58.54 -18.18 1.14
N LYS A 29 58.94 -18.79 0.02
CA LYS A 29 60.19 -18.40 -0.63
C LYS A 29 60.10 -16.97 -1.16
N LYS A 30 58.92 -16.56 -1.66
CA LYS A 30 58.75 -15.19 -2.12
C LYS A 30 58.82 -14.20 -0.96
N TRP A 31 58.25 -14.55 0.20
CA TRP A 31 58.22 -13.63 1.33
C TRP A 31 59.59 -13.46 1.96
N GLU A 32 60.45 -14.47 1.88
CA GLU A 32 61.76 -14.42 2.52
C GLU A 32 62.77 -13.59 1.74
N ASN A 33 62.47 -13.20 0.50
CA ASN A 33 63.39 -12.42 -0.33
C ASN A 33 62.66 -11.24 -0.96
N PRO A 34 62.15 -10.32 -0.14
CA PRO A 34 61.47 -9.15 -0.69
C PRO A 34 62.44 -8.18 -1.33
N ALA A 35 61.97 -7.47 -2.36
CA ALA A 35 62.76 -6.46 -3.03
C ALA A 35 62.54 -5.09 -2.39
N GLN A 36 63.43 -4.17 -2.71
CA GLN A 36 63.35 -2.81 -2.16
C GLN A 36 63.93 -1.83 -3.18
N ASN A 37 63.30 -0.66 -3.28
CA ASN A 37 63.76 0.42 -4.14
C ASN A 37 63.91 -0.07 -5.58
N THR A 38 62.84 -0.68 -6.09
CA THR A 38 62.90 -1.28 -7.42
C THR A 38 63.11 -0.26 -8.53
N ALA A 39 62.70 0.99 -8.32
CA ALA A 39 62.80 2.00 -9.37
C ALA A 39 62.71 3.39 -8.74
N HIS A 40 63.06 4.39 -9.53
CA HIS A 40 62.94 5.78 -9.17
C HIS A 40 61.91 6.47 -10.06
N LEU A 41 61.35 7.57 -9.57
CA LEU A 41 60.33 8.31 -10.29
C LEU A 41 60.98 9.16 -11.39
N ASP A 42 61.48 8.45 -12.41
CA ASP A 42 62.10 9.10 -13.56
C ASP A 42 61.70 8.48 -14.89
N GLN A 43 60.79 7.52 -14.91
CA GLN A 43 60.33 6.88 -16.14
C GLN A 43 58.82 6.75 -16.14
N PHE A 44 58.13 7.82 -15.73
CA PHE A 44 56.68 7.81 -15.63
C PHE A 44 56.13 9.12 -16.16
N GLU A 45 54.80 9.20 -16.23
CA GLU A 45 54.09 10.40 -16.65
C GLU A 45 53.23 10.91 -15.51
N ARG A 46 52.61 12.06 -15.74
CA ARG A 46 51.73 12.70 -14.77
C ARG A 46 50.44 13.15 -15.46
N ILE A 47 49.85 12.26 -16.25
CA ILE A 47 48.72 12.62 -17.10
C ILE A 47 47.54 13.08 -16.27
N LYS A 48 47.22 12.35 -15.20
CA LYS A 48 46.07 12.69 -14.38
C LYS A 48 46.17 11.95 -13.06
N THR A 49 45.47 12.47 -12.05
CA THR A 49 45.35 11.82 -10.75
C THR A 49 44.12 10.93 -10.76
N LEU A 50 44.32 9.61 -10.68
CA LEU A 50 43.19 8.70 -10.66
C LEU A 50 42.32 8.91 -9.44
N GLY A 51 42.91 9.33 -8.33
CA GLY A 51 42.17 9.62 -7.13
C GLY A 51 43.12 9.82 -5.96
N THR A 52 42.54 9.98 -4.78
CA THR A 52 43.38 10.05 -3.59
C THR A 52 43.50 8.69 -2.93
N GLY A 53 42.39 8.17 -2.42
CA GLY A 53 42.38 6.87 -1.77
C GLY A 53 42.89 6.99 -0.35
N SER A 54 42.12 6.51 0.63
CA SER A 54 42.55 6.49 2.02
C SER A 54 43.14 7.83 2.47
N PHE A 55 44.46 7.89 2.60
CA PHE A 55 45.18 9.12 2.93
C PHE A 55 46.37 9.31 1.99
N GLY A 56 46.26 8.83 0.77
CA GLY A 56 47.33 8.95 -0.20
C GLY A 56 46.90 9.65 -1.47
N ARG A 57 47.71 9.57 -2.52
CA ARG A 57 47.40 10.16 -3.82
C ARG A 57 47.68 9.14 -4.90
N VAL A 58 46.71 8.97 -5.81
CA VAL A 58 46.83 8.03 -6.92
C VAL A 58 46.85 8.82 -8.21
N MET A 59 47.71 8.41 -9.14
CA MET A 59 47.86 9.08 -10.42
C MET A 59 48.10 8.06 -11.52
N LEU A 60 47.61 8.37 -12.71
CA LEU A 60 47.79 7.51 -13.88
C LEU A 60 49.06 7.94 -14.62
N VAL A 61 49.95 6.98 -14.87
CA VAL A 61 51.23 7.25 -15.52
C VAL A 61 51.42 6.28 -16.68
N LYS A 62 52.40 6.59 -17.51
CA LYS A 62 52.79 5.73 -18.63
C LYS A 62 54.29 5.46 -18.55
N HIS A 63 54.65 4.19 -18.73
CA HIS A 63 56.06 3.80 -18.68
C HIS A 63 56.81 4.43 -19.85
N MET A 64 57.78 5.29 -19.54
CA MET A 64 58.53 5.96 -20.60
C MET A 64 59.34 4.97 -21.43
N GLU A 65 59.95 3.97 -20.77
CA GLU A 65 60.79 3.03 -21.48
C GLU A 65 59.98 2.04 -22.32
N THR A 66 58.85 1.58 -21.79
CA THR A 66 58.05 0.55 -22.45
C THR A 66 56.79 1.09 -23.10
N GLY A 67 56.02 1.91 -22.38
CA GLY A 67 54.76 2.43 -22.88
C GLY A 67 53.55 1.94 -22.13
N ASN A 68 53.68 0.87 -21.34
CA ASN A 68 52.55 0.34 -20.60
C ASN A 68 52.09 1.34 -19.54
N HIS A 69 50.80 1.64 -19.56
CA HIS A 69 50.22 2.51 -18.54
C HIS A 69 50.24 1.79 -17.19
N TYR A 70 50.62 2.52 -16.14
CA TYR A 70 50.74 1.95 -14.81
C TYR A 70 50.34 2.98 -13.76
N ALA A 71 49.59 2.53 -12.76
CA ALA A 71 49.19 3.39 -11.65
C ALA A 71 50.33 3.55 -10.65
N MET A 72 50.31 4.68 -9.94
CA MET A 72 51.33 5.01 -8.96
C MET A 72 50.63 5.47 -7.67
N LYS A 73 50.86 4.73 -6.58
CA LYS A 73 50.25 5.01 -5.29
C LYS A 73 51.20 5.85 -4.45
N ILE A 74 51.05 7.17 -4.54
CA ILE A 74 51.86 8.07 -3.73
C ILE A 74 51.26 8.21 -2.34
N LEU A 75 52.12 8.42 -1.35
CA LEU A 75 51.69 8.63 0.02
C LEU A 75 52.82 9.28 0.81
N ASP A 76 52.46 10.23 1.67
CA ASP A 76 53.45 10.94 2.47
C ASP A 76 53.94 10.06 3.62
N LYS A 77 55.27 10.00 3.79
CA LYS A 77 55.83 9.30 4.94
C LYS A 77 55.46 9.99 6.25
N GLN A 78 55.33 11.31 6.22
CA GLN A 78 54.83 12.03 7.39
C GLN A 78 53.40 11.62 7.70
N LYS A 79 52.60 11.33 6.67
CA LYS A 79 51.26 10.81 6.91
C LYS A 79 51.30 9.42 7.54
N VAL A 80 52.22 8.56 7.10
CA VAL A 80 52.32 7.23 7.68
C VAL A 80 52.73 7.32 9.15
N VAL A 81 53.69 8.18 9.46
CA VAL A 81 54.14 8.31 10.85
C VAL A 81 53.05 8.96 11.71
N LYS A 82 52.43 10.03 11.21
CA LYS A 82 51.45 10.76 12.01
C LYS A 82 50.16 9.97 12.17
N LEU A 83 49.77 9.17 11.18
CA LEU A 83 48.57 8.36 11.28
C LEU A 83 48.81 7.07 12.03
N LYS A 84 50.04 6.82 12.49
CA LYS A 84 50.40 5.63 13.25
C LYS A 84 50.13 4.37 12.43
N GLN A 85 50.33 4.46 11.12
CA GLN A 85 50.24 3.31 10.22
C GLN A 85 51.49 3.28 9.35
N ILE A 86 52.55 2.65 9.88
CA ILE A 86 53.78 2.44 9.15
C ILE A 86 54.08 0.95 8.98
N GLU A 87 53.87 0.16 10.04
CA GLU A 87 54.08 -1.28 9.95
C GLU A 87 53.04 -1.91 9.03
N HIS A 88 51.80 -1.41 9.05
CA HIS A 88 50.79 -1.90 8.12
C HIS A 88 51.21 -1.64 6.68
N THR A 89 51.82 -0.48 6.43
CA THR A 89 52.30 -0.17 5.09
C THR A 89 53.39 -1.12 4.65
N LEU A 90 54.33 -1.45 5.54
CA LEU A 90 55.39 -2.38 5.19
C LEU A 90 54.84 -3.78 4.94
N ASN A 91 53.90 -4.22 5.78
CA ASN A 91 53.27 -5.52 5.56
C ASN A 91 52.52 -5.56 4.24
N GLU A 92 51.82 -4.46 3.91
CA GLU A 92 51.11 -4.38 2.64
C GLU A 92 52.10 -4.44 1.48
N LYS A 93 53.22 -3.74 1.59
CA LYS A 93 54.22 -3.75 0.52
C LYS A 93 54.76 -5.15 0.31
N ARG A 94 55.12 -5.84 1.38
CA ARG A 94 55.66 -7.19 1.26
C ARG A 94 54.64 -8.16 0.67
N ILE A 95 53.39 -8.07 1.16
CA ILE A 95 52.35 -8.98 0.69
C ILE A 95 52.04 -8.74 -0.79
N LEU A 96 51.95 -7.47 -1.20
CA LEU A 96 51.74 -7.16 -2.60
C LEU A 96 52.93 -7.61 -3.45
N GLN A 97 54.14 -7.53 -2.91
CA GLN A 97 55.32 -7.95 -3.65
C GLN A 97 55.44 -9.46 -3.74
N ALA A 98 54.71 -10.21 -2.89
CA ALA A 98 54.79 -11.66 -2.89
C ALA A 98 53.55 -12.36 -3.43
N VAL A 99 52.46 -11.62 -3.67
CA VAL A 99 51.19 -12.23 -4.03
C VAL A 99 51.30 -12.94 -5.39
N ASN A 100 50.54 -14.04 -5.53
CA ASN A 100 50.46 -14.77 -6.80
C ASN A 100 49.07 -15.39 -6.90
N PHE A 101 48.16 -14.69 -7.60
CA PHE A 101 46.81 -15.18 -7.81
C PHE A 101 46.21 -14.46 -9.01
N PRO A 102 45.46 -15.14 -9.87
CA PRO A 102 44.89 -14.45 -11.03
C PRO A 102 43.85 -13.40 -10.67
N PHE A 103 43.21 -13.52 -9.50
CA PHE A 103 42.07 -12.67 -9.17
C PHE A 103 42.44 -11.22 -8.92
N LEU A 104 43.71 -10.90 -8.72
CA LEU A 104 44.14 -9.57 -8.32
C LEU A 104 45.16 -9.01 -9.31
N VAL A 105 45.19 -7.68 -9.40
CA VAL A 105 46.20 -6.99 -10.18
C VAL A 105 47.51 -6.97 -9.37
N LYS A 106 48.58 -7.45 -9.97
CA LYS A 106 49.85 -7.58 -9.27
C LYS A 106 50.57 -6.23 -9.18
N LEU A 107 51.54 -6.16 -8.26
CA LEU A 107 52.40 -5.00 -8.12
C LEU A 107 53.70 -5.23 -8.87
N GLU A 108 54.10 -4.24 -9.66
CA GLU A 108 55.25 -4.38 -10.56
C GLU A 108 56.54 -3.85 -9.97
N PHE A 109 56.53 -2.63 -9.44
CA PHE A 109 57.76 -1.99 -8.98
C PHE A 109 57.46 -1.09 -7.80
N SER A 110 58.52 -0.72 -7.08
CA SER A 110 58.42 0.11 -5.89
C SER A 110 59.35 1.31 -6.02
N PHE A 111 58.88 2.47 -5.58
CA PHE A 111 59.65 3.70 -5.57
C PHE A 111 59.79 4.19 -4.14
N LYS A 112 60.98 4.72 -3.83
CA LYS A 112 61.28 5.20 -2.48
C LYS A 112 62.06 6.52 -2.63
N ASP A 113 61.34 7.63 -2.55
CA ASP A 113 61.94 8.96 -2.62
C ASP A 113 62.04 9.57 -1.24
N ASN A 114 62.82 10.65 -1.15
CA ASN A 114 63.01 11.34 0.12
C ASN A 114 61.77 12.12 0.56
N SER A 115 60.78 12.28 -0.32
CA SER A 115 59.54 12.97 0.02
C SER A 115 58.36 12.03 0.16
N ASN A 116 58.24 11.04 -0.71
CA ASN A 116 57.12 10.11 -0.66
C ASN A 116 57.55 8.81 -1.35
N LEU A 117 56.68 7.81 -1.25
CA LEU A 117 56.92 6.50 -1.85
C LEU A 117 55.80 6.17 -2.83
N TYR A 118 56.16 5.58 -3.95
CA TYR A 118 55.20 5.18 -4.97
C TYR A 118 55.26 3.67 -5.16
N MET A 119 54.13 3.11 -5.60
CA MET A 119 54.01 1.68 -5.87
C MET A 119 53.40 1.49 -7.25
N VAL A 120 54.10 0.75 -8.10
CA VAL A 120 53.67 0.57 -9.48
C VAL A 120 52.59 -0.50 -9.54
N MET A 121 51.43 -0.12 -10.06
CA MET A 121 50.32 -1.05 -10.27
C MET A 121 49.84 -0.96 -11.72
N GLU A 122 49.22 -2.03 -12.18
CA GLU A 122 48.76 -2.09 -13.56
C GLU A 122 47.59 -1.14 -13.79
N TYR A 123 47.42 -0.73 -15.04
CA TYR A 123 46.33 0.17 -15.41
C TYR A 123 45.00 -0.57 -15.33
N VAL A 124 44.07 -0.03 -14.55
CA VAL A 124 42.76 -0.64 -14.38
C VAL A 124 41.75 0.13 -15.23
N PRO A 125 41.44 -0.33 -16.44
CA PRO A 125 40.49 0.41 -17.28
C PRO A 125 39.05 0.30 -16.80
N GLY A 126 38.69 -0.76 -16.08
CA GLY A 126 37.30 -0.96 -15.71
C GLY A 126 36.81 -0.13 -14.55
N GLY A 127 37.71 0.43 -13.75
CA GLY A 127 37.30 1.27 -12.65
C GLY A 127 36.61 0.50 -11.52
N GLU A 128 36.16 1.28 -10.54
CA GLU A 128 35.55 0.72 -9.34
C GLU A 128 34.11 0.30 -9.60
N MET A 129 33.74 -0.86 -9.06
CA MET A 129 32.38 -1.35 -9.22
C MET A 129 31.38 -0.58 -8.38
N PHE A 130 31.84 0.16 -7.36
CA PHE A 130 30.92 0.93 -6.53
C PHE A 130 30.22 2.02 -7.36
N SER A 131 30.98 2.71 -8.21
CA SER A 131 30.38 3.73 -9.06
C SER A 131 29.41 3.11 -10.06
N HIS A 132 29.77 1.94 -10.61
CA HIS A 132 28.87 1.27 -11.53
C HIS A 132 27.58 0.85 -10.84
N LEU A 133 27.69 0.36 -9.61
CA LEU A 133 26.50 -0.03 -8.86
C LEU A 133 25.65 1.18 -8.50
N ARG A 134 26.29 2.33 -8.26
CA ARG A 134 25.51 3.55 -8.07
C ARG A 134 24.82 3.97 -9.35
N ARG A 135 25.45 3.73 -10.50
CA ARG A 135 24.84 4.09 -11.78
C ARG A 135 23.68 3.17 -12.13
N ILE A 136 23.76 1.90 -11.72
CA ILE A 136 22.70 0.93 -12.05
C ILE A 136 21.81 0.60 -10.87
N GLY A 137 22.20 0.94 -9.64
CA GLY A 137 21.39 0.68 -8.47
C GLY A 137 21.50 -0.73 -7.92
N ARG A 138 20.87 -1.70 -8.58
CA ARG A 138 20.88 -3.09 -8.13
C ARG A 138 21.27 -3.99 -9.29
N PHE A 139 22.20 -4.90 -9.04
CA PHE A 139 22.61 -5.87 -10.05
C PHE A 139 21.63 -7.04 -10.09
N SER A 140 21.61 -7.72 -11.24
CA SER A 140 20.83 -8.94 -11.35
C SER A 140 21.43 -10.02 -10.47
N GLU A 141 20.58 -10.97 -10.07
CA GLU A 141 21.03 -12.03 -9.16
C GLU A 141 22.18 -12.84 -9.74
N PRO A 142 22.10 -13.33 -10.99
CA PRO A 142 23.28 -13.99 -11.56
C PRO A 142 24.45 -13.04 -11.69
N HIS A 143 24.20 -11.76 -11.92
CA HIS A 143 25.30 -10.80 -11.94
C HIS A 143 25.98 -10.72 -10.59
N ALA A 144 25.20 -10.81 -9.50
CA ALA A 144 25.80 -10.83 -8.17
C ALA A 144 26.61 -12.10 -7.96
N ARG A 145 26.05 -13.25 -8.35
CA ARG A 145 26.75 -14.51 -8.15
C ARG A 145 28.04 -14.57 -8.96
N PHE A 146 28.06 -13.92 -10.13
CA PHE A 146 29.25 -13.95 -10.98
C PHE A 146 30.45 -13.35 -10.28
N TYR A 147 30.25 -12.22 -9.59
CA TYR A 147 31.35 -11.63 -8.83
C TYR A 147 31.59 -12.38 -7.52
N ALA A 148 30.51 -12.86 -6.88
CA ALA A 148 30.66 -13.50 -5.58
C ALA A 148 31.49 -14.76 -5.67
N ALA A 149 31.41 -15.48 -6.80
CA ALA A 149 32.20 -16.70 -6.94
C ALA A 149 33.69 -16.42 -6.90
N GLN A 150 34.14 -15.44 -7.68
CA GLN A 150 35.55 -15.09 -7.66
C GLN A 150 35.96 -14.48 -6.33
N ILE A 151 35.04 -13.77 -5.67
CA ILE A 151 35.35 -13.23 -4.36
C ILE A 151 35.62 -14.36 -3.37
N VAL A 152 34.78 -15.40 -3.39
CA VAL A 152 34.98 -16.54 -2.51
C VAL A 152 36.26 -17.26 -2.86
N LEU A 153 36.57 -17.35 -4.17
CA LEU A 153 37.81 -18.00 -4.58
C LEU A 153 39.03 -17.28 -4.02
N THR A 154 39.07 -15.95 -4.17
CA THR A 154 40.21 -15.19 -3.67
C THR A 154 40.29 -15.25 -2.16
N PHE A 155 39.13 -15.20 -1.47
CA PHE A 155 39.13 -15.25 -0.02
C PHE A 155 39.66 -16.59 0.50
N GLU A 156 39.23 -17.68 -0.12
CA GLU A 156 39.73 -18.99 0.30
C GLU A 156 41.20 -19.16 -0.06
N TYR A 157 41.65 -18.55 -1.16
CA TYR A 157 43.07 -18.59 -1.47
C TYR A 157 43.88 -17.82 -0.42
N LEU A 158 43.34 -16.71 0.07
CA LEU A 158 43.97 -16.03 1.19
C LEU A 158 43.96 -16.90 2.44
N HIS A 159 42.90 -17.70 2.61
CA HIS A 159 42.89 -18.68 3.69
C HIS A 159 43.94 -19.76 3.45
N SER A 160 44.21 -20.07 2.19
CA SER A 160 45.27 -21.04 1.89
C SER A 160 46.65 -20.50 2.21
N LEU A 161 46.77 -19.20 2.51
CA LEU A 161 48.02 -18.61 2.95
C LEU A 161 47.97 -18.10 4.38
N ASP A 162 46.80 -18.13 5.03
CA ASP A 162 46.65 -17.72 6.43
C ASP A 162 47.02 -16.25 6.62
N LEU A 163 46.24 -15.39 5.98
CA LEU A 163 46.37 -13.95 6.12
C LEU A 163 45.01 -13.32 6.35
N ILE A 164 45.00 -12.16 6.98
CA ILE A 164 43.77 -11.44 7.30
C ILE A 164 43.79 -10.11 6.54
N TYR A 165 42.75 -9.87 5.74
CA TYR A 165 42.72 -8.67 4.92
C TYR A 165 42.39 -7.43 5.74
N ARG A 166 41.46 -7.56 6.69
CA ARG A 166 41.06 -6.45 7.57
C ARG A 166 40.59 -5.23 6.79
N ASP A 167 40.08 -5.43 5.57
CA ASP A 167 39.63 -4.31 4.76
C ASP A 167 38.64 -4.84 3.72
N LEU A 168 37.44 -4.26 3.68
CA LEU A 168 36.43 -4.65 2.69
C LEU A 168 35.50 -3.45 2.46
N LYS A 169 35.72 -2.74 1.35
CA LYS A 169 34.86 -1.64 0.94
C LYS A 169 34.44 -1.81 -0.50
N PRO A 170 33.28 -1.27 -0.88
CA PRO A 170 32.83 -1.45 -2.28
C PRO A 170 33.77 -0.85 -3.32
N GLU A 171 34.42 0.26 -3.02
CA GLU A 171 35.26 0.92 -4.02
C GLU A 171 36.58 0.21 -4.25
N ASN A 172 36.98 -0.70 -3.36
CA ASN A 172 38.27 -1.36 -3.50
C ASN A 172 38.27 -2.42 -4.59
N LEU A 173 37.11 -2.80 -5.10
CA LEU A 173 36.99 -3.86 -6.09
C LEU A 173 36.88 -3.24 -7.48
N LEU A 174 37.88 -3.48 -8.32
CA LEU A 174 37.88 -2.97 -9.67
C LEU A 174 37.26 -4.00 -10.61
N ILE A 175 37.40 -3.78 -11.92
CA ILE A 175 36.91 -4.70 -12.93
C ILE A 175 37.92 -4.76 -14.08
N ASP A 176 38.14 -5.95 -14.62
CA ASP A 176 39.13 -6.15 -15.67
C ASP A 176 38.51 -5.95 -17.06
N GLN A 177 39.38 -5.84 -18.05
CA GLN A 177 38.93 -5.83 -19.44
C GLN A 177 38.21 -7.13 -19.78
N GLN A 178 38.61 -8.24 -19.15
CA GLN A 178 37.89 -9.49 -19.28
C GLN A 178 36.60 -9.50 -18.48
N GLY A 179 36.38 -8.50 -17.63
CA GLY A 179 35.19 -8.43 -16.80
C GLY A 179 35.39 -8.95 -15.39
N TYR A 180 36.46 -9.69 -15.13
CA TYR A 180 36.73 -10.14 -13.78
C TYR A 180 37.08 -8.95 -12.89
N ILE A 181 36.66 -9.04 -11.63
CA ILE A 181 36.99 -7.98 -10.69
C ILE A 181 38.49 -7.95 -10.43
N GLN A 182 39.00 -6.77 -10.10
CA GLN A 182 40.41 -6.58 -9.80
C GLN A 182 40.55 -6.15 -8.34
N VAL A 183 41.38 -6.88 -7.61
CA VAL A 183 41.58 -6.63 -6.19
C VAL A 183 42.74 -5.66 -5.99
N THR A 184 42.62 -4.79 -4.99
CA THR A 184 43.65 -3.84 -4.64
C THR A 184 43.48 -3.46 -3.18
N ASP A 185 44.21 -2.42 -2.76
CA ASP A 185 44.11 -1.86 -1.41
C ASP A 185 44.46 -2.91 -0.36
N PHE A 186 45.70 -3.40 -0.44
CA PHE A 186 46.20 -4.41 0.47
C PHE A 186 46.72 -3.82 1.79
N GLY A 187 46.36 -2.59 2.11
CA GLY A 187 46.90 -1.91 3.27
C GLY A 187 46.68 -2.60 4.60
N PHE A 188 45.42 -2.92 4.92
CA PHE A 188 45.10 -3.54 6.20
C PHE A 188 45.44 -5.03 6.23
N ALA A 189 45.78 -5.62 5.10
CA ALA A 189 46.07 -7.04 5.05
C ALA A 189 47.35 -7.37 5.80
N LYS A 190 47.35 -8.52 6.47
CA LYS A 190 48.52 -8.98 7.21
C LYS A 190 48.48 -10.48 7.33
N ARG A 191 49.67 -11.09 7.34
CA ARG A 191 49.82 -12.53 7.50
C ARG A 191 50.11 -12.82 8.96
N VAL A 192 49.05 -12.93 9.77
CA VAL A 192 49.15 -13.24 11.18
C VAL A 192 48.26 -14.44 11.46
N LYS A 193 48.83 -15.48 12.06
CA LYS A 193 48.10 -16.70 12.37
C LYS A 193 47.62 -16.63 13.81
N GLY A 194 46.31 -16.76 14.01
CA GLY A 194 45.71 -16.75 15.34
C GLY A 194 44.71 -15.61 15.49
N ARG A 195 44.74 -14.97 16.65
CA ARG A 195 43.84 -13.87 16.97
C ARG A 195 44.63 -12.59 17.16
N THR A 196 44.08 -11.48 16.70
CA THR A 196 44.72 -10.18 16.77
C THR A 196 43.77 -9.18 17.40
N TRP A 197 44.28 -8.35 18.32
CA TRP A 197 43.45 -7.39 19.04
C TRP A 197 43.25 -6.08 18.30
N THR A 198 43.96 -5.86 17.19
CA THR A 198 43.87 -4.58 16.48
C THR A 198 42.47 -4.38 15.90
N LEU A 199 42.00 -3.14 15.94
CA LEU A 199 40.68 -2.79 15.44
C LEU A 199 40.74 -1.45 14.70
N CYS A 200 40.16 -1.42 13.51
CA CYS A 200 40.10 -0.22 12.67
C CYS A 200 39.23 -0.56 11.47
N GLY A 201 39.09 0.41 10.58
CA GLY A 201 38.42 0.19 9.31
C GLY A 201 37.04 0.81 9.23
N THR A 202 36.30 0.38 8.22
CA THR A 202 34.97 0.91 7.94
C THR A 202 33.95 0.35 8.93
N PRO A 203 33.11 1.21 9.52
CA PRO A 203 32.07 0.69 10.40
C PRO A 203 31.07 -0.22 9.70
N GLU A 204 30.78 0.04 8.42
CA GLU A 204 29.83 -0.81 7.71
C GLU A 204 30.35 -2.22 7.54
N TYR A 205 31.67 -2.39 7.61
CA TYR A 205 32.29 -3.70 7.54
C TYR A 205 32.87 -4.13 8.88
N LEU A 206 32.42 -3.53 9.97
CA LEU A 206 32.94 -3.82 11.31
C LEU A 206 32.16 -4.98 11.90
N ALA A 207 32.83 -6.12 12.08
CA ALA A 207 32.19 -7.27 12.70
C ALA A 207 31.96 -7.01 14.18
N PRO A 208 30.99 -7.68 14.80
CA PRO A 208 30.78 -7.51 16.24
C PRO A 208 32.00 -7.89 17.05
N GLU A 209 32.79 -8.87 16.59
CA GLU A 209 34.00 -9.25 17.31
C GLU A 209 35.01 -8.11 17.32
N ILE A 210 35.18 -7.44 16.20
CA ILE A 210 36.06 -6.28 16.16
C ILE A 210 35.45 -5.12 16.94
N ILE A 211 34.12 -4.97 16.87
CA ILE A 211 33.46 -3.92 17.62
C ILE A 211 33.58 -4.16 19.12
N LEU A 212 33.57 -5.43 19.55
CA LEU A 212 33.69 -5.75 20.96
C LEU A 212 35.10 -5.52 21.51
N SER A 213 36.06 -5.14 20.66
CA SER A 213 37.43 -4.89 21.06
C SER A 213 38.06 -6.13 21.69
N LYS A 214 38.03 -7.23 20.95
CA LYS A 214 38.63 -8.48 21.36
C LYS A 214 39.57 -8.96 20.27
N GLY A 215 40.28 -10.05 20.54
CA GLY A 215 41.11 -10.68 19.54
C GLY A 215 40.31 -11.12 18.34
N TYR A 216 40.74 -10.73 17.15
CA TYR A 216 39.99 -10.99 15.92
C TYR A 216 40.77 -11.99 15.05
N ASN A 217 40.07 -12.99 14.55
CA ASN A 217 40.62 -14.00 13.66
C ASN A 217 40.10 -13.77 12.24
N LYS A 218 40.42 -14.71 11.35
CA LYS A 218 39.99 -14.62 9.96
C LYS A 218 38.50 -14.78 9.78
N ALA A 219 37.77 -15.20 10.83
CA ALA A 219 36.35 -15.52 10.68
C ALA A 219 35.51 -14.31 10.26
N VAL A 220 35.98 -13.09 10.50
CA VAL A 220 35.18 -11.92 10.16
C VAL A 220 35.10 -11.68 8.66
N ASP A 221 36.00 -12.29 7.88
CA ASP A 221 35.97 -12.10 6.44
C ASP A 221 34.71 -12.68 5.82
N TRP A 222 34.19 -13.76 6.38
CA TRP A 222 32.94 -14.32 5.88
C TRP A 222 31.79 -13.33 6.09
N TRP A 223 31.73 -12.69 7.26
CA TRP A 223 30.72 -11.68 7.48
C TRP A 223 30.90 -10.49 6.54
N ALA A 224 32.14 -10.12 6.27
CA ALA A 224 32.39 -9.02 5.34
C ALA A 224 31.90 -9.36 3.94
N LEU A 225 32.18 -10.58 3.47
CA LEU A 225 31.73 -10.99 2.15
C LEU A 225 30.22 -11.11 2.09
N GLY A 226 29.60 -11.56 3.18
CA GLY A 226 28.14 -11.64 3.21
C GLY A 226 27.51 -10.26 3.14
N VAL A 227 28.10 -9.30 3.86
CA VAL A 227 27.61 -7.93 3.78
C VAL A 227 27.80 -7.39 2.38
N LEU A 228 28.92 -7.74 1.74
CA LEU A 228 29.16 -7.31 0.38
C LEU A 228 28.10 -7.83 -0.57
N ILE A 229 27.77 -9.13 -0.48
CA ILE A 229 26.77 -9.70 -1.35
C ILE A 229 25.40 -9.09 -1.07
N TYR A 230 25.05 -8.95 0.21
CA TYR A 230 23.74 -8.43 0.57
C TYR A 230 23.56 -7.00 0.07
N GLU A 231 24.57 -6.15 0.26
CA GLU A 231 24.47 -4.79 -0.21
C GLU A 231 24.50 -4.70 -1.72
N MET A 232 25.27 -5.58 -2.38
CA MET A 232 25.33 -5.56 -3.84
C MET A 232 23.98 -5.89 -4.43
N ALA A 233 23.25 -6.83 -3.82
CA ALA A 233 21.91 -7.14 -4.27
C ALA A 233 20.89 -6.09 -3.85
N ALA A 234 21.09 -5.46 -2.70
CA ALA A 234 20.09 -4.55 -2.15
C ALA A 234 20.34 -3.09 -2.51
N GLY A 235 21.60 -2.69 -2.70
CA GLY A 235 21.93 -1.29 -2.92
C GLY A 235 21.95 -0.45 -1.66
N TYR A 236 21.56 -1.00 -0.52
CA TYR A 236 21.64 -0.32 0.76
C TYR A 236 22.27 -1.26 1.79
N PRO A 237 23.10 -0.73 2.68
CA PRO A 237 23.74 -1.58 3.69
C PRO A 237 22.71 -2.22 4.59
N PRO A 238 22.91 -3.49 4.96
CA PRO A 238 22.01 -4.09 5.96
C PRO A 238 22.05 -3.37 7.30
N PHE A 239 23.20 -2.83 7.67
CA PHE A 239 23.36 -2.05 8.89
C PHE A 239 23.64 -0.60 8.50
N PHE A 240 22.78 0.31 8.94
CA PHE A 240 22.94 1.73 8.64
C PHE A 240 22.33 2.54 9.77
N ALA A 241 23.02 3.63 10.14
CA ALA A 241 22.54 4.52 11.18
C ALA A 241 23.16 5.89 10.98
N ASP A 242 22.50 6.91 11.54
CA ASP A 242 22.99 8.27 11.40
C ASP A 242 24.34 8.45 12.07
N GLN A 243 24.52 7.89 13.26
CA GLN A 243 25.77 8.02 13.97
C GLN A 243 26.49 6.69 14.03
N PRO A 244 27.83 6.69 14.03
CA PRO A 244 28.56 5.43 14.14
C PRO A 244 28.28 4.69 15.43
N ILE A 245 28.02 5.40 16.52
CA ILE A 245 27.70 4.73 17.78
C ILE A 245 26.39 3.96 17.64
N GLN A 246 25.38 4.57 17.00
CA GLN A 246 24.16 3.85 16.70
C GLN A 246 24.40 2.76 15.66
N ILE A 247 25.32 2.99 14.72
CA ILE A 247 25.66 1.96 13.74
C ILE A 247 26.38 0.82 14.43
N TYR A 248 27.28 1.11 15.37
CA TYR A 248 27.95 0.06 16.11
C TYR A 248 26.95 -0.73 16.96
N GLU A 249 25.98 -0.04 17.57
CA GLU A 249 24.96 -0.74 18.34
C GLU A 249 24.09 -1.63 17.46
N LYS A 250 23.72 -1.14 16.27
CA LYS A 250 22.92 -1.95 15.36
C LYS A 250 23.70 -3.17 14.88
N ILE A 251 25.00 -3.01 14.61
CA ILE A 251 25.81 -4.15 14.21
C ILE A 251 25.94 -5.14 15.36
N VAL A 252 26.05 -4.63 16.59
CA VAL A 252 26.14 -5.51 17.75
C VAL A 252 24.85 -6.29 17.92
N SER A 253 23.71 -5.67 17.62
CA SER A 253 22.44 -6.39 17.67
C SER A 253 22.40 -7.52 16.66
N GLY A 254 23.00 -7.33 15.50
CA GLY A 254 23.06 -8.38 14.49
C GLY A 254 21.72 -8.77 13.90
N LYS A 255 20.82 -7.81 13.71
CA LYS A 255 19.51 -8.07 13.12
C LYS A 255 19.27 -7.09 11.99
N VAL A 256 18.77 -7.60 10.87
CA VAL A 256 18.44 -6.77 9.71
C VAL A 256 17.36 -7.47 8.91
N ARG A 257 16.53 -6.68 8.23
CA ARG A 257 15.40 -7.19 7.46
C ARG A 257 15.81 -7.43 6.01
N PHE A 258 15.53 -8.63 5.52
CA PHE A 258 15.87 -8.96 4.14
C PHE A 258 14.96 -8.22 3.15
N PRO A 259 15.48 -7.93 1.96
CA PRO A 259 14.65 -7.25 0.95
C PRO A 259 13.53 -8.14 0.44
N SER A 260 12.51 -7.48 -0.13
CA SER A 260 11.38 -8.22 -0.69
C SER A 260 11.81 -9.09 -1.87
N HIS A 261 12.77 -8.63 -2.68
CA HIS A 261 13.24 -9.40 -3.81
C HIS A 261 14.18 -10.53 -3.41
N PHE A 262 14.59 -10.58 -2.15
CA PHE A 262 15.58 -11.57 -1.71
C PHE A 262 15.03 -12.99 -1.87
N SER A 263 15.81 -13.85 -2.51
CA SER A 263 15.42 -15.24 -2.66
C SER A 263 15.64 -16.01 -1.37
N SER A 264 14.81 -17.04 -1.16
CA SER A 264 14.93 -17.85 0.04
C SER A 264 16.26 -18.57 0.10
N ASP A 265 16.73 -19.11 -1.03
CA ASP A 265 18.00 -19.82 -1.03
C ASP A 265 19.16 -18.89 -0.71
N LEU A 266 19.16 -17.69 -1.25
CA LEU A 266 20.24 -16.75 -0.96
C LEU A 266 20.11 -16.16 0.44
N LYS A 267 18.89 -15.82 0.86
CA LYS A 267 18.71 -15.18 2.16
C LYS A 267 18.97 -16.15 3.31
N ASP A 268 18.63 -17.43 3.13
CA ASP A 268 18.88 -18.40 4.19
C ASP A 268 20.38 -18.59 4.40
N LEU A 269 21.16 -18.64 3.31
CA LEU A 269 22.60 -18.72 3.44
C LEU A 269 23.18 -17.41 3.98
N LEU A 270 22.56 -16.28 3.64
CA LEU A 270 22.99 -15.02 4.24
C LEU A 270 22.72 -14.99 5.73
N ARG A 271 21.70 -15.71 6.20
CA ARG A 271 21.47 -15.82 7.63
C ARG A 271 22.60 -16.55 8.33
N ASN A 272 23.12 -17.61 7.71
CA ASN A 272 24.28 -18.29 8.27
C ASN A 272 25.54 -17.45 8.15
N LEU A 273 25.64 -16.64 7.09
CA LEU A 273 26.80 -15.78 6.93
C LEU A 273 26.80 -14.64 7.93
N LEU A 274 25.63 -14.09 8.26
CA LEU A 274 25.48 -12.99 9.19
C LEU A 274 25.13 -13.45 10.60
N GLN A 275 25.23 -14.74 10.87
CA GLN A 275 24.95 -15.25 12.21
C GLN A 275 25.86 -14.58 13.23
N VAL A 276 25.26 -14.07 14.31
CA VAL A 276 26.03 -13.37 15.32
C VAL A 276 27.07 -14.28 15.94
N ASP A 277 26.79 -15.57 16.00
CA ASP A 277 27.75 -16.54 16.55
C ASP A 277 28.94 -16.66 15.59
N LEU A 278 30.11 -16.20 16.05
CA LEU A 278 31.31 -16.31 15.24
C LEU A 278 31.72 -17.76 15.05
N THR A 279 31.52 -18.60 16.08
CA THR A 279 31.83 -20.01 15.94
C THR A 279 30.91 -20.68 14.93
N LYS A 280 29.65 -20.27 14.86
CA LYS A 280 28.69 -20.81 13.92
C LYS A 280 28.69 -20.09 12.59
N ARG A 281 29.60 -19.12 12.40
CA ARG A 281 29.67 -18.41 11.14
C ARG A 281 29.97 -19.37 10.01
N PHE A 282 29.27 -19.21 8.89
CA PHE A 282 29.52 -20.02 7.71
C PHE A 282 30.94 -19.81 7.22
N GLY A 283 31.62 -20.91 6.90
CA GLY A 283 33.02 -20.85 6.49
C GLY A 283 34.02 -20.91 7.61
N ASN A 284 33.59 -21.24 8.83
CA ASN A 284 34.48 -21.39 9.96
C ASN A 284 34.22 -22.63 10.81
N LEU A 285 33.14 -23.35 10.56
CA LEU A 285 32.78 -24.49 11.41
C LEU A 285 33.78 -25.62 11.28
N LYS A 286 33.71 -26.38 10.18
CA LYS A 286 34.56 -27.57 10.06
C LYS A 286 35.31 -27.68 8.74
N ASN A 287 34.68 -27.29 7.63
CA ASN A 287 35.17 -27.65 6.30
C ASN A 287 35.87 -26.50 5.58
N GLY A 288 35.97 -25.33 6.19
CA GLY A 288 36.64 -24.21 5.55
C GLY A 288 35.78 -23.49 4.53
N VAL A 289 35.68 -24.04 3.32
CA VAL A 289 34.88 -23.42 2.27
C VAL A 289 33.97 -24.44 1.60
N ASN A 290 34.08 -25.72 2.00
CA ASN A 290 33.31 -26.77 1.34
C ASN A 290 31.81 -26.58 1.55
N ASP A 291 31.39 -26.19 2.75
CA ASP A 291 29.97 -25.94 2.99
C ASP A 291 29.48 -24.77 2.15
N ILE A 292 30.32 -23.76 1.96
CA ILE A 292 29.95 -22.66 1.08
C ILE A 292 29.92 -23.12 -0.38
N LYS A 293 30.85 -24.00 -0.76
CA LYS A 293 30.91 -24.43 -2.16
C LYS A 293 29.67 -25.22 -2.54
N ASN A 294 29.15 -26.03 -1.63
CA ASN A 294 27.97 -26.85 -1.90
C ASN A 294 26.67 -26.06 -1.80
N HIS A 295 26.71 -24.80 -1.38
CA HIS A 295 25.50 -24.02 -1.19
C HIS A 295 24.77 -23.83 -2.52
N LYS A 296 23.43 -23.84 -2.45
CA LYS A 296 22.61 -23.69 -3.64
C LYS A 296 22.75 -22.33 -4.29
N TRP A 297 23.16 -21.31 -3.53
CA TRP A 297 23.42 -20.01 -4.15
C TRP A 297 24.59 -20.11 -5.12
N PHE A 298 25.48 -21.09 -4.92
CA PHE A 298 26.54 -21.41 -5.86
C PHE A 298 26.24 -22.68 -6.65
N ALA A 299 24.96 -22.97 -6.87
CA ALA A 299 24.58 -24.19 -7.58
C ALA A 299 25.21 -24.24 -8.96
N THR A 300 25.26 -23.11 -9.65
CA THR A 300 26.05 -22.98 -10.86
C THR A 300 27.07 -21.88 -10.65
N THR A 301 28.17 -22.24 -10.00
CA THR A 301 29.33 -21.37 -9.80
C THR A 301 30.55 -22.26 -9.89
N ASP A 302 31.09 -22.40 -11.09
CA ASP A 302 32.21 -23.31 -11.34
C ASP A 302 33.46 -22.72 -10.70
N TRP A 303 33.81 -23.21 -9.52
CA TRP A 303 35.01 -22.73 -8.85
C TRP A 303 36.25 -23.04 -9.67
N ILE A 304 36.36 -24.26 -10.16
CA ILE A 304 37.57 -24.65 -10.90
C ILE A 304 37.60 -24.00 -12.27
N ALA A 305 36.47 -23.94 -12.97
CA ALA A 305 36.47 -23.35 -14.30
C ALA A 305 36.71 -21.86 -14.26
N ILE A 306 36.37 -21.21 -13.14
CA ILE A 306 36.68 -19.80 -12.98
C ILE A 306 38.16 -19.54 -12.85
N TYR A 307 38.96 -20.59 -12.61
CA TYR A 307 40.41 -20.41 -12.57
C TYR A 307 40.95 -19.92 -13.90
N GLN A 308 40.27 -20.25 -14.99
CA GLN A 308 40.55 -19.64 -16.29
C GLN A 308 39.69 -18.41 -16.55
N ARG A 309 38.63 -18.20 -15.76
CA ARG A 309 37.73 -17.05 -15.92
C ARG A 309 37.13 -17.02 -17.32
N LYS A 310 36.64 -18.17 -17.78
CA LYS A 310 36.06 -18.29 -19.11
C LYS A 310 34.56 -18.05 -19.13
N VAL A 311 33.95 -17.75 -17.99
CA VAL A 311 32.49 -17.59 -17.93
C VAL A 311 32.10 -16.26 -18.57
N GLU A 312 30.97 -16.26 -19.26
CA GLU A 312 30.43 -15.02 -19.83
C GLU A 312 30.06 -14.05 -18.72
N ALA A 313 30.69 -12.89 -18.71
CA ALA A 313 30.52 -11.93 -17.64
C ALA A 313 29.12 -11.32 -17.67
N PRO A 314 28.61 -10.90 -16.51
CA PRO A 314 27.33 -10.17 -16.50
C PRO A 314 27.38 -8.85 -17.24
N PHE A 315 28.53 -8.17 -17.23
CA PHE A 315 28.66 -6.88 -17.90
C PHE A 315 30.13 -6.60 -18.13
N ILE A 316 30.42 -5.92 -19.23
CA ILE A 316 31.80 -5.61 -19.58
C ILE A 316 31.98 -4.09 -19.58
N PRO A 317 33.10 -3.59 -19.07
CA PRO A 317 33.35 -2.14 -19.12
C PRO A 317 33.52 -1.66 -20.55
N LYS A 318 33.08 -0.43 -20.80
CA LYS A 318 33.20 0.20 -22.12
C LYS A 318 34.60 0.80 -22.27
N PHE A 319 35.57 -0.09 -22.41
CA PHE A 319 36.95 0.32 -22.58
C PHE A 319 37.16 0.98 -23.94
N LYS A 320 37.89 2.10 -23.95
CA LYS A 320 38.19 2.82 -25.17
C LYS A 320 39.66 3.22 -25.19
N GLY A 321 40.53 2.32 -24.74
CA GLY A 321 41.95 2.59 -24.66
C GLY A 321 42.42 2.84 -23.25
N PRO A 322 43.65 2.44 -22.94
CA PRO A 322 44.16 2.60 -21.58
C PRO A 322 44.33 4.05 -21.15
N GLY A 323 44.59 4.96 -22.09
CA GLY A 323 44.77 6.36 -21.75
C GLY A 323 43.50 7.11 -21.47
N ASP A 324 42.35 6.56 -21.84
CA ASP A 324 41.07 7.18 -21.53
C ASP A 324 40.74 6.97 -20.06
N THR A 325 40.36 8.04 -19.38
CA THR A 325 39.94 7.98 -17.98
C THR A 325 38.42 8.07 -17.82
N SER A 326 37.68 7.55 -18.80
CA SER A 326 36.23 7.67 -18.78
C SER A 326 35.64 6.92 -17.59
N ASN A 327 36.09 5.69 -17.34
CA ASN A 327 35.62 4.97 -16.16
C ASN A 327 36.06 5.66 -14.88
N PHE A 328 37.27 6.20 -14.86
CA PHE A 328 37.76 6.89 -13.69
C PHE A 328 37.07 8.24 -13.53
N ASP A 329 37.17 8.79 -12.33
CA ASP A 329 36.62 10.12 -12.06
C ASP A 329 37.57 11.20 -12.59
N ASP A 330 36.98 12.32 -12.99
CA ASP A 330 37.73 13.48 -13.47
C ASP A 330 37.79 14.50 -12.33
N TYR A 331 38.86 14.42 -11.54
CA TYR A 331 39.05 15.30 -10.39
C TYR A 331 40.49 15.79 -10.38
N GLU A 332 40.84 16.58 -9.37
CA GLU A 332 42.18 17.12 -9.24
C GLU A 332 42.61 17.19 -7.79
N ASN A 341 64.14 15.69 3.29
CA ASN A 341 64.29 14.85 4.47
C ASN A 341 63.04 14.01 4.70
N GLU A 342 63.19 12.69 4.58
CA GLU A 342 62.06 11.79 4.80
C GLU A 342 61.69 11.76 6.27
N LYS A 343 60.39 11.66 6.55
CA LYS A 343 59.89 11.59 7.91
C LYS A 343 60.16 10.20 8.46
N CYS A 344 61.14 10.10 9.36
CA CYS A 344 61.53 8.83 9.98
C CYS A 344 61.94 7.80 8.94
N GLY A 345 63.01 8.13 8.22
CA GLY A 345 63.55 7.23 7.21
C GLY A 345 64.06 5.92 7.77
N LYS A 346 64.39 5.90 9.06
CA LYS A 346 64.84 4.65 9.69
C LYS A 346 63.72 3.61 9.72
N GLU A 347 62.48 4.05 9.89
CA GLU A 347 61.36 3.11 9.88
C GLU A 347 61.17 2.50 8.49
N PHE A 348 61.33 3.30 7.44
CA PHE A 348 61.17 2.83 6.07
C PHE A 348 62.53 2.39 5.52
N SER A 349 63.00 1.27 6.03
CA SER A 349 64.30 0.72 5.66
C SER A 349 64.20 -0.42 4.66
N GLU A 350 62.99 -0.83 4.26
CA GLU A 350 62.81 -1.94 3.34
C GLU A 350 61.77 -1.60 2.28
N PHE A 351 61.77 -0.36 1.82
CA PHE A 351 60.83 0.07 0.78
C PHE A 351 61.54 0.39 -0.53
N ARG B 3 -36.64 10.53 25.54
CA ARG B 3 -36.06 11.17 24.36
C ARG B 3 -35.93 10.17 23.21
N SER B 4 -35.70 8.91 23.56
CA SER B 4 -35.54 7.84 22.60
C SER B 4 -36.81 6.99 22.52
N PRO B 5 -37.20 6.56 21.32
CA PRO B 5 -38.42 5.74 21.23
C PRO B 5 -38.26 4.36 21.84
N LEU B 6 -37.09 3.73 21.66
CA LEU B 6 -36.89 2.40 22.22
C LEU B 6 -36.92 2.43 23.75
N GLU B 7 -36.65 3.57 24.37
CA GLU B 7 -36.82 3.68 25.80
C GLU B 7 -38.29 3.60 26.20
N LYS B 8 -39.18 4.05 25.31
CA LYS B 8 -40.62 3.96 25.56
C LYS B 8 -41.16 2.68 24.90
N ALA B 9 -40.74 1.55 25.46
CA ALA B 9 -41.07 0.25 24.90
C ALA B 9 -41.54 -0.69 26.01
N SER B 10 -42.59 -1.43 25.72
CA SER B 10 -43.06 -2.45 26.64
C SER B 10 -42.20 -3.71 26.54
N VAL B 11 -42.36 -4.59 27.52
CA VAL B 11 -41.66 -5.86 27.49
C VAL B 11 -42.08 -6.68 26.27
N VAL B 12 -43.38 -6.74 26.00
CA VAL B 12 -43.85 -7.47 24.83
C VAL B 12 -43.40 -6.77 23.56
N SER B 13 -43.42 -5.44 23.56
CA SER B 13 -42.93 -4.69 22.41
C SER B 13 -41.44 -4.95 22.21
N LYS B 14 -40.67 -5.00 23.30
CA LYS B 14 -39.25 -5.28 23.19
C LYS B 14 -39.01 -6.67 22.62
N LEU B 15 -39.78 -7.66 23.08
CA LEU B 15 -39.62 -9.01 22.57
C LEU B 15 -39.96 -9.08 21.09
N PHE B 16 -41.04 -8.40 20.68
CA PHE B 16 -41.36 -8.35 19.28
C PHE B 16 -40.39 -7.48 18.50
N PHE B 17 -39.62 -6.64 19.19
CA PHE B 17 -38.69 -5.70 18.56
C PHE B 17 -39.41 -4.79 17.58
N SER B 18 -40.66 -4.47 17.85
CA SER B 18 -41.48 -3.65 16.97
C SER B 18 -41.08 -2.18 16.99
N TRP B 19 -39.91 -1.85 17.55
CA TRP B 19 -39.50 -0.46 17.66
C TRP B 19 -39.46 0.20 16.29
N THR B 20 -39.08 -0.54 15.26
CA THR B 20 -38.95 0.03 13.92
C THR B 20 -40.25 -0.03 13.12
N ARG B 21 -41.35 -0.42 13.74
CA ARG B 21 -42.59 -0.58 12.99
C ARG B 21 -43.01 0.71 12.30
N PRO B 22 -43.08 1.85 12.99
CA PRO B 22 -43.29 3.10 12.26
C PRO B 22 -42.12 3.46 11.36
N ILE B 23 -40.90 3.08 11.75
CA ILE B 23 -39.76 3.33 10.89
C ILE B 23 -39.91 2.57 9.57
N LEU B 24 -40.34 1.32 9.65
CA LEU B 24 -40.61 0.57 8.43
C LEU B 24 -41.79 1.16 7.68
N ARG B 25 -42.79 1.67 8.39
CA ARG B 25 -43.95 2.26 7.73
C ARG B 25 -43.54 3.46 6.89
N LYS B 26 -42.64 4.29 7.43
CA LYS B 26 -42.14 5.43 6.67
C LYS B 26 -41.24 4.98 5.53
N GLY B 27 -40.37 4.01 5.78
CA GLY B 27 -39.39 3.63 4.79
C GLY B 27 -39.98 2.97 3.56
N TYR B 28 -40.91 2.04 3.74
CA TYR B 28 -41.54 1.41 2.60
C TYR B 28 -42.43 2.40 1.85
N ARG B 29 -42.81 3.48 2.51
CA ARG B 29 -43.62 4.51 1.85
C ARG B 29 -42.75 5.47 1.05
N GLN B 30 -41.78 6.11 1.70
CA GLN B 30 -41.07 7.23 1.11
C GLN B 30 -39.57 7.03 1.20
N ARG B 31 -38.84 7.89 0.49
CA ARG B 31 -37.38 7.80 0.46
C ARG B 31 -36.79 8.06 1.84
N LEU B 32 -35.60 7.53 2.06
CA LEU B 32 -34.93 7.68 3.35
C LEU B 32 -34.50 9.12 3.57
N GLU B 33 -34.67 9.60 4.81
CA GLU B 33 -34.19 10.90 5.25
C GLU B 33 -33.24 10.70 6.41
N LEU B 34 -32.01 11.22 6.28
CA LEU B 34 -30.99 10.97 7.29
C LEU B 34 -31.39 11.54 8.64
N SER B 35 -31.97 12.73 8.65
CA SER B 35 -32.34 13.34 9.92
C SER B 35 -33.46 12.60 10.62
N ASP B 36 -34.24 11.80 9.89
CA ASP B 36 -35.39 11.12 10.48
C ASP B 36 -35.00 9.99 11.43
N ILE B 37 -33.70 9.72 11.59
CA ILE B 37 -33.28 8.61 12.44
C ILE B 37 -33.69 8.84 13.89
N TYR B 38 -34.11 7.78 14.56
CA TYR B 38 -34.48 7.87 15.97
C TYR B 38 -33.27 8.21 16.83
N GLN B 39 -33.54 8.89 17.95
CA GLN B 39 -32.47 9.35 18.84
C GLN B 39 -31.69 8.18 19.41
N ILE B 40 -30.38 8.40 19.59
CA ILE B 40 -29.49 7.33 20.06
C ILE B 40 -29.89 6.90 21.46
N PRO B 41 -29.68 5.64 21.84
CA PRO B 41 -30.02 5.22 23.20
C PRO B 41 -29.16 5.92 24.25
N SER B 42 -29.78 6.16 25.41
CA SER B 42 -29.06 6.84 26.50
C SER B 42 -27.88 6.01 27.00
N VAL B 43 -28.08 4.71 27.17
CA VAL B 43 -26.98 3.85 27.61
C VAL B 43 -25.94 3.72 26.52
N ASP B 44 -26.28 4.08 25.28
CA ASP B 44 -25.37 3.97 24.15
C ASP B 44 -24.46 5.19 24.01
N SER B 45 -24.53 6.14 24.92
CA SER B 45 -23.69 7.33 24.83
C SER B 45 -22.22 6.95 24.84
N ALA B 46 -21.48 7.43 23.85
CA ALA B 46 -20.05 7.15 23.78
C ALA B 46 -19.34 7.74 25.00
N ASP B 47 -19.73 8.95 25.39
CA ASP B 47 -19.13 9.55 26.58
C ASP B 47 -19.43 8.71 27.82
N ASN B 48 -20.61 8.12 27.90
CA ASN B 48 -20.94 7.32 29.07
C ASN B 48 -20.17 6.00 29.09
N LEU B 49 -20.16 5.28 27.98
CA LEU B 49 -19.54 3.96 27.97
C LEU B 49 -18.03 4.06 28.08
N SER B 50 -17.44 5.01 27.37
CA SER B 50 -15.99 5.19 27.45
C SER B 50 -15.54 5.56 28.85
N GLU B 51 -16.42 6.18 29.64
CA GLU B 51 -16.06 6.49 31.02
C GLU B 51 -15.77 5.22 31.81
N LYS B 52 -16.70 4.27 31.76
CA LYS B 52 -16.49 3.01 32.47
C LYS B 52 -15.31 2.24 31.88
N LEU B 53 -15.19 2.25 30.57
CA LEU B 53 -14.09 1.54 29.94
C LEU B 53 -12.75 2.09 30.43
N GLU B 54 -12.62 3.41 30.45
CA GLU B 54 -11.37 4.03 30.88
C GLU B 54 -11.11 3.81 32.36
N ARG B 55 -12.15 3.87 33.19
CA ARG B 55 -11.95 3.64 34.61
C ARG B 55 -11.42 2.24 34.84
N GLU B 56 -12.01 1.25 34.19
CA GLU B 56 -11.53 -0.11 34.32
C GLU B 56 -10.11 -0.24 33.80
N TRP B 57 -9.83 0.38 32.66
CA TRP B 57 -8.50 0.26 32.05
C TRP B 57 -7.44 0.84 32.96
N ASP B 58 -7.73 1.99 33.57
CA ASP B 58 -6.79 2.60 34.51
C ASP B 58 -6.62 1.76 35.76
N ARG B 59 -7.72 1.24 36.29
CA ARG B 59 -7.62 0.42 37.50
C ARG B 59 -6.74 -0.78 37.25
N GLU B 60 -6.93 -1.43 36.10
CA GLU B 60 -6.10 -2.58 35.75
C GLU B 60 -4.65 -2.16 35.51
N LEU B 61 -4.44 -1.06 34.76
CA LEU B 61 -3.08 -0.64 34.46
C LEU B 61 -2.31 -0.33 35.72
N ALA B 62 -3.00 0.12 36.76
CA ALA B 62 -2.35 0.31 38.04
C ALA B 62 -2.24 -0.98 38.84
N SER B 63 -3.13 -1.94 38.58
CA SER B 63 -3.28 -3.07 39.50
C SER B 63 -2.07 -4.00 39.47
N LYS B 64 -1.69 -4.51 38.30
CA LYS B 64 -0.73 -5.59 38.23
C LYS B 64 0.25 -5.37 37.09
N LYS B 65 1.34 -6.13 37.12
CA LYS B 65 2.43 -6.00 36.16
C LYS B 65 2.13 -6.67 34.81
N ASN B 66 0.86 -6.93 34.51
CA ASN B 66 0.47 -7.52 33.23
C ASN B 66 -0.67 -6.70 32.66
N PRO B 67 -0.50 -6.06 31.51
CA PRO B 67 -1.58 -5.26 30.92
C PRO B 67 -2.63 -6.13 30.22
N LYS B 68 -3.30 -6.97 31.01
CA LYS B 68 -4.32 -7.88 30.47
C LYS B 68 -5.59 -7.08 30.26
N LEU B 69 -5.70 -6.45 29.08
CA LEU B 69 -6.89 -5.69 28.76
C LEU B 69 -8.13 -6.58 28.75
N ILE B 70 -7.99 -7.83 28.33
CA ILE B 70 -9.12 -8.74 28.33
C ILE B 70 -9.58 -9.01 29.76
N ASN B 71 -8.65 -9.14 30.69
CA ASN B 71 -9.02 -9.35 32.08
C ASN B 71 -9.74 -8.14 32.66
N ALA B 72 -9.53 -6.96 32.10
CA ALA B 72 -10.31 -5.81 32.54
C ALA B 72 -11.68 -5.79 31.89
N LEU B 73 -11.75 -5.99 30.57
CA LEU B 73 -13.02 -5.95 29.88
C LEU B 73 -13.96 -7.08 30.31
N ARG B 74 -13.41 -8.16 30.85
CA ARG B 74 -14.26 -9.18 31.43
C ARG B 74 -15.07 -8.62 32.57
N ARG B 75 -14.45 -7.81 33.43
CA ARG B 75 -15.17 -7.15 34.50
C ARG B 75 -16.21 -6.18 33.96
N CYS B 76 -16.12 -5.78 32.70
CA CYS B 76 -17.09 -4.88 32.12
C CYS B 76 -18.24 -5.60 31.44
N PHE B 77 -18.02 -6.81 30.95
CA PHE B 77 -19.04 -7.43 30.10
C PHE B 77 -19.43 -8.86 30.45
N PHE B 78 -18.68 -9.59 31.28
CA PHE B 78 -18.87 -11.03 31.40
C PHE B 78 -20.24 -11.39 31.97
N TRP B 79 -20.78 -10.57 32.88
CA TRP B 79 -22.08 -10.88 33.45
C TRP B 79 -23.15 -10.91 32.37
N ARG B 80 -23.17 -9.87 31.51
CA ARG B 80 -24.14 -9.86 30.43
C ARG B 80 -23.85 -10.94 29.40
N PHE B 81 -22.57 -11.23 29.16
CA PHE B 81 -22.22 -12.28 28.21
C PHE B 81 -22.78 -13.62 28.65
N MET B 82 -22.60 -13.95 29.93
CA MET B 82 -23.15 -15.19 30.46
C MET B 82 -24.67 -15.16 30.51
N PHE B 83 -25.26 -14.00 30.78
CA PHE B 83 -26.71 -13.90 30.81
C PHE B 83 -27.30 -14.24 29.46
N TYR B 84 -26.73 -13.71 28.39
CA TYR B 84 -27.20 -14.06 27.04
C TYR B 84 -26.87 -15.51 26.72
N GLY B 85 -25.67 -15.97 27.10
CA GLY B 85 -25.26 -17.31 26.75
C GLY B 85 -26.10 -18.39 27.40
N ILE B 86 -26.66 -18.10 28.59
CA ILE B 86 -27.49 -19.10 29.26
C ILE B 86 -28.70 -19.44 28.40
N PHE B 87 -29.43 -18.41 27.97
CA PHE B 87 -30.57 -18.65 27.11
C PHE B 87 -30.13 -19.21 25.76
N LEU B 88 -28.97 -18.79 25.26
CA LEU B 88 -28.51 -19.31 23.99
C LEU B 88 -28.28 -20.81 24.05
N TYR B 89 -27.59 -21.27 25.10
CA TYR B 89 -27.32 -22.70 25.26
C TYR B 89 -28.60 -23.45 25.54
N LEU B 90 -29.53 -22.86 26.29
CA LEU B 90 -30.81 -23.51 26.51
C LEU B 90 -31.55 -23.72 25.20
N GLY B 91 -31.57 -22.69 24.34
CA GLY B 91 -32.24 -22.83 23.06
C GLY B 91 -31.56 -23.83 22.17
N GLU B 92 -30.22 -23.88 22.20
CA GLU B 92 -29.49 -24.88 21.44
C GLU B 92 -29.86 -26.28 21.90
N VAL B 93 -29.93 -26.47 23.21
CA VAL B 93 -30.30 -27.76 23.76
C VAL B 93 -31.71 -28.13 23.33
N THR B 94 -32.62 -27.16 23.35
CA THR B 94 -34.00 -27.43 22.97
C THR B 94 -34.09 -27.85 21.51
N LYS B 95 -33.41 -27.11 20.63
CA LYS B 95 -33.44 -27.46 19.22
C LYS B 95 -32.82 -28.83 18.98
N ALA B 96 -31.75 -29.15 19.70
CA ALA B 96 -31.13 -30.46 19.55
C ALA B 96 -32.06 -31.57 20.01
N VAL B 97 -32.73 -31.38 21.15
CA VAL B 97 -33.55 -32.44 21.70
C VAL B 97 -34.88 -32.58 20.98
N GLN B 98 -35.32 -31.56 20.26
CA GLN B 98 -36.62 -31.61 19.62
C GLN B 98 -36.81 -32.83 18.73
N PRO B 99 -35.82 -33.28 17.96
CA PRO B 99 -36.03 -34.49 17.15
C PRO B 99 -36.34 -35.72 17.98
N LEU B 100 -35.80 -35.81 19.20
CA LEU B 100 -36.10 -36.98 20.01
C LEU B 100 -37.59 -37.05 20.34
N LEU B 101 -38.24 -35.90 20.46
CA LEU B 101 -39.69 -35.91 20.68
C LEU B 101 -40.40 -36.55 19.49
N LEU B 102 -39.86 -36.39 18.30
CA LEU B 102 -40.42 -37.09 17.15
C LEU B 102 -40.27 -38.60 17.27
N GLY B 103 -39.42 -39.06 18.17
CA GLY B 103 -39.24 -40.48 18.41
C GLY B 103 -40.41 -41.16 19.07
N ARG B 104 -41.55 -40.49 19.17
CA ARG B 104 -42.76 -41.07 19.72
C ARG B 104 -43.88 -41.19 18.71
N ILE B 105 -44.07 -40.20 17.84
CA ILE B 105 -45.21 -40.21 16.93
C ILE B 105 -45.12 -41.35 15.93
N ILE B 106 -43.95 -41.95 15.76
CA ILE B 106 -43.77 -42.98 14.75
C ILE B 106 -44.62 -44.21 15.02
N ALA B 107 -45.01 -44.44 16.28
CA ALA B 107 -45.76 -45.64 16.60
C ALA B 107 -47.06 -45.74 15.81
N SER B 108 -47.72 -44.61 15.57
CA SER B 108 -48.94 -44.61 14.79
C SER B 108 -48.64 -44.91 13.33
N SER B 118 -54.13 -40.79 18.17
CA SER B 118 -54.80 -40.67 19.46
C SER B 118 -54.03 -39.71 20.37
N ILE B 119 -53.00 -40.25 21.03
CA ILE B 119 -52.20 -39.43 21.94
C ILE B 119 -51.28 -38.46 21.22
N ALA B 120 -50.96 -38.75 19.95
CA ALA B 120 -50.00 -37.93 19.22
C ALA B 120 -50.48 -36.51 18.97
N ILE B 121 -51.77 -36.22 19.18
CA ILE B 121 -52.25 -34.86 18.98
C ILE B 121 -51.60 -33.92 19.98
N TYR B 122 -51.52 -34.34 21.24
CA TYR B 122 -50.81 -33.54 22.23
C TYR B 122 -49.34 -33.42 21.89
N LEU B 123 -48.75 -34.49 21.36
CA LEU B 123 -47.37 -34.43 20.93
C LEU B 123 -47.18 -33.40 19.83
N GLY B 124 -48.12 -33.32 18.89
CA GLY B 124 -48.02 -32.34 17.83
C GLY B 124 -48.18 -30.92 18.34
N ILE B 125 -49.11 -30.70 19.26
CA ILE B 125 -49.26 -29.38 19.85
C ILE B 125 -47.98 -28.98 20.58
N GLY B 126 -47.38 -29.91 21.31
CA GLY B 126 -46.15 -29.60 22.01
C GLY B 126 -44.98 -29.34 21.07
N LEU B 127 -44.92 -30.11 19.99
CA LEU B 127 -43.86 -29.89 19.00
C LEU B 127 -44.03 -28.54 18.33
N CYS B 128 -45.28 -28.13 18.09
CA CYS B 128 -45.52 -26.79 17.55
C CYS B 128 -45.09 -25.73 18.55
N LEU B 129 -45.41 -25.92 19.83
CA LEU B 129 -45.03 -24.93 20.83
C LEU B 129 -43.52 -24.87 20.99
N LEU B 130 -42.84 -25.98 20.70
CA LEU B 130 -41.39 -25.99 20.79
C LEU B 130 -40.77 -25.00 19.81
N PHE B 131 -41.37 -24.82 18.63
CA PHE B 131 -40.86 -23.84 17.69
C PHE B 131 -40.97 -22.44 18.26
N ILE B 132 -42.10 -22.12 18.88
CA ILE B 132 -42.27 -20.80 19.48
C ILE B 132 -41.23 -20.57 20.57
N VAL B 133 -41.04 -21.59 21.41
CA VAL B 133 -40.10 -21.45 22.53
C VAL B 133 -38.68 -21.26 22.02
N ARG B 134 -38.27 -22.06 21.04
CA ARG B 134 -36.92 -21.97 20.51
C ARG B 134 -36.70 -20.64 19.83
N THR B 135 -37.68 -20.16 19.06
CA THR B 135 -37.54 -18.86 18.42
C THR B 135 -37.44 -17.75 19.45
N LEU B 136 -38.23 -17.86 20.53
CA LEU B 136 -38.15 -16.88 21.60
C LEU B 136 -36.77 -16.89 22.24
N LEU B 137 -36.23 -18.08 22.46
CA LEU B 137 -34.91 -18.18 23.07
C LEU B 137 -33.83 -17.64 22.13
N LEU B 138 -34.00 -17.84 20.83
CA LEU B 138 -32.95 -17.52 19.88
C LEU B 138 -32.92 -16.03 19.54
N HIS B 139 -34.06 -15.49 19.14
CA HIS B 139 -34.06 -14.17 18.51
C HIS B 139 -33.50 -13.08 19.41
N PRO B 140 -33.92 -12.96 20.67
CA PRO B 140 -33.40 -11.85 21.49
C PRO B 140 -31.91 -11.95 21.75
N ALA B 141 -31.35 -13.16 21.79
CA ALA B 141 -29.95 -13.31 22.16
C ALA B 141 -29.02 -12.69 21.12
N ILE B 142 -29.36 -12.84 19.83
CA ILE B 142 -28.53 -12.26 18.78
C ILE B 142 -28.44 -10.76 18.95
N PHE B 143 -29.60 -10.10 19.17
CA PHE B 143 -29.61 -8.66 19.35
C PHE B 143 -28.88 -8.25 20.62
N GLY B 144 -29.02 -9.03 21.70
CA GLY B 144 -28.34 -8.66 22.93
C GLY B 144 -26.83 -8.74 22.80
N LEU B 145 -26.33 -9.85 22.25
CA LEU B 145 -24.90 -10.01 22.08
C LEU B 145 -24.34 -9.02 21.09
N HIS B 146 -25.10 -8.70 20.05
CA HIS B 146 -24.64 -7.70 19.08
C HIS B 146 -24.62 -6.31 19.68
N HIS B 147 -25.58 -5.99 20.55
CA HIS B 147 -25.53 -4.72 21.25
C HIS B 147 -24.32 -4.66 22.15
N ILE B 148 -24.00 -5.77 22.83
CA ILE B 148 -22.80 -5.83 23.64
C ILE B 148 -21.57 -5.58 22.77
N GLY B 149 -21.53 -6.19 21.60
CA GLY B 149 -20.42 -6.04 20.68
C GLY B 149 -20.22 -4.61 20.23
N MET B 150 -21.30 -3.97 19.79
CA MET B 150 -21.21 -2.58 19.34
C MET B 150 -20.83 -1.66 20.48
N GLN B 151 -21.34 -1.93 21.68
CA GLN B 151 -20.98 -1.13 22.84
C GLN B 151 -19.49 -1.26 23.13
N MET B 152 -18.97 -2.48 23.07
CA MET B 152 -17.54 -2.67 23.30
C MET B 152 -16.71 -2.00 22.21
N ARG B 153 -17.17 -2.09 20.96
CA ARG B 153 -16.41 -1.52 19.85
C ARG B 153 -16.36 0.00 19.94
N ILE B 154 -17.42 0.63 20.45
CA ILE B 154 -17.39 2.08 20.57
C ILE B 154 -16.25 2.51 21.48
N ALA B 155 -16.13 1.87 22.64
CA ALA B 155 -15.03 2.19 23.53
C ALA B 155 -13.70 1.73 22.97
N MET B 156 -13.72 0.69 22.13
CA MET B 156 -12.48 0.26 21.49
C MET B 156 -11.93 1.37 20.61
N PHE B 157 -12.79 2.04 19.87
CA PHE B 157 -12.36 3.22 19.15
C PHE B 157 -11.96 4.33 20.11
N SER B 158 -12.75 4.52 21.17
CA SER B 158 -12.60 5.69 22.02
C SER B 158 -11.26 5.70 22.77
N LEU B 159 -10.86 4.56 23.31
CA LEU B 159 -9.64 4.51 24.11
C LEU B 159 -8.44 4.90 23.27
N ILE B 160 -8.33 4.32 22.07
CA ILE B 160 -7.22 4.66 21.20
C ILE B 160 -7.33 6.09 20.70
N TYR B 161 -8.55 6.58 20.49
CA TYR B 161 -8.71 7.96 20.03
C TYR B 161 -8.23 8.94 21.08
N LYS B 162 -8.53 8.68 22.35
CA LYS B 162 -7.99 9.48 23.43
C LYS B 162 -6.48 9.36 23.50
N LYS B 163 -5.95 8.14 23.30
CA LYS B 163 -4.52 7.96 23.30
C LYS B 163 -3.86 8.68 22.13
N THR B 164 -4.62 9.01 21.09
CA THR B 164 -4.05 9.68 19.94
C THR B 164 -3.46 11.03 20.32
N LEU B 165 -4.07 11.71 21.27
CA LEU B 165 -3.51 12.96 21.77
C LEU B 165 -2.47 12.73 22.83
N LYS B 166 -2.10 11.48 23.09
CA LYS B 166 -1.14 11.15 24.13
C LYS B 166 0.20 10.64 23.61
N LEU B 167 0.28 10.25 22.34
CA LEU B 167 1.48 9.60 21.84
C LEU B 167 2.68 10.55 21.87
N SER B 168 3.87 9.95 21.91
CA SER B 168 5.11 10.70 21.80
C SER B 168 5.43 10.97 20.33
N SER B 169 5.77 12.21 20.01
CA SER B 169 6.06 12.58 18.63
C SER B 169 7.28 11.85 18.10
N ARG B 170 8.27 11.60 18.97
CA ARG B 170 9.48 10.94 18.52
C ARG B 170 9.17 9.59 17.89
N VAL B 171 8.14 8.91 18.39
CA VAL B 171 7.65 7.70 17.74
C VAL B 171 6.53 8.00 16.77
N LEU B 172 5.95 9.19 16.79
CA LEU B 172 4.88 9.51 15.86
C LEU B 172 5.41 9.56 14.43
N ASP B 173 6.63 10.05 14.23
CA ASP B 173 7.23 10.02 12.91
C ASP B 173 7.60 8.60 12.49
N LYS B 174 7.77 7.69 13.45
CA LYS B 174 8.13 6.32 13.15
C LYS B 174 6.94 5.37 13.09
N ILE B 175 5.88 5.66 13.84
CA ILE B 175 4.69 4.82 13.79
C ILE B 175 4.05 4.95 12.41
N SER B 176 3.79 3.81 11.77
CA SER B 176 3.25 3.81 10.42
C SER B 176 1.87 4.47 10.41
N ILE B 177 1.72 5.50 9.57
CA ILE B 177 0.44 6.19 9.48
C ILE B 177 -0.65 5.24 9.00
N GLY B 178 -0.32 4.35 8.06
CA GLY B 178 -1.30 3.40 7.58
C GLY B 178 -1.56 2.24 8.52
N GLN B 179 -0.65 1.98 9.46
CA GLN B 179 -0.86 0.86 10.37
C GLN B 179 -2.06 1.10 11.27
N LEU B 180 -2.18 2.31 11.83
CA LEU B 180 -3.33 2.63 12.66
C LEU B 180 -4.60 2.63 11.84
N VAL B 181 -4.54 3.13 10.61
CA VAL B 181 -5.73 3.16 9.76
C VAL B 181 -6.21 1.75 9.45
N SER B 182 -5.28 0.85 9.12
CA SER B 182 -5.64 -0.54 8.87
C SER B 182 -6.17 -1.21 10.13
N LEU B 183 -5.60 -0.87 11.29
CA LEU B 183 -6.09 -1.42 12.54
C LEU B 183 -7.53 -1.00 12.80
N LEU B 184 -7.84 0.27 12.55
CA LEU B 184 -9.20 0.75 12.73
C LEU B 184 -10.15 0.12 11.74
N SER B 185 -9.73 0.01 10.48
CA SER B 185 -10.63 -0.48 9.44
C SER B 185 -10.87 -1.98 9.56
N ASN B 186 -9.90 -2.73 10.09
CA ASN B 186 -10.03 -4.18 10.15
C ASN B 186 -11.21 -4.58 11.03
N ASN B 187 -11.34 -3.96 12.20
CA ASN B 187 -12.44 -4.27 13.10
C ASN B 187 -13.63 -3.34 12.90
N LEU B 188 -13.66 -2.59 11.80
CA LEU B 188 -14.78 -1.69 11.55
C LEU B 188 -16.10 -2.44 11.44
N ASN B 189 -16.06 -3.67 10.92
CA ASN B 189 -17.26 -4.51 10.88
C ASN B 189 -17.05 -5.93 11.37
N LYS B 190 -15.82 -6.45 11.36
CA LYS B 190 -15.60 -7.86 11.72
C LYS B 190 -15.87 -8.11 13.20
N PHE B 191 -15.26 -7.32 14.08
CA PHE B 191 -15.30 -7.61 15.50
C PHE B 191 -16.71 -7.53 16.06
N ASP B 192 -17.53 -6.61 15.53
CA ASP B 192 -18.89 -6.47 16.03
C ASP B 192 -19.71 -7.72 15.75
N GLU B 193 -19.71 -8.19 14.51
CA GLU B 193 -20.49 -9.36 14.17
C GLU B 193 -19.88 -10.64 14.71
N GLY B 194 -18.62 -10.60 15.17
CA GLY B 194 -17.94 -11.79 15.60
C GLY B 194 -18.33 -12.31 16.96
N LEU B 195 -19.46 -11.82 17.49
CA LEU B 195 -19.91 -12.25 18.80
C LEU B 195 -20.94 -13.36 18.74
N ALA B 196 -21.60 -13.56 17.60
CA ALA B 196 -22.64 -14.56 17.52
C ALA B 196 -22.10 -15.95 17.80
N LEU B 197 -20.82 -16.19 17.49
CA LEU B 197 -20.23 -17.49 17.70
C LEU B 197 -19.54 -17.60 19.05
N ALA B 198 -19.71 -16.60 19.92
CA ALA B 198 -18.94 -16.55 21.16
C ALA B 198 -19.26 -17.74 22.05
N HIS B 199 -20.50 -17.83 22.51
CA HIS B 199 -20.84 -18.90 23.43
C HIS B 199 -20.87 -20.27 22.75
N PHE B 200 -20.73 -20.31 21.43
CA PHE B 200 -20.80 -21.58 20.72
C PHE B 200 -19.77 -22.57 21.22
N VAL B 201 -18.67 -22.08 21.78
CA VAL B 201 -17.74 -23.00 22.45
C VAL B 201 -18.40 -23.63 23.65
N TRP B 202 -19.09 -22.84 24.46
CA TRP B 202 -19.71 -23.35 25.68
C TRP B 202 -20.90 -24.26 25.37
N ILE B 203 -21.41 -24.24 24.15
CA ILE B 203 -22.60 -24.99 23.79
C ILE B 203 -22.28 -26.22 22.96
N ALA B 204 -21.43 -26.07 21.95
CA ALA B 204 -21.22 -27.10 20.95
C ALA B 204 -20.66 -28.37 21.57
N PRO B 205 -19.69 -28.26 22.49
CA PRO B 205 -19.28 -29.47 23.21
C PRO B 205 -20.41 -30.08 23.99
N LEU B 206 -21.27 -29.27 24.60
CA LEU B 206 -22.43 -29.80 25.27
C LEU B 206 -23.43 -30.37 24.26
N GLN B 207 -23.51 -29.78 23.09
CA GLN B 207 -24.38 -30.33 22.05
C GLN B 207 -23.92 -31.72 21.67
N VAL B 208 -22.61 -31.90 21.52
CA VAL B 208 -22.07 -33.22 21.22
C VAL B 208 -22.32 -34.17 22.38
N ALA B 209 -22.18 -33.69 23.62
CA ALA B 209 -22.40 -34.54 24.77
C ALA B 209 -23.83 -35.07 24.79
N LEU B 210 -24.78 -34.22 24.44
CA LEU B 210 -26.18 -34.64 24.39
C LEU B 210 -26.42 -35.58 23.21
N LEU B 211 -25.86 -35.24 22.05
CA LEU B 211 -26.11 -36.04 20.85
C LEU B 211 -25.53 -37.45 20.98
N MET B 212 -24.34 -37.56 21.56
CA MET B 212 -23.74 -38.87 21.75
C MET B 212 -24.58 -39.72 22.68
N GLY B 213 -25.12 -39.11 23.73
CA GLY B 213 -26.02 -39.84 24.60
C GLY B 213 -27.29 -40.27 23.88
N LEU B 214 -27.82 -39.41 23.01
CA LEU B 214 -28.99 -39.80 22.24
C LEU B 214 -28.69 -40.99 21.34
N ILE B 215 -27.53 -40.98 20.70
CA ILE B 215 -27.16 -42.06 19.80
C ILE B 215 -26.97 -43.36 20.56
N TRP B 216 -26.24 -43.30 21.68
CA TRP B 216 -26.06 -44.50 22.48
C TRP B 216 -27.37 -44.98 23.09
N GLU B 217 -28.31 -44.07 23.30
CA GLU B 217 -29.65 -44.51 23.70
C GLU B 217 -30.31 -45.28 22.58
N LEU B 218 -30.19 -44.79 21.35
CA LEU B 218 -30.76 -45.53 20.23
C LEU B 218 -29.94 -46.77 19.89
N LEU B 219 -28.62 -46.63 19.84
CA LEU B 219 -27.75 -47.73 19.42
C LEU B 219 -27.08 -48.44 20.60
N GLN B 220 -26.33 -47.69 21.42
CA GLN B 220 -25.48 -48.20 22.48
C GLN B 220 -24.34 -49.06 21.96
N ALA B 221 -24.27 -49.30 20.65
CA ALA B 221 -23.20 -50.09 20.06
C ALA B 221 -22.57 -49.47 18.82
N SER B 222 -23.20 -48.48 18.19
CA SER B 222 -22.64 -47.80 17.03
C SER B 222 -22.70 -46.30 17.31
N ALA B 223 -21.66 -45.79 17.96
CA ALA B 223 -21.61 -44.39 18.37
C ALA B 223 -20.53 -43.59 17.67
N PHE B 224 -19.26 -43.98 17.83
CA PHE B 224 -18.16 -43.23 17.26
C PHE B 224 -17.93 -43.52 15.79
N CYS B 225 -18.67 -44.48 15.21
CA CYS B 225 -18.42 -44.88 13.83
C CYS B 225 -18.61 -43.72 12.87
N GLY B 226 -19.71 -42.98 13.00
CA GLY B 226 -19.90 -41.79 12.20
C GLY B 226 -19.16 -40.59 12.74
N LEU B 227 -18.85 -40.57 14.04
CA LEU B 227 -18.08 -39.47 14.59
C LEU B 227 -16.70 -39.40 13.96
N GLY B 228 -16.08 -40.56 13.73
CA GLY B 228 -14.78 -40.57 13.08
C GLY B 228 -14.85 -40.07 11.65
N PHE B 229 -15.88 -40.45 10.92
CA PHE B 229 -16.04 -39.94 9.56
C PHE B 229 -16.25 -38.43 9.57
N LEU B 230 -17.02 -37.93 10.54
CA LEU B 230 -17.21 -36.49 10.65
C LEU B 230 -15.90 -35.78 10.95
N ILE B 231 -15.10 -36.36 11.83
CA ILE B 231 -13.81 -35.76 12.18
C ILE B 231 -12.89 -35.76 10.98
N VAL B 232 -12.89 -36.84 10.21
CA VAL B 232 -12.04 -36.91 9.02
C VAL B 232 -12.48 -35.89 8.00
N LEU B 233 -13.80 -35.70 7.85
CA LEU B 233 -14.30 -34.69 6.93
C LEU B 233 -13.88 -33.29 7.38
N ALA B 234 -13.94 -33.03 8.68
CA ALA B 234 -13.48 -31.75 9.19
C ALA B 234 -11.99 -31.56 8.92
N LEU B 235 -11.21 -32.63 9.08
CA LEU B 235 -9.78 -32.56 8.83
C LEU B 235 -9.49 -32.24 7.36
N PHE B 236 -10.18 -32.92 6.45
CA PHE B 236 -9.99 -32.66 5.02
C PHE B 236 -10.40 -31.23 4.67
N GLN B 237 -11.52 -30.77 5.24
CA GLN B 237 -11.98 -29.41 4.98
C GLN B 237 -10.96 -28.39 5.47
N ALA B 238 -10.41 -28.60 6.66
CA ALA B 238 -9.39 -27.68 7.17
C ALA B 238 -8.13 -27.73 6.32
N GLY B 239 -7.77 -28.91 5.84
CA GLY B 239 -6.59 -29.03 4.99
C GLY B 239 -6.74 -28.31 3.66
N LEU B 240 -7.95 -28.31 3.10
CA LEU B 240 -8.17 -27.61 1.84
C LEU B 240 -7.96 -26.12 1.99
N GLY B 241 -8.14 -25.58 3.20
CA GLY B 241 -7.99 -24.14 3.41
C GLY B 241 -6.58 -23.65 3.21
N ARG B 242 -5.57 -24.45 3.58
CA ARG B 242 -4.19 -24.04 3.39
C ARG B 242 -3.86 -23.90 1.91
N MET B 243 -4.32 -24.85 1.09
CA MET B 243 -4.10 -24.76 -0.34
C MET B 243 -4.87 -23.58 -0.93
N MET B 244 -6.09 -23.33 -0.43
CA MET B 244 -6.84 -22.18 -0.92
C MET B 244 -6.12 -20.87 -0.60
N MET B 245 -5.57 -20.76 0.61
CA MET B 245 -4.84 -19.56 0.99
C MET B 245 -3.58 -19.40 0.16
N LYS B 246 -2.89 -20.52 -0.13
CA LYS B 246 -1.71 -20.45 -0.97
C LYS B 246 -2.06 -19.96 -2.37
N TYR B 247 -3.17 -20.46 -2.92
CA TYR B 247 -3.60 -20.01 -4.24
C TYR B 247 -3.95 -18.53 -4.24
N ARG B 248 -4.66 -18.07 -3.21
CA ARG B 248 -5.01 -16.66 -3.13
C ARG B 248 -3.78 -15.78 -3.01
N ASP B 249 -2.81 -16.20 -2.20
CA ASP B 249 -1.58 -15.45 -2.03
C ASP B 249 -0.79 -15.38 -3.32
N GLN B 250 -0.75 -16.48 -4.08
CA GLN B 250 -0.09 -16.46 -5.37
C GLN B 250 -0.80 -15.51 -6.34
N ARG B 251 -2.13 -15.51 -6.32
CA ARG B 251 -2.88 -14.66 -7.24
C ARG B 251 -2.73 -13.18 -6.92
N ALA B 252 -2.55 -12.85 -5.63
CA ALA B 252 -2.57 -11.46 -5.20
C ALA B 252 -1.47 -10.65 -5.84
N GLY B 253 -0.26 -11.21 -5.96
CA GLY B 253 0.85 -10.43 -6.49
C GLY B 253 0.66 -10.07 -7.96
N LYS B 254 0.26 -11.04 -8.77
CA LYS B 254 0.00 -10.75 -10.18
C LYS B 254 -1.17 -9.80 -10.33
N ILE B 255 -2.17 -9.91 -9.46
CA ILE B 255 -3.29 -8.98 -9.51
C ILE B 255 -2.80 -7.57 -9.19
N SER B 256 -1.89 -7.44 -8.23
CA SER B 256 -1.34 -6.13 -7.90
C SER B 256 -0.54 -5.56 -9.05
N GLU B 257 0.22 -6.41 -9.74
CA GLU B 257 0.97 -5.96 -10.90
C GLU B 257 0.04 -5.47 -12.00
N ARG B 258 -1.04 -6.22 -12.25
CA ARG B 258 -2.02 -5.81 -13.24
C ARG B 258 -2.68 -4.49 -12.84
N LEU B 259 -2.97 -4.33 -11.56
CA LEU B 259 -3.55 -3.07 -11.09
C LEU B 259 -2.58 -1.92 -11.26
N VAL B 260 -1.29 -2.15 -11.05
CA VAL B 260 -0.30 -1.09 -11.25
C VAL B 260 -0.26 -0.69 -12.71
N ILE B 261 -0.28 -1.67 -13.61
CA ILE B 261 -0.27 -1.36 -15.04
C ILE B 261 -1.52 -0.60 -15.44
N THR B 262 -2.67 -1.01 -14.91
CA THR B 262 -3.92 -0.33 -15.21
C THR B 262 -3.91 1.10 -14.67
N SER B 263 -3.35 1.30 -13.48
CA SER B 263 -3.27 2.64 -12.93
C SER B 263 -2.35 3.52 -13.78
N GLU B 264 -1.25 2.94 -14.27
CA GLU B 264 -0.38 3.67 -15.16
C GLU B 264 -1.10 4.08 -16.43
N MET B 265 -1.91 3.17 -16.97
CA MET B 265 -2.71 3.53 -18.15
C MET B 265 -3.70 4.62 -17.83
N ILE B 266 -4.31 4.58 -16.64
CA ILE B 266 -5.30 5.56 -16.27
C ILE B 266 -4.68 6.95 -16.16
N GLU B 267 -3.47 7.02 -15.59
CA GLU B 267 -2.82 8.31 -15.43
C GLU B 267 -2.51 8.94 -16.79
N ASN B 268 -2.06 8.13 -17.75
CA ASN B 268 -1.68 8.62 -19.06
C ASN B 268 -2.74 8.36 -20.13
N ILE B 269 -4.02 8.48 -19.76
CA ILE B 269 -5.10 8.14 -20.67
C ILE B 269 -5.07 9.06 -21.89
N GLN B 270 -4.87 10.36 -21.67
CA GLN B 270 -4.84 11.28 -22.80
C GLN B 270 -3.67 10.99 -23.73
N SER B 271 -2.49 10.75 -23.17
CA SER B 271 -1.34 10.42 -24.01
C SER B 271 -1.53 9.10 -24.72
N VAL B 272 -2.22 8.16 -24.10
CA VAL B 272 -2.48 6.88 -24.77
C VAL B 272 -3.43 7.09 -25.94
N LYS B 273 -4.48 7.89 -25.75
CA LYS B 273 -5.39 8.19 -26.85
C LYS B 273 -4.65 8.90 -27.98
N ALA B 274 -3.71 9.78 -27.63
CA ALA B 274 -2.91 10.43 -28.65
C ALA B 274 -2.04 9.43 -29.41
N TYR B 275 -1.34 8.57 -28.68
CA TYR B 275 -0.45 7.61 -29.32
C TYR B 275 -1.20 6.51 -30.04
N CYS B 276 -2.49 6.35 -29.76
CA CYS B 276 -3.31 5.30 -30.36
C CYS B 276 -2.74 3.91 -30.04
N TRP B 277 -2.56 3.65 -28.74
CA TRP B 277 -2.03 2.38 -28.25
C TRP B 277 -3.06 1.57 -27.48
N GLU B 278 -4.35 1.81 -27.73
CA GLU B 278 -5.40 1.11 -26.99
C GLU B 278 -5.33 -0.39 -27.22
N GLU B 279 -5.10 -0.81 -28.47
CA GLU B 279 -5.08 -2.24 -28.77
C GLU B 279 -3.93 -2.94 -28.05
N ALA B 280 -2.74 -2.33 -28.06
CA ALA B 280 -1.61 -2.94 -27.38
C ALA B 280 -1.83 -3.01 -25.88
N MET B 281 -2.39 -1.95 -25.30
CA MET B 281 -2.67 -1.95 -23.87
C MET B 281 -3.67 -3.04 -23.51
N GLU B 282 -4.73 -3.18 -24.32
CA GLU B 282 -5.71 -4.22 -24.06
C GLU B 282 -5.11 -5.61 -24.21
N LYS B 283 -4.27 -5.82 -25.23
CA LYS B 283 -3.65 -7.12 -25.42
C LYS B 283 -2.75 -7.47 -24.25
N MET B 284 -1.95 -6.50 -23.80
CA MET B 284 -1.08 -6.73 -22.65
C MET B 284 -1.89 -7.03 -21.40
N ILE B 285 -2.97 -6.28 -21.18
CA ILE B 285 -3.78 -6.48 -19.98
C ILE B 285 -4.39 -7.87 -19.99
N GLU B 286 -4.96 -8.29 -21.13
CA GLU B 286 -5.57 -9.61 -21.21
C GLU B 286 -4.53 -10.70 -21.06
N ASN B 287 -3.36 -10.53 -21.68
CA ASN B 287 -2.32 -11.54 -21.59
C ASN B 287 -1.86 -11.71 -20.15
N LEU B 288 -1.67 -10.61 -19.44
CA LEU B 288 -1.31 -10.70 -18.03
C LEU B 288 -2.42 -11.34 -17.21
N ARG B 289 -3.68 -10.99 -17.49
CA ARG B 289 -4.80 -11.50 -16.72
C ARG B 289 -5.05 -12.98 -16.98
N GLN B 290 -4.50 -13.54 -18.05
CA GLN B 290 -4.72 -14.95 -18.34
C GLN B 290 -4.21 -15.84 -17.21
N THR B 291 -2.98 -15.60 -16.74
CA THR B 291 -2.42 -16.44 -15.68
C THR B 291 -3.19 -16.27 -14.38
N GLU B 292 -3.57 -15.03 -14.07
CA GLU B 292 -4.37 -14.80 -12.87
C GLU B 292 -5.71 -15.50 -12.97
N LEU B 293 -6.30 -15.54 -14.17
CA LEU B 293 -7.55 -16.25 -14.36
C LEU B 293 -7.38 -17.75 -14.16
N LYS B 294 -6.25 -18.31 -14.61
CA LYS B 294 -6.01 -19.72 -14.36
C LYS B 294 -5.88 -20.01 -12.87
N LEU B 295 -5.15 -19.16 -12.15
CA LEU B 295 -5.01 -19.35 -10.71
C LEU B 295 -6.37 -19.22 -10.02
N THR B 296 -7.18 -18.26 -10.46
CA THR B 296 -8.49 -18.06 -9.86
C THR B 296 -9.40 -19.24 -10.14
N ARG B 297 -9.31 -19.82 -11.33
CA ARG B 297 -10.11 -20.99 -11.65
C ARG B 297 -9.72 -22.16 -10.75
N LYS B 298 -8.42 -22.35 -10.53
CA LYS B 298 -7.99 -23.42 -9.62
C LYS B 298 -8.52 -23.19 -8.21
N ALA B 299 -8.42 -21.94 -7.73
CA ALA B 299 -8.89 -21.63 -6.39
C ALA B 299 -10.39 -21.83 -6.27
N ALA B 300 -11.13 -21.44 -7.31
CA ALA B 300 -12.58 -21.62 -7.29
C ALA B 300 -12.94 -23.09 -7.30
N TYR B 301 -12.19 -23.91 -8.05
CA TYR B 301 -12.45 -25.34 -8.04
C TYR B 301 -12.24 -25.92 -6.64
N VAL B 302 -11.16 -25.49 -5.97
CA VAL B 302 -10.91 -25.97 -4.62
C VAL B 302 -12.03 -25.53 -3.67
N ARG B 303 -12.44 -24.27 -3.77
CA ARG B 303 -13.50 -23.76 -2.89
C ARG B 303 -14.81 -24.48 -3.14
N TYR B 304 -15.10 -24.78 -4.42
CA TYR B 304 -16.32 -25.51 -4.75
C TYR B 304 -16.29 -26.92 -4.20
N PHE B 305 -15.15 -27.59 -4.30
CA PHE B 305 -15.04 -28.92 -3.71
C PHE B 305 -15.26 -28.86 -2.21
N ASN B 306 -14.66 -27.88 -1.55
CA ASN B 306 -14.81 -27.75 -0.10
C ASN B 306 -16.26 -27.48 0.29
N SER B 307 -16.93 -26.58 -0.43
CA SER B 307 -18.32 -26.27 -0.14
C SER B 307 -19.22 -27.46 -0.40
N SER B 308 -18.97 -28.19 -1.48
CA SER B 308 -19.79 -29.34 -1.83
C SER B 308 -19.60 -30.49 -0.87
N ALA B 309 -18.43 -30.57 -0.22
CA ALA B 309 -18.20 -31.64 0.74
C ALA B 309 -19.23 -31.61 1.86
N PHE B 310 -19.57 -30.42 2.33
CA PHE B 310 -20.52 -30.31 3.43
C PHE B 310 -21.90 -30.83 3.03
N PHE B 311 -22.34 -30.51 1.82
CA PHE B 311 -23.62 -31.01 1.35
C PHE B 311 -23.55 -32.52 1.11
N PHE B 312 -22.43 -33.01 0.59
CA PHE B 312 -22.32 -34.42 0.23
C PHE B 312 -22.20 -35.33 1.43
N SER B 313 -21.68 -34.82 2.55
CA SER B 313 -21.36 -35.67 3.68
C SER B 313 -22.60 -36.39 4.23
N GLY B 314 -23.77 -35.78 4.08
CA GLY B 314 -24.94 -36.26 4.80
C GLY B 314 -25.30 -37.70 4.49
N PHE B 315 -25.10 -38.13 3.25
CA PHE B 315 -25.43 -39.51 2.90
C PHE B 315 -24.61 -40.49 3.72
N PHE B 316 -23.28 -40.39 3.62
CA PHE B 316 -22.42 -41.29 4.36
C PHE B 316 -22.60 -41.14 5.86
N VAL B 317 -22.91 -39.93 6.33
CA VAL B 317 -22.99 -39.67 7.76
C VAL B 317 -23.99 -40.61 8.41
N VAL B 318 -25.13 -40.82 7.75
CA VAL B 318 -26.10 -41.77 8.28
C VAL B 318 -25.80 -43.19 7.79
N PHE B 319 -25.29 -43.34 6.57
CA PHE B 319 -25.13 -44.67 5.99
C PHE B 319 -24.15 -45.50 6.80
N LEU B 320 -22.97 -44.95 7.10
CA LEU B 320 -21.98 -45.70 7.84
C LEU B 320 -22.44 -45.97 9.27
N SER B 321 -23.08 -44.97 9.88
CA SER B 321 -23.57 -45.17 11.24
C SER B 321 -24.60 -46.27 11.32
N VAL B 322 -25.45 -46.39 10.30
CA VAL B 322 -26.51 -47.39 10.34
C VAL B 322 -25.98 -48.76 9.94
N LEU B 323 -25.04 -48.81 9.00
CA LEU B 323 -24.61 -50.08 8.44
C LEU B 323 -24.13 -51.07 9.50
N PRO B 324 -23.34 -50.68 10.49
CA PRO B 324 -22.92 -51.66 11.50
C PRO B 324 -24.07 -52.23 12.32
N TYR B 325 -24.92 -51.35 12.87
CA TYR B 325 -26.04 -51.83 13.66
C TYR B 325 -27.02 -52.64 12.82
N ALA B 326 -27.30 -52.19 11.60
CA ALA B 326 -28.27 -52.89 10.76
C ALA B 326 -27.79 -54.29 10.40
N LEU B 327 -26.50 -54.45 10.09
CA LEU B 327 -25.98 -55.77 9.78
C LEU B 327 -26.01 -56.68 11.02
N ILE B 328 -25.71 -56.10 12.19
CA ILE B 328 -25.67 -56.91 13.40
C ILE B 328 -27.07 -57.40 13.77
N LYS B 329 -28.07 -56.52 13.70
CA LYS B 329 -29.42 -56.90 14.09
C LYS B 329 -30.41 -55.93 13.46
N GLY B 330 -31.66 -56.38 13.38
CA GLY B 330 -32.70 -55.54 12.80
C GLY B 330 -33.01 -54.34 13.67
N ILE B 331 -33.46 -53.26 13.02
CA ILE B 331 -33.81 -52.02 13.68
C ILE B 331 -35.13 -51.50 13.10
N ILE B 332 -35.97 -50.93 13.96
CA ILE B 332 -37.20 -50.31 13.51
C ILE B 332 -36.90 -49.00 12.79
N LEU B 333 -37.63 -48.75 11.70
CA LEU B 333 -37.38 -47.56 10.89
C LEU B 333 -37.62 -46.26 11.66
N ARG B 334 -38.38 -46.33 12.76
CA ARG B 334 -38.56 -45.16 13.60
C ARG B 334 -37.22 -44.65 14.12
N LYS B 335 -36.43 -45.55 14.72
CA LYS B 335 -35.11 -45.17 15.16
C LYS B 335 -34.24 -44.73 13.99
N ILE B 336 -34.52 -45.22 12.79
CA ILE B 336 -33.74 -44.80 11.64
C ILE B 336 -33.99 -43.33 11.34
N PHE B 337 -35.26 -42.93 11.29
CA PHE B 337 -35.55 -41.52 11.04
C PHE B 337 -35.01 -40.65 12.16
N THR B 338 -35.13 -41.12 13.40
CA THR B 338 -34.66 -40.34 14.53
C THR B 338 -33.15 -40.17 14.49
N THR B 339 -32.44 -41.24 14.14
CA THR B 339 -31.00 -41.16 14.02
C THR B 339 -30.61 -40.24 12.87
N ILE B 340 -31.40 -40.25 11.80
CA ILE B 340 -31.12 -39.36 10.68
C ILE B 340 -31.18 -37.91 11.14
N SER B 341 -32.21 -37.57 11.90
CA SER B 341 -32.32 -36.20 12.40
C SER B 341 -31.19 -35.87 13.36
N PHE B 342 -30.89 -36.80 14.27
CA PHE B 342 -29.85 -36.54 15.25
C PHE B 342 -28.51 -36.33 14.58
N CYS B 343 -28.21 -37.16 13.57
CA CYS B 343 -26.96 -37.02 12.84
C CYS B 343 -26.94 -35.74 12.02
N ILE B 344 -28.09 -35.32 11.51
CA ILE B 344 -28.13 -34.05 10.79
C ILE B 344 -27.70 -32.92 11.71
N VAL B 345 -28.25 -32.92 12.93
CA VAL B 345 -27.87 -31.90 13.90
C VAL B 345 -26.39 -32.01 14.26
N LEU B 346 -25.93 -33.23 14.51
CA LEU B 346 -24.55 -33.44 14.93
C LEU B 346 -23.57 -32.95 13.87
N ARG B 347 -23.85 -33.27 12.61
CA ARG B 347 -22.98 -32.82 11.53
C ARG B 347 -23.04 -31.31 11.37
N MET B 348 -24.25 -30.74 11.37
CA MET B 348 -24.38 -29.31 11.17
C MET B 348 -23.63 -28.54 12.24
N ALA B 349 -23.57 -29.08 13.45
CA ALA B 349 -22.77 -28.43 14.48
C ALA B 349 -21.30 -28.70 14.32
N VAL B 350 -20.93 -29.96 14.07
CA VAL B 350 -19.52 -30.33 14.06
C VAL B 350 -18.79 -29.64 12.91
N THR B 351 -19.39 -29.63 11.72
CA THR B 351 -18.71 -29.12 10.54
C THR B 351 -18.76 -27.61 10.44
N ARG B 352 -19.74 -26.95 11.06
CA ARG B 352 -19.92 -25.52 10.94
C ARG B 352 -19.60 -24.77 12.22
N GLN B 353 -20.22 -25.16 13.34
CA GLN B 353 -20.14 -24.34 14.54
C GLN B 353 -18.72 -24.29 15.09
N PHE B 354 -18.07 -25.43 15.24
CA PHE B 354 -16.79 -25.47 15.94
C PHE B 354 -15.73 -24.64 15.23
N PRO B 355 -15.48 -24.82 13.93
CA PRO B 355 -14.40 -24.04 13.30
C PRO B 355 -14.68 -22.56 13.27
N TRP B 356 -15.93 -22.16 13.04
CA TRP B 356 -16.24 -20.74 13.01
C TRP B 356 -16.00 -20.11 14.37
N ALA B 357 -16.41 -20.80 15.44
CA ALA B 357 -16.19 -20.29 16.78
C ALA B 357 -14.70 -20.20 17.09
N VAL B 358 -13.94 -21.21 16.68
CA VAL B 358 -12.51 -21.20 16.91
C VAL B 358 -11.87 -20.01 16.21
N GLN B 359 -12.26 -19.77 14.95
CA GLN B 359 -11.72 -18.64 14.22
C GLN B 359 -12.09 -17.33 14.89
N THR B 360 -13.34 -17.20 15.34
CA THR B 360 -13.77 -15.98 15.99
C THR B 360 -12.95 -15.71 17.25
N TRP B 361 -12.77 -16.74 18.08
CA TRP B 361 -12.03 -16.57 19.32
C TRP B 361 -10.57 -16.24 19.04
N TYR B 362 -9.97 -16.90 18.06
CA TYR B 362 -8.56 -16.64 17.75
C TYR B 362 -8.37 -15.21 17.23
N ASP B 363 -9.25 -14.77 16.35
CA ASP B 363 -9.16 -13.40 15.85
C ASP B 363 -9.35 -12.40 16.96
N SER B 364 -10.29 -12.67 17.87
CA SER B 364 -10.50 -11.79 19.00
C SER B 364 -9.27 -11.72 19.89
N LEU B 365 -8.64 -12.87 20.15
CA LEU B 365 -7.47 -12.88 21.01
C LEU B 365 -6.32 -12.12 20.36
N GLY B 366 -6.11 -12.33 19.06
CA GLY B 366 -5.05 -11.61 18.38
C GLY B 366 -5.29 -10.12 18.35
N ALA B 367 -6.54 -9.71 18.12
CA ALA B 367 -6.88 -8.30 18.14
C ALA B 367 -6.68 -7.71 19.53
N ILE B 368 -7.01 -8.48 20.56
CA ILE B 368 -6.81 -8.02 21.92
C ILE B 368 -5.34 -7.80 22.19
N ASN B 369 -4.50 -8.72 21.76
CA ASN B 369 -3.06 -8.56 21.94
C ASN B 369 -2.56 -7.33 21.20
N LYS B 370 -3.01 -7.13 19.97
CA LYS B 370 -2.57 -5.98 19.18
C LYS B 370 -2.97 -4.67 19.85
N ILE B 371 -4.23 -4.58 20.28
CA ILE B 371 -4.73 -3.36 20.88
C ILE B 371 -3.99 -3.09 22.19
N GLN B 372 -3.79 -4.13 23.01
CA GLN B 372 -3.10 -3.95 24.28
C GLN B 372 -1.67 -3.47 24.05
N ASP B 373 -1.01 -4.00 23.04
CA ASP B 373 0.33 -3.53 22.73
C ASP B 373 0.31 -2.07 22.29
N PHE B 374 -0.66 -1.69 21.46
CA PHE B 374 -0.64 -0.36 20.86
C PHE B 374 -0.75 0.74 21.91
N LEU B 375 -1.66 0.58 22.86
CA LEU B 375 -1.90 1.64 23.83
C LEU B 375 -0.73 1.86 24.76
N GLN B 376 0.16 0.88 24.90
CA GLN B 376 1.20 0.94 25.91
C GLN B 376 2.39 1.79 25.52
N LYS B 377 2.40 2.36 24.32
CA LYS B 377 3.58 3.08 23.84
C LYS B 377 3.92 4.26 24.75
N GLN B 378 5.19 4.65 24.71
CA GLN B 378 5.66 5.80 25.49
C GLN B 378 4.93 7.06 25.07
N GLU B 379 4.48 7.84 26.04
CA GLU B 379 3.66 9.01 25.80
C GLU B 379 4.48 10.30 25.91
N TYR B 380 3.96 11.36 25.28
CA TYR B 380 4.57 12.67 25.38
C TYR B 380 4.35 13.26 26.77
N LYS B 381 5.41 13.79 27.37
CA LYS B 381 5.36 14.37 28.70
C LYS B 381 5.16 15.87 28.61
N THR B 382 4.06 16.37 29.17
CA THR B 382 3.75 17.79 29.12
C THR B 382 4.70 18.58 30.02
N LEU B 383 5.02 19.79 29.59
CA LEU B 383 5.86 20.67 30.40
C LEU B 383 5.09 21.20 31.60
N GLU B 384 5.74 21.19 32.76
CA GLU B 384 5.16 21.71 34.01
C GLU B 384 5.47 23.20 34.09
N TYR B 385 4.55 24.00 33.57
CA TYR B 385 4.78 25.43 33.41
C TYR B 385 3.49 26.16 33.78
N ASN B 386 3.42 27.43 33.35
CA ASN B 386 2.30 28.35 33.54
C ASN B 386 2.17 28.83 34.97
N LEU B 387 3.10 28.48 35.86
CA LEU B 387 3.00 28.98 37.23
C LEU B 387 3.18 30.48 37.29
N THR B 388 4.41 30.94 37.08
CA THR B 388 4.75 32.35 37.08
C THR B 388 6.21 32.46 36.68
N THR B 389 6.54 33.49 35.91
CA THR B 389 7.91 33.64 35.45
C THR B 389 8.12 35.04 34.90
N THR B 390 9.36 35.49 34.99
CA THR B 390 9.83 36.66 34.26
C THR B 390 10.29 36.24 32.88
N GLU B 391 11.06 37.09 32.22
CA GLU B 391 11.64 36.81 30.90
C GLU B 391 12.26 35.43 30.82
N VAL B 392 11.86 34.65 29.81
CA VAL B 392 12.37 33.30 29.63
C VAL B 392 13.82 33.34 29.15
N VAL B 393 14.57 32.30 29.51
CA VAL B 393 15.97 32.18 29.12
C VAL B 393 16.28 30.70 28.88
N MET B 394 17.23 30.44 27.99
CA MET B 394 17.69 29.09 27.66
C MET B 394 19.18 28.98 27.92
N GLU B 395 19.63 27.76 28.23
CA GLU B 395 21.04 27.51 28.49
C GLU B 395 21.44 26.12 28.00
N ASN B 396 22.59 26.05 27.32
CA ASN B 396 23.24 24.79 26.98
C ASN B 396 22.32 23.86 26.19
N VAL B 397 21.67 24.41 25.17
CA VAL B 397 20.74 23.64 24.35
C VAL B 397 21.54 22.68 23.48
N THR B 398 21.33 21.37 23.68
CA THR B 398 21.98 20.36 22.85
C THR B 398 21.17 19.07 22.91
N ALA B 399 20.81 18.54 21.74
CA ALA B 399 20.02 17.32 21.63
C ALA B 399 19.90 16.86 20.18
N PHE B 400 19.57 15.59 19.97
CA PHE B 400 19.37 15.04 18.65
C PHE B 400 17.89 15.05 18.28
N TRP B 401 17.61 15.36 17.01
CA TRP B 401 16.23 15.37 16.53
C TRP B 401 15.64 13.97 16.42
N GLU B 402 16.44 12.93 16.58
CA GLU B 402 15.96 11.55 16.57
C GLU B 402 16.58 10.75 17.70
N GLY B 437 23.01 11.84 18.87
CA GLY B 437 24.09 11.87 17.92
C GLY B 437 24.28 13.22 17.26
N THR B 438 23.47 13.50 16.25
CA THR B 438 23.54 14.78 15.57
C THR B 438 22.94 15.87 16.46
N PRO B 439 23.78 16.71 17.06
CA PRO B 439 23.25 17.75 17.94
C PRO B 439 22.54 18.84 17.16
N VAL B 440 21.21 18.90 17.29
CA VAL B 440 20.46 19.94 16.58
C VAL B 440 20.81 21.32 17.11
N LEU B 441 21.33 21.42 18.33
CA LEU B 441 21.73 22.70 18.92
C LEU B 441 23.11 22.56 19.53
N LYS B 442 23.97 23.55 19.25
CA LYS B 442 25.36 23.53 19.69
C LYS B 442 25.53 24.34 20.98
N ASP B 443 25.00 23.79 22.07
CA ASP B 443 25.07 24.42 23.39
C ASP B 443 24.43 25.80 23.37
N ILE B 444 23.34 25.95 22.62
CA ILE B 444 22.73 27.25 22.41
C ILE B 444 22.14 27.76 23.72
N ASN B 445 22.00 29.08 23.80
CA ASN B 445 21.36 29.76 24.92
C ASN B 445 20.64 30.98 24.40
N PHE B 446 19.45 31.25 24.93
CA PHE B 446 18.63 32.35 24.42
C PHE B 446 17.80 32.91 25.58
N LYS B 447 18.25 34.02 26.14
CA LYS B 447 17.50 34.73 27.19
C LYS B 447 16.60 35.74 26.51
N ILE B 448 15.31 35.43 26.44
CA ILE B 448 14.33 36.27 25.75
C ILE B 448 13.64 37.16 26.78
N GLU B 449 13.73 38.47 26.57
CA GLU B 449 13.10 39.42 27.48
C GLU B 449 11.58 39.31 27.43
N ARG B 450 10.95 39.56 28.58
CA ARG B 450 9.49 39.50 28.69
C ARG B 450 8.88 40.72 28.02
N GLY B 451 8.59 40.61 26.73
CA GLY B 451 8.09 41.74 25.97
C GLY B 451 8.88 41.94 24.69
N GLN B 452 10.00 41.22 24.59
CA GLN B 452 10.93 41.42 23.50
C GLN B 452 10.38 40.84 22.19
N LEU B 453 11.12 41.09 21.11
CA LEU B 453 10.81 40.57 19.78
C LEU B 453 12.07 39.86 19.26
N LEU B 454 12.20 38.58 19.57
CA LEU B 454 13.35 37.79 19.15
C LEU B 454 13.13 37.22 17.76
N ALA B 455 14.24 36.92 17.09
CA ALA B 455 14.19 36.34 15.76
C ALA B 455 15.48 35.59 15.48
N VAL B 456 15.39 34.60 14.59
CA VAL B 456 16.52 33.77 14.21
C VAL B 456 16.47 33.53 12.70
N ALA B 457 17.65 33.31 12.12
CA ALA B 457 17.77 33.02 10.70
C ALA B 457 18.71 31.83 10.50
N GLY B 458 18.81 31.39 9.25
CA GLY B 458 19.62 30.27 8.87
C GLY B 458 18.93 29.44 7.81
N SER B 459 19.45 28.25 7.58
CA SER B 459 18.86 27.34 6.59
C SER B 459 17.48 26.88 7.07
N THR B 460 16.55 26.77 6.12
CA THR B 460 15.17 26.45 6.44
C THR B 460 15.05 25.08 7.08
N GLY B 461 14.38 25.01 8.23
CA GLY B 461 14.13 23.73 8.87
C GLY B 461 15.38 22.97 9.23
N ALA B 462 16.52 23.65 9.33
CA ALA B 462 17.80 22.98 9.52
C ALA B 462 18.06 22.77 11.00
N GLY B 463 16.99 22.70 11.79
CA GLY B 463 17.07 22.57 13.23
C GLY B 463 16.56 23.77 13.98
N LYS B 464 16.42 24.93 13.33
CA LYS B 464 15.80 26.06 13.99
C LYS B 464 14.34 25.76 14.29
N THR B 465 13.65 25.12 13.35
CA THR B 465 12.30 24.66 13.62
C THR B 465 12.29 23.64 14.75
N SER B 466 13.29 22.76 14.77
CA SER B 466 13.38 21.79 15.87
C SER B 466 13.67 22.49 17.19
N LEU B 467 14.49 23.54 17.17
CA LEU B 467 14.73 24.28 18.40
C LEU B 467 13.45 24.94 18.89
N LEU B 468 12.67 25.48 17.96
CA LEU B 468 11.39 26.08 18.34
C LEU B 468 10.44 25.04 18.92
N MET B 469 10.41 23.85 18.32
CA MET B 469 9.56 22.78 18.82
C MET B 469 9.98 22.37 20.23
N VAL B 470 11.29 22.25 20.45
CA VAL B 470 11.79 21.87 21.77
C VAL B 470 11.43 22.93 22.81
N ILE B 471 11.59 24.20 22.45
CA ILE B 471 11.20 25.28 23.35
C ILE B 471 9.71 25.21 23.63
N MET B 472 8.91 24.86 22.62
CA MET B 472 7.48 24.67 22.80
C MET B 472 7.15 23.38 23.54
N GLY B 473 8.13 22.51 23.75
CA GLY B 473 7.90 21.26 24.43
C GLY B 473 7.66 20.08 23.52
N GLU B 474 7.79 20.25 22.20
CA GLU B 474 7.60 19.13 21.29
C GLU B 474 8.79 18.17 21.30
N LEU B 475 9.97 18.64 21.69
CA LEU B 475 11.17 17.82 21.72
C LEU B 475 11.85 17.98 23.06
N GLU B 476 12.09 16.87 23.74
CA GLU B 476 12.72 16.93 25.05
C GLU B 476 14.19 17.25 24.91
N PRO B 477 14.68 18.35 25.49
CA PRO B 477 16.12 18.65 25.38
C PRO B 477 16.95 17.66 26.20
N SER B 478 18.03 17.20 25.60
CA SER B 478 18.93 16.26 26.27
C SER B 478 19.98 16.96 27.14
N GLU B 479 20.36 18.20 26.80
CA GLU B 479 21.37 18.93 27.54
C GLU B 479 20.84 20.31 27.90
N GLY B 480 21.38 20.86 28.98
CA GLY B 480 20.96 22.17 29.45
C GLY B 480 19.61 22.12 30.15
N LYS B 481 19.01 23.31 30.28
CA LYS B 481 17.73 23.43 30.96
C LYS B 481 16.97 24.60 30.37
N ILE B 482 15.79 24.32 29.82
CA ILE B 482 14.95 25.35 29.24
C ILE B 482 13.89 25.76 30.25
N LYS B 483 13.68 27.07 30.38
CA LYS B 483 12.64 27.60 31.25
C LYS B 483 11.81 28.59 30.44
N HIS B 484 10.49 28.44 30.50
CA HIS B 484 9.58 29.29 29.75
C HIS B 484 8.25 29.35 30.49
N SER B 485 7.46 30.38 30.17
CA SER B 485 6.17 30.54 30.82
C SER B 485 5.21 29.42 30.46
N GLY B 486 5.37 28.83 29.27
CA GLY B 486 4.55 27.72 28.83
C GLY B 486 3.31 28.10 28.04
N ARG B 487 2.68 29.21 28.39
CA ARG B 487 1.51 29.68 27.64
C ARG B 487 2.02 30.41 26.41
N ILE B 488 2.12 29.71 25.29
CA ILE B 488 2.68 30.29 24.07
C ILE B 488 2.12 29.56 22.87
N SER B 489 1.86 30.32 21.81
CA SER B 489 1.36 29.77 20.55
C SER B 489 2.49 29.64 19.54
N PHE B 490 2.31 28.71 18.60
CA PHE B 490 3.25 28.48 17.52
C PHE B 490 2.50 28.47 16.20
N CYS B 491 3.23 28.74 15.11
CA CYS B 491 2.66 28.80 13.77
C CYS B 491 3.56 27.98 12.85
N SER B 492 3.20 26.72 12.67
CA SER B 492 3.97 25.83 11.81
C SER B 492 3.99 26.35 10.38
N GLN B 493 5.10 26.11 9.69
CA GLN B 493 5.20 26.51 8.29
C GLN B 493 4.12 25.87 7.44
N PHE B 494 3.80 24.61 7.73
CA PHE B 494 2.75 23.90 7.03
C PHE B 494 1.41 24.18 7.71
N SER B 495 0.51 24.85 7.00
CA SER B 495 -0.79 25.20 7.56
C SER B 495 -1.67 23.96 7.69
N TRP B 496 -2.39 23.88 8.81
CA TRP B 496 -3.34 22.79 9.08
C TRP B 496 -4.71 23.43 9.26
N ILE B 497 -5.50 23.47 8.19
CA ILE B 497 -6.81 24.10 8.20
C ILE B 497 -7.87 23.02 8.23
N MET B 498 -8.58 22.91 9.34
CA MET B 498 -9.71 22.01 9.44
C MET B 498 -10.94 22.64 8.81
N PRO B 499 -11.93 21.83 8.42
CA PRO B 499 -13.15 22.40 7.87
C PRO B 499 -13.89 23.26 8.89
N GLY B 500 -14.56 24.27 8.41
CA GLY B 500 -15.34 25.17 9.25
C GLY B 500 -15.30 26.59 8.72
N THR B 501 -16.27 27.38 9.16
CA THR B 501 -16.41 28.75 8.68
C THR B 501 -15.29 29.63 9.24
N ILE B 502 -15.29 30.90 8.83
CA ILE B 502 -14.25 31.83 9.25
C ILE B 502 -14.24 32.00 10.76
N LYS B 503 -15.43 32.12 11.36
CA LYS B 503 -15.50 32.21 12.81
C LYS B 503 -14.96 30.95 13.46
N GLU B 504 -15.25 29.79 12.87
CA GLU B 504 -14.74 28.53 13.43
C GLU B 504 -13.22 28.48 13.33
N ASN B 505 -12.66 28.81 12.18
CA ASN B 505 -11.21 28.77 12.02
C ASN B 505 -10.53 29.77 12.93
N ILE B 506 -11.17 30.91 13.18
CA ILE B 506 -10.56 31.94 14.01
C ILE B 506 -10.65 31.58 15.49
N ILE B 507 -11.75 30.94 15.91
CA ILE B 507 -11.99 30.73 17.32
C ILE B 507 -11.26 29.48 17.80
N PHE B 508 -11.59 28.33 17.21
CA PHE B 508 -11.04 27.04 17.63
C PHE B 508 -11.25 26.84 19.12
N GLY B 509 -12.46 27.15 19.58
CA GLY B 509 -12.77 27.11 21.00
C GLY B 509 -12.67 28.47 21.68
N VAL B 510 -13.33 29.47 21.12
CA VAL B 510 -13.32 30.83 21.69
C VAL B 510 -14.64 31.51 21.35
N SER B 511 -14.90 32.62 22.04
CA SER B 511 -16.09 33.43 21.79
C SER B 511 -15.83 34.46 20.70
N TYR B 512 -16.90 35.12 20.26
CA TYR B 512 -16.83 36.10 19.18
C TYR B 512 -16.43 37.46 19.75
N ASP B 513 -15.17 37.84 19.56
CA ASP B 513 -14.65 39.13 20.01
C ASP B 513 -14.62 40.08 18.82
N GLU B 514 -15.50 41.08 18.85
CA GLU B 514 -15.66 41.98 17.71
C GLU B 514 -14.37 42.75 17.42
N TYR B 515 -13.82 43.43 18.44
CA TYR B 515 -12.63 44.23 18.21
C TYR B 515 -11.44 43.37 17.82
N ARG B 516 -11.27 42.22 18.49
CA ARG B 516 -10.13 41.36 18.18
C ARG B 516 -10.23 40.80 16.77
N TYR B 517 -11.42 40.33 16.39
CA TYR B 517 -11.59 39.78 15.05
C TYR B 517 -11.40 40.84 13.98
N ARG B 518 -11.92 42.05 14.23
CA ARG B 518 -11.75 43.13 13.26
C ARG B 518 -10.29 43.50 13.11
N SER B 519 -9.56 43.59 14.24
CA SER B 519 -8.14 43.90 14.18
C SER B 519 -7.37 42.81 13.43
N VAL B 520 -7.70 41.55 13.70
CA VAL B 520 -7.01 40.45 13.03
C VAL B 520 -7.26 40.51 11.53
N ILE B 521 -8.52 40.75 11.13
CA ILE B 521 -8.83 40.81 9.71
C ILE B 521 -8.10 41.97 9.05
N LYS B 522 -8.20 43.16 9.65
CA LYS B 522 -7.63 44.35 9.04
C LYS B 522 -6.11 44.31 9.00
N ALA B 523 -5.48 43.61 9.95
CA ALA B 523 -4.03 43.65 10.07
C ALA B 523 -3.32 42.55 9.31
N CYS B 524 -3.95 41.37 9.16
CA CYS B 524 -3.31 40.24 8.51
C CYS B 524 -3.57 40.20 7.02
N GLN B 525 -3.96 41.31 6.41
CA GLN B 525 -4.44 41.33 5.03
C GLN B 525 -5.62 40.37 4.86
N LEU B 526 -6.36 40.16 5.95
CA LEU B 526 -7.45 39.19 5.97
C LEU B 526 -8.82 39.83 5.81
N GLU B 527 -8.93 41.15 6.02
CA GLU B 527 -10.23 41.79 5.84
C GLU B 527 -10.64 41.78 4.37
N GLU B 528 -9.71 42.08 3.46
CA GLU B 528 -10.03 42.05 2.04
C GLU B 528 -10.32 40.64 1.55
N ASP B 529 -9.54 39.67 2.02
CA ASP B 529 -9.81 38.28 1.62
C ASP B 529 -11.14 37.80 2.17
N ILE B 530 -11.51 38.24 3.37
CA ILE B 530 -12.81 37.90 3.93
C ILE B 530 -13.91 38.51 3.08
N SER B 531 -13.78 39.79 2.75
CA SER B 531 -14.75 40.42 1.86
C SER B 531 -14.80 39.71 0.52
N LYS B 532 -13.70 39.06 0.12
CA LYS B 532 -13.70 38.30 -1.11
C LYS B 532 -14.54 37.03 -1.03
N PHE B 533 -14.80 36.53 0.17
CA PHE B 533 -15.64 35.35 0.31
C PHE B 533 -17.09 35.68 -0.09
N ALA B 534 -17.80 34.65 -0.55
CA ALA B 534 -19.18 34.84 -0.99
C ALA B 534 -20.05 35.39 0.13
N GLU B 535 -20.23 34.62 1.20
CA GLU B 535 -20.91 35.12 2.38
C GLU B 535 -20.08 36.15 3.13
N LYS B 536 -18.76 36.05 3.03
CA LYS B 536 -17.79 37.04 3.50
C LYS B 536 -17.67 37.06 5.02
N ASP B 537 -18.53 36.32 5.72
CA ASP B 537 -18.38 36.14 7.16
C ASP B 537 -18.58 34.71 7.64
N ASN B 538 -19.39 33.90 6.96
CA ASN B 538 -19.77 32.58 7.43
C ASN B 538 -19.61 31.53 6.34
N ILE B 539 -18.56 31.65 5.54
CA ILE B 539 -18.32 30.69 4.47
C ILE B 539 -17.77 29.42 5.11
N VAL B 540 -18.64 28.43 5.31
CA VAL B 540 -18.25 27.19 5.96
C VAL B 540 -17.34 26.42 5.03
N LEU B 541 -16.06 26.36 5.37
CA LEU B 541 -15.09 25.66 4.54
C LEU B 541 -15.33 24.15 4.62
N GLY B 542 -15.14 23.48 3.49
CA GLY B 542 -15.24 22.04 3.41
C GLY B 542 -13.90 21.37 3.67
N GLU B 543 -13.71 20.21 3.05
CA GLU B 543 -12.46 19.49 3.14
C GLU B 543 -11.52 19.88 2.01
N GLY B 544 -10.22 19.80 2.28
CA GLY B 544 -9.19 20.05 1.29
C GLY B 544 -8.63 21.45 1.29
N GLY B 545 -9.37 22.43 1.78
CA GLY B 545 -8.87 23.79 1.82
C GLY B 545 -8.63 24.43 0.47
N ILE B 546 -9.17 23.85 -0.60
CA ILE B 546 -8.97 24.40 -1.94
C ILE B 546 -9.65 25.74 -2.14
N THR B 547 -10.54 26.14 -1.23
CA THR B 547 -11.26 27.39 -1.38
C THR B 547 -10.37 28.61 -1.26
N LEU B 548 -9.15 28.46 -0.74
CA LEU B 548 -8.27 29.60 -0.48
C LEU B 548 -6.86 29.33 -1.01
N SER B 549 -6.16 30.42 -1.32
CA SER B 549 -4.80 30.32 -1.81
C SER B 549 -3.84 29.96 -0.68
N GLY B 550 -2.61 29.60 -1.06
CA GLY B 550 -1.60 29.28 -0.07
C GLY B 550 -1.23 30.47 0.79
N GLY B 551 -1.12 31.66 0.20
CA GLY B 551 -0.96 32.86 0.99
C GLY B 551 -2.16 33.14 1.84
N GLN B 552 -3.35 32.77 1.36
CA GLN B 552 -4.53 32.87 2.20
C GLN B 552 -4.46 31.92 3.38
N ARG B 553 -3.93 30.70 3.17
CA ARG B 553 -3.75 29.78 4.28
C ARG B 553 -2.74 30.33 5.29
N ALA B 554 -1.68 30.98 4.80
CA ALA B 554 -0.70 31.55 5.70
C ALA B 554 -1.29 32.72 6.49
N ARG B 555 -2.11 33.54 5.85
CA ARG B 555 -2.79 34.61 6.56
C ARG B 555 -3.73 34.04 7.62
N ILE B 556 -4.39 32.93 7.29
CA ILE B 556 -5.24 32.26 8.27
C ILE B 556 -4.41 31.79 9.45
N SER B 557 -3.23 31.23 9.16
CA SER B 557 -2.36 30.75 10.24
C SER B 557 -1.91 31.91 11.13
N LEU B 558 -1.51 33.02 10.52
CA LEU B 558 -1.07 34.16 11.30
C LEU B 558 -2.21 34.70 12.16
N ALA B 559 -3.41 34.79 11.59
CA ALA B 559 -4.55 35.26 12.36
C ALA B 559 -4.89 34.30 13.49
N ARG B 560 -4.81 33.00 13.24
CA ARG B 560 -5.11 32.02 14.28
C ARG B 560 -4.11 32.14 15.42
N ALA B 561 -2.85 32.37 15.09
CA ALA B 561 -1.88 32.63 16.14
C ALA B 561 -2.21 33.91 16.88
N VAL B 562 -2.65 34.94 16.15
CA VAL B 562 -2.94 36.23 16.77
C VAL B 562 -4.19 36.18 17.63
N TYR B 563 -5.04 35.17 17.43
CA TYR B 563 -6.34 35.15 18.09
C TYR B 563 -6.22 35.11 19.61
N LYS B 564 -5.30 34.31 20.13
CA LYS B 564 -5.14 34.14 21.57
C LYS B 564 -3.90 34.88 22.05
N ASP B 565 -4.03 35.51 23.22
CA ASP B 565 -2.91 36.18 23.87
C ASP B 565 -2.19 35.21 24.77
N ALA B 566 -0.86 35.13 24.62
CA ALA B 566 -0.04 34.21 25.38
C ALA B 566 1.32 34.84 25.61
N ASP B 567 2.17 34.13 26.35
CA ASP B 567 3.47 34.69 26.72
C ASP B 567 4.36 34.92 25.50
N LEU B 568 4.27 34.07 24.49
CA LEU B 568 5.12 34.21 23.32
C LEU B 568 4.38 33.66 22.10
N TYR B 569 4.78 34.15 20.92
CA TYR B 569 4.21 33.74 19.65
C TYR B 569 5.33 33.14 18.80
N LEU B 570 5.38 31.81 18.74
CA LEU B 570 6.43 31.09 18.03
C LEU B 570 6.12 31.10 16.53
N LEU B 571 6.37 32.25 15.91
CA LEU B 571 6.17 32.40 14.48
C LEU B 571 7.28 31.72 13.70
N ASP B 572 6.90 30.95 12.68
CA ASP B 572 7.83 30.21 11.83
C ASP B 572 7.56 30.59 10.36
N SER B 573 8.22 31.65 9.91
CA SER B 573 8.14 32.13 8.53
C SER B 573 6.69 32.35 8.11
N PRO B 574 5.91 33.08 8.91
CA PRO B 574 4.51 33.33 8.53
C PRO B 574 4.38 34.05 7.21
N PHE B 575 5.30 34.94 6.88
CA PHE B 575 5.25 35.65 5.62
C PHE B 575 5.71 34.79 4.45
N GLY B 576 5.88 33.48 4.66
CA GLY B 576 6.48 32.62 3.67
C GLY B 576 5.66 32.35 2.43
N TYR B 577 4.44 32.88 2.34
CA TYR B 577 3.60 32.67 1.17
C TYR B 577 2.98 33.96 0.64
N LEU B 578 3.47 35.13 1.07
CA LEU B 578 2.91 36.41 0.68
C LEU B 578 3.98 37.27 0.03
N ASP B 579 3.53 38.28 -0.71
CA ASP B 579 4.44 39.22 -1.33
C ASP B 579 5.18 40.03 -0.28
N VAL B 580 6.32 40.59 -0.69
CA VAL B 580 7.18 41.35 0.24
C VAL B 580 6.43 42.55 0.79
N LEU B 581 5.67 43.25 -0.07
CA LEU B 581 4.90 44.39 0.40
C LEU B 581 3.83 43.96 1.39
N THR B 582 3.16 42.84 1.12
CA THR B 582 2.15 42.35 2.05
C THR B 582 2.78 41.93 3.36
N GLU B 583 3.95 41.31 3.32
CA GLU B 583 4.63 40.91 4.54
C GLU B 583 5.02 42.13 5.37
N LYS B 584 5.55 43.17 4.72
CA LYS B 584 5.89 44.39 5.44
C LYS B 584 4.66 45.05 6.03
N GLU B 585 3.56 45.06 5.28
CA GLU B 585 2.33 45.65 5.79
C GLU B 585 1.82 44.89 7.00
N ILE B 586 1.82 43.56 6.94
CA ILE B 586 1.36 42.76 8.07
C ILE B 586 2.25 42.97 9.28
N PHE B 587 3.57 43.04 9.07
CA PHE B 587 4.48 43.28 10.18
C PHE B 587 4.21 44.63 10.82
N GLU B 588 4.20 45.69 10.00
CA GLU B 588 3.97 47.03 10.53
C GLU B 588 2.62 47.15 11.22
N SER B 589 1.64 46.37 10.79
CA SER B 589 0.31 46.52 11.36
C SER B 589 0.13 45.74 12.66
N CYS B 590 0.42 44.45 12.66
CA CYS B 590 0.22 43.63 13.86
C CYS B 590 1.50 42.97 14.34
N VAL B 591 2.24 42.35 13.41
CA VAL B 591 3.36 41.51 13.81
C VAL B 591 4.44 42.33 14.50
N CYS B 592 4.69 43.54 14.04
CA CYS B 592 5.69 44.40 14.67
C CYS B 592 5.05 45.58 15.40
N LYS B 593 3.72 45.56 15.56
CA LYS B 593 3.07 46.65 16.29
C LYS B 593 2.34 46.17 17.53
N LEU B 594 1.44 45.19 17.38
CA LEU B 594 0.58 44.80 18.50
C LEU B 594 1.28 43.80 19.43
N MET B 595 1.61 42.62 18.90
CA MET B 595 2.17 41.57 19.74
C MET B 595 3.63 41.80 20.08
N ALA B 596 4.32 42.67 19.32
CA ALA B 596 5.71 42.94 19.64
C ALA B 596 5.87 43.62 20.98
N ASN B 597 4.82 44.28 21.47
CA ASN B 597 4.86 44.80 22.83
C ASN B 597 4.98 43.67 23.84
N LYS B 598 4.39 42.53 23.53
CA LYS B 598 4.60 41.33 24.32
C LYS B 598 5.81 40.56 23.78
N THR B 599 6.22 39.54 24.53
CA THR B 599 7.33 38.71 24.10
C THR B 599 6.95 37.94 22.85
N ARG B 600 7.86 37.92 21.88
CA ARG B 600 7.59 37.32 20.58
C ARG B 600 8.86 36.71 20.01
N ILE B 601 8.72 35.56 19.35
CA ILE B 601 9.83 34.88 18.71
C ILE B 601 9.40 34.43 17.32
N LEU B 602 9.80 35.19 16.30
CA LEU B 602 9.44 34.91 14.92
C LEU B 602 10.64 34.39 14.16
N VAL B 603 10.49 33.22 13.55
CA VAL B 603 11.56 32.67 12.72
C VAL B 603 11.55 33.39 11.39
N THR B 604 12.41 34.39 11.24
CA THR B 604 12.46 35.22 10.04
C THR B 604 13.89 35.32 9.56
N SER B 605 14.11 35.06 8.28
CA SER B 605 15.41 35.25 7.64
C SER B 605 15.48 36.54 6.83
N LYS B 606 14.39 37.30 6.74
CA LYS B 606 14.38 38.54 5.97
C LYS B 606 15.31 39.56 6.61
N MET B 607 16.21 40.11 5.79
CA MET B 607 17.23 41.04 6.30
C MET B 607 16.61 42.29 6.90
N GLU B 608 15.60 42.86 6.23
CA GLU B 608 15.05 44.14 6.67
C GLU B 608 14.42 44.03 8.05
N HIS B 609 13.63 42.98 8.28
CA HIS B 609 13.10 42.76 9.61
C HIS B 609 14.21 42.33 10.58
N LEU B 610 15.21 41.61 10.08
CA LEU B 610 16.31 41.17 10.94
C LEU B 610 17.08 42.35 11.51
N LYS B 611 17.14 43.46 10.79
CA LYS B 611 17.80 44.64 11.32
C LYS B 611 17.05 45.22 12.50
N LYS B 612 15.73 45.18 12.47
CA LYS B 612 14.91 45.77 13.53
C LYS B 612 14.70 44.85 14.72
N ALA B 613 15.17 43.60 14.65
CA ALA B 613 14.91 42.65 15.72
C ALA B 613 15.60 43.06 17.02
N ASP B 614 14.98 42.67 18.14
CA ASP B 614 15.59 42.91 19.43
C ASP B 614 16.89 42.11 19.60
N LYS B 615 16.93 40.90 19.05
CA LYS B 615 18.13 40.08 19.06
C LYS B 615 18.06 39.10 17.89
N ILE B 616 19.23 38.68 17.43
CA ILE B 616 19.33 37.80 16.28
C ILE B 616 20.06 36.53 16.70
N LEU B 617 19.81 35.46 15.94
CA LEU B 617 20.47 34.17 16.17
C LEU B 617 20.58 33.46 14.82
N ILE B 618 21.75 33.56 14.21
CA ILE B 618 22.02 32.90 12.94
C ILE B 618 22.76 31.61 13.22
N LEU B 619 22.26 30.50 12.68
CA LEU B 619 22.87 29.19 12.85
C LEU B 619 23.15 28.56 11.50
N HIS B 620 24.32 27.94 11.39
CA HIS B 620 24.73 27.22 10.18
C HIS B 620 25.25 25.86 10.60
N GLU B 621 24.94 24.85 9.80
CA GLU B 621 25.30 23.46 10.11
C GLU B 621 24.69 23.02 11.43
N GLY B 622 23.56 23.62 11.80
CA GLY B 622 22.95 23.35 13.08
C GLY B 622 23.61 24.06 14.24
N SER B 623 24.61 24.89 14.00
CA SER B 623 25.35 25.56 15.05
C SER B 623 25.30 27.06 14.84
N SER B 624 25.06 27.80 15.92
CA SER B 624 24.98 29.26 15.84
C SER B 624 26.36 29.83 15.55
N TYR B 625 26.55 30.34 14.33
CA TYR B 625 27.81 30.99 14.00
C TYR B 625 27.93 32.32 14.73
N PHE B 626 26.85 33.09 14.79
CA PHE B 626 26.86 34.39 15.45
C PHE B 626 25.44 34.72 15.87
N TYR B 627 25.33 35.52 16.93
CA TYR B 627 24.03 35.86 17.49
C TYR B 627 24.23 37.02 18.47
N GLY B 628 23.12 37.45 19.06
CA GLY B 628 23.19 38.49 20.07
C GLY B 628 22.40 39.73 19.73
N THR B 629 22.82 40.86 20.33
CA THR B 629 22.14 42.12 20.12
C THR B 629 22.25 42.58 18.67
N PHE B 630 21.24 43.32 18.23
CA PHE B 630 21.14 43.71 16.82
C PHE B 630 22.34 44.55 16.40
N SER B 631 22.58 45.67 17.09
CA SER B 631 23.69 46.54 16.71
C SER B 631 25.02 45.86 16.94
N GLU B 632 25.16 45.13 18.05
CA GLU B 632 26.42 44.48 18.36
C GLU B 632 26.75 43.43 17.30
N LEU B 633 25.78 42.61 16.92
CA LEU B 633 26.01 41.62 15.88
C LEU B 633 26.25 42.27 14.52
N GLN B 634 25.53 43.37 14.24
CA GLN B 634 25.71 44.04 12.95
C GLN B 634 27.09 44.67 12.84
N ASN B 635 27.68 45.08 13.95
CA ASN B 635 29.00 45.71 13.92
C ASN B 635 30.15 44.72 14.08
N LEU B 636 29.93 43.61 14.79
CA LEU B 636 31.04 42.69 15.07
C LEU B 636 31.55 42.01 13.80
N GLN B 637 30.71 41.85 12.79
CA GLN B 637 31.10 41.19 11.54
C GLN B 637 30.39 41.86 10.37
N PRO B 638 30.85 43.04 9.97
CA PRO B 638 30.23 43.70 8.81
C PRO B 638 30.34 42.91 7.53
N ASP B 639 31.43 42.18 7.32
CA ASP B 639 31.57 41.38 6.09
C ASP B 639 30.54 40.25 6.06
N PHE B 640 30.34 39.56 7.19
CA PHE B 640 29.32 38.52 7.24
C PHE B 640 27.92 39.13 7.11
N SER B 641 27.70 40.29 7.71
CA SER B 641 26.39 40.94 7.63
C SER B 641 26.06 41.33 6.19
N SER B 642 27.03 41.86 5.45
CA SER B 642 26.77 42.23 4.07
C SER B 642 26.61 40.99 3.19
N LYS B 643 27.37 39.93 3.46
CA LYS B 643 27.31 38.74 2.62
C LYS B 643 25.99 37.99 2.82
N LEU B 644 25.60 37.76 4.07
CA LEU B 644 24.35 37.05 4.32
C LEU B 644 23.15 37.93 4.04
N MET B 645 23.32 39.25 4.03
CA MET B 645 22.21 40.16 3.83
C MET B 645 22.66 41.45 3.16
N THR B 844 -30.47 -2.64 -8.57
CA THR B 844 -30.82 -4.04 -8.73
C THR B 844 -32.05 -4.19 -9.61
N THR B 845 -31.87 -4.06 -10.92
CA THR B 845 -32.97 -4.15 -11.87
C THR B 845 -33.05 -5.55 -12.47
N TRP B 846 -34.27 -5.95 -12.81
CA TRP B 846 -34.45 -7.21 -13.53
C TRP B 846 -33.76 -7.16 -14.89
N ASN B 847 -33.72 -5.97 -15.50
CA ASN B 847 -32.95 -5.81 -16.72
C ASN B 847 -31.47 -6.05 -16.46
N THR B 848 -30.97 -5.64 -15.30
CA THR B 848 -29.57 -5.89 -14.98
C THR B 848 -29.29 -7.38 -14.86
N TYR B 849 -30.17 -8.11 -14.18
CA TYR B 849 -29.97 -9.54 -14.05
C TYR B 849 -30.04 -10.24 -15.40
N LEU B 850 -30.97 -9.81 -16.26
CA LEU B 850 -31.09 -10.39 -17.59
C LEU B 850 -29.84 -10.13 -18.41
N ARG B 851 -29.31 -8.91 -18.34
CA ARG B 851 -28.08 -8.60 -19.07
C ARG B 851 -26.92 -9.43 -18.55
N TYR B 852 -26.86 -9.64 -17.23
CA TYR B 852 -25.83 -10.49 -16.66
C TYR B 852 -25.96 -11.91 -17.19
N ILE B 853 -27.20 -12.39 -17.34
CA ILE B 853 -27.41 -13.73 -17.87
C ILE B 853 -27.02 -13.78 -19.34
N THR B 854 -27.38 -12.75 -20.11
CA THR B 854 -27.20 -12.79 -21.55
C THR B 854 -25.76 -12.54 -21.99
N VAL B 855 -24.81 -12.45 -21.06
CA VAL B 855 -23.46 -12.11 -21.43
C VAL B 855 -22.81 -13.22 -22.25
N HIS B 856 -22.92 -14.46 -21.80
CA HIS B 856 -22.26 -15.59 -22.46
C HIS B 856 -23.27 -16.72 -22.63
N LYS B 857 -23.37 -17.23 -23.85
CA LYS B 857 -24.40 -18.23 -24.16
C LYS B 857 -24.20 -19.52 -23.39
N SER B 858 -22.95 -19.82 -22.99
CA SER B 858 -22.69 -21.09 -22.31
C SER B 858 -23.42 -21.16 -20.98
N LEU B 859 -23.66 -20.02 -20.35
CA LEU B 859 -24.34 -20.02 -19.05
C LEU B 859 -25.76 -20.59 -19.19
N ILE B 860 -26.45 -20.24 -20.26
CA ILE B 860 -27.81 -20.73 -20.46
C ILE B 860 -27.81 -22.24 -20.64
N PHE B 861 -26.87 -22.77 -21.42
CA PHE B 861 -26.79 -24.20 -21.63
C PHE B 861 -26.47 -24.92 -20.31
N VAL B 862 -25.55 -24.37 -19.53
CA VAL B 862 -25.21 -24.98 -18.25
C VAL B 862 -26.42 -24.98 -17.32
N LEU B 863 -27.16 -23.88 -17.30
CA LEU B 863 -28.34 -23.79 -16.46
C LEU B 863 -29.40 -24.79 -16.89
N ILE B 864 -29.59 -24.93 -18.20
CA ILE B 864 -30.56 -25.90 -18.70
C ILE B 864 -30.15 -27.31 -18.29
N TRP B 865 -28.87 -27.63 -18.42
CA TRP B 865 -28.41 -28.97 -18.06
C TRP B 865 -28.62 -29.25 -16.57
N CYS B 866 -28.25 -28.29 -15.73
CA CYS B 866 -28.42 -28.48 -14.29
C CYS B 866 -29.89 -28.60 -13.92
N LEU B 867 -30.73 -27.75 -14.51
CA LEU B 867 -32.16 -27.79 -14.20
C LEU B 867 -32.78 -29.11 -14.62
N VAL B 868 -32.42 -29.60 -15.81
CA VAL B 868 -32.94 -30.87 -16.28
C VAL B 868 -32.47 -32.00 -15.38
N ILE B 869 -31.20 -31.96 -14.95
CA ILE B 869 -30.70 -32.98 -14.05
C ILE B 869 -31.47 -32.99 -12.75
N PHE B 870 -31.72 -31.80 -12.19
CA PHE B 870 -32.47 -31.71 -10.94
C PHE B 870 -33.90 -32.21 -11.11
N LEU B 871 -34.56 -31.82 -12.20
CA LEU B 871 -35.93 -32.27 -12.42
C LEU B 871 -36.00 -33.78 -12.58
N ALA B 872 -35.06 -34.35 -13.32
CA ALA B 872 -35.05 -35.79 -13.51
C ALA B 872 -34.78 -36.52 -12.20
N GLU B 873 -33.86 -35.99 -11.39
CA GLU B 873 -33.59 -36.62 -10.10
C GLU B 873 -34.81 -36.58 -9.20
N VAL B 874 -35.52 -35.44 -9.18
CA VAL B 874 -36.71 -35.33 -8.36
C VAL B 874 -37.78 -36.29 -8.84
N ALA B 875 -37.97 -36.39 -10.16
CA ALA B 875 -38.97 -37.28 -10.70
C ALA B 875 -38.64 -38.73 -10.39
N ALA B 876 -37.36 -39.10 -10.49
CA ALA B 876 -36.95 -40.46 -10.17
C ALA B 876 -37.16 -40.77 -8.70
N SER B 877 -36.84 -39.81 -7.83
CA SER B 877 -37.09 -40.01 -6.40
C SER B 877 -38.56 -40.19 -6.11
N LEU B 878 -39.41 -39.38 -6.77
CA LEU B 878 -40.84 -39.51 -6.57
C LEU B 878 -41.36 -40.86 -7.04
N VAL B 879 -40.84 -41.33 -8.19
CA VAL B 879 -41.24 -42.63 -8.70
C VAL B 879 -40.83 -43.73 -7.74
N VAL B 880 -39.60 -43.64 -7.21
CA VAL B 880 -39.13 -44.63 -6.25
C VAL B 880 -40.01 -44.65 -5.02
N LEU B 881 -40.34 -43.45 -4.51
CA LEU B 881 -41.18 -43.37 -3.32
C LEU B 881 -42.56 -43.97 -3.58
N TRP B 882 -43.16 -43.64 -4.72
CA TRP B 882 -44.49 -44.13 -5.05
C TRP B 882 -44.50 -45.64 -5.19
N LEU B 883 -43.49 -46.18 -5.87
CA LEU B 883 -43.42 -47.63 -6.06
C LEU B 883 -43.19 -48.35 -4.74
N LEU B 884 -42.28 -47.83 -3.91
CA LEU B 884 -41.94 -48.52 -2.66
C LEU B 884 -43.10 -48.45 -1.67
N GLY B 885 -43.76 -47.30 -1.59
CA GLY B 885 -44.87 -47.16 -0.66
C GLY B 885 -46.15 -47.81 -1.11
N ASN B 886 -46.24 -48.16 -2.39
CA ASN B 886 -47.44 -48.79 -2.92
C ASN B 886 -47.15 -49.47 -4.25
N THR B 910 -33.85 -57.85 0.65
CA THR B 910 -35.14 -57.31 1.06
C THR B 910 -34.95 -56.08 1.93
N SER B 911 -34.08 -56.20 2.94
CA SER B 911 -33.79 -55.06 3.80
C SER B 911 -33.07 -53.94 3.06
N SER B 912 -32.51 -54.22 1.89
CA SER B 912 -31.94 -53.16 1.07
C SER B 912 -33.02 -52.16 0.65
N TYR B 913 -34.25 -52.64 0.44
CA TYR B 913 -35.34 -51.73 0.16
C TYR B 913 -35.62 -50.80 1.33
N TYR B 914 -35.52 -51.32 2.57
CA TYR B 914 -35.68 -50.47 3.73
C TYR B 914 -34.54 -49.47 3.87
N VAL B 915 -33.31 -49.93 3.60
CA VAL B 915 -32.16 -49.03 3.72
C VAL B 915 -32.21 -47.93 2.67
N PHE B 916 -32.79 -48.23 1.49
CA PHE B 916 -32.89 -47.24 0.44
C PHE B 916 -33.73 -46.04 0.85
N TYR B 917 -34.59 -46.19 1.87
CA TYR B 917 -35.33 -45.05 2.37
C TYR B 917 -34.40 -43.97 2.91
N ILE B 918 -33.21 -44.35 3.34
CA ILE B 918 -32.26 -43.35 3.81
C ILE B 918 -31.85 -42.43 2.68
N TYR B 919 -31.86 -42.93 1.43
CA TYR B 919 -31.53 -42.08 0.30
C TYR B 919 -32.50 -40.93 0.18
N VAL B 920 -33.75 -41.15 0.55
CA VAL B 920 -34.70 -40.04 0.63
C VAL B 920 -34.58 -39.32 1.97
N GLY B 921 -34.01 -39.99 2.98
CA GLY B 921 -34.02 -39.44 4.32
C GLY B 921 -33.27 -38.13 4.48
N VAL B 922 -32.23 -37.92 3.68
CA VAL B 922 -31.44 -36.70 3.73
C VAL B 922 -31.73 -35.91 2.46
N ALA B 923 -32.39 -34.77 2.62
CA ALA B 923 -32.69 -33.93 1.46
C ALA B 923 -31.42 -33.38 0.83
N ASP B 924 -30.41 -33.08 1.65
CA ASP B 924 -29.18 -32.50 1.13
C ASP B 924 -28.51 -33.43 0.13
N THR B 925 -28.30 -34.68 0.51
CA THR B 925 -27.66 -35.63 -0.41
C THR B 925 -28.58 -35.97 -1.57
N LEU B 926 -29.89 -36.06 -1.33
CA LEU B 926 -30.81 -36.43 -2.39
C LEU B 926 -30.85 -35.38 -3.49
N LEU B 927 -30.80 -34.10 -3.11
CA LEU B 927 -30.87 -33.00 -4.06
C LEU B 927 -29.52 -32.33 -4.26
N ALA B 928 -28.42 -32.97 -3.85
CA ALA B 928 -27.10 -32.37 -3.97
C ALA B 928 -26.76 -32.12 -5.43
N MET B 929 -26.23 -30.93 -5.72
CA MET B 929 -25.73 -30.62 -7.05
C MET B 929 -24.58 -31.56 -7.40
N GLY B 930 -24.77 -32.38 -8.44
CA GLY B 930 -23.76 -33.37 -8.77
C GLY B 930 -22.42 -32.74 -9.09
N PHE B 931 -21.36 -33.45 -8.71
CA PHE B 931 -20.01 -32.98 -9.01
C PHE B 931 -19.78 -32.86 -10.52
N PHE B 932 -20.52 -33.64 -11.30
CA PHE B 932 -20.44 -33.55 -12.76
C PHE B 932 -21.24 -32.38 -13.32
N ARG B 933 -21.86 -31.58 -12.47
CA ARG B 933 -22.65 -30.44 -12.91
C ARG B 933 -22.15 -29.10 -12.36
N GLY B 934 -21.70 -29.07 -11.10
CA GLY B 934 -21.40 -27.80 -10.47
C GLY B 934 -20.20 -27.09 -11.07
N LEU B 935 -19.16 -27.82 -11.43
CA LEU B 935 -17.96 -27.20 -11.98
C LEU B 935 -18.27 -26.39 -13.24
N PRO B 936 -19.11 -26.86 -14.15
CA PRO B 936 -19.42 -26.03 -15.32
C PRO B 936 -20.03 -24.69 -14.96
N LEU B 937 -20.83 -24.63 -13.90
CA LEU B 937 -21.45 -23.36 -13.52
C LEU B 937 -20.38 -22.34 -13.12
N VAL B 938 -19.44 -22.76 -12.27
CA VAL B 938 -18.40 -21.84 -11.84
C VAL B 938 -17.48 -21.48 -13.00
N HIS B 939 -17.19 -22.45 -13.88
CA HIS B 939 -16.34 -22.16 -15.03
C HIS B 939 -16.99 -21.11 -15.93
N THR B 940 -18.30 -21.25 -16.16
CA THR B 940 -19.02 -20.25 -16.91
C THR B 940 -19.02 -18.90 -16.20
N LEU B 941 -19.11 -18.92 -14.86
CA LEU B 941 -19.05 -17.67 -14.13
C LEU B 941 -17.72 -16.96 -14.35
N ILE B 942 -16.63 -17.71 -14.27
CA ILE B 942 -15.31 -17.12 -14.47
C ILE B 942 -15.17 -16.62 -15.91
N THR B 943 -15.67 -17.39 -16.87
CA THR B 943 -15.56 -16.99 -18.27
C THR B 943 -16.37 -15.72 -18.55
N VAL B 944 -17.57 -15.62 -17.98
CA VAL B 944 -18.36 -14.42 -18.16
C VAL B 944 -17.70 -13.23 -17.50
N SER B 945 -17.08 -13.44 -16.35
CA SER B 945 -16.35 -12.34 -15.71
C SER B 945 -15.21 -11.87 -16.59
N LYS B 946 -14.48 -12.81 -17.20
CA LYS B 946 -13.39 -12.43 -18.10
C LYS B 946 -13.92 -11.68 -19.31
N ILE B 947 -15.04 -12.14 -19.86
CA ILE B 947 -15.63 -11.48 -21.01
C ILE B 947 -16.05 -10.07 -20.64
N LEU B 948 -16.62 -9.91 -19.44
CA LEU B 948 -17.00 -8.59 -18.98
C LEU B 948 -15.79 -7.69 -18.81
N HIS B 949 -14.69 -8.24 -18.30
CA HIS B 949 -13.47 -7.44 -18.13
C HIS B 949 -12.95 -6.97 -19.49
N HIS B 950 -12.93 -7.86 -20.47
CA HIS B 950 -12.47 -7.48 -21.80
C HIS B 950 -13.38 -6.43 -22.41
N LYS B 951 -14.70 -6.59 -22.24
CA LYS B 951 -15.64 -5.60 -22.78
C LYS B 951 -15.46 -4.25 -22.11
N MET B 952 -15.26 -4.25 -20.80
CA MET B 952 -15.05 -2.99 -20.08
C MET B 952 -13.77 -2.31 -20.55
N LEU B 953 -12.70 -3.08 -20.73
CA LEU B 953 -11.45 -2.51 -21.21
C LEU B 953 -11.63 -1.91 -22.60
N HIS B 954 -12.29 -2.64 -23.50
CA HIS B 954 -12.49 -2.12 -24.84
C HIS B 954 -13.34 -0.85 -24.83
N SER B 955 -14.38 -0.84 -24.01
CA SER B 955 -15.25 0.33 -23.95
C SER B 955 -14.51 1.54 -23.40
N VAL B 956 -13.72 1.34 -22.34
CA VAL B 956 -13.00 2.45 -21.74
C VAL B 956 -12.03 3.05 -22.73
N LEU B 957 -11.52 2.24 -23.66
CA LEU B 957 -10.56 2.76 -24.63
C LEU B 957 -11.20 3.74 -25.61
N GLN B 958 -12.51 3.65 -25.82
CA GLN B 958 -13.17 4.45 -26.84
C GLN B 958 -14.00 5.60 -26.31
N ALA B 959 -14.15 5.73 -24.99
CA ALA B 959 -15.03 6.74 -24.44
C ALA B 959 -14.56 8.14 -24.82
N PRO B 960 -15.47 9.07 -25.09
CA PRO B 960 -15.07 10.45 -25.36
C PRO B 960 -14.43 11.09 -24.14
N MET B 961 -13.44 11.95 -24.38
CA MET B 961 -12.76 12.61 -23.27
C MET B 961 -13.69 13.51 -22.49
N SER B 962 -14.73 14.05 -23.15
CA SER B 962 -15.61 15.01 -22.50
C SER B 962 -16.32 14.38 -21.30
N THR B 963 -16.82 13.16 -21.47
CA THR B 963 -17.39 12.47 -20.32
C THR B 963 -16.29 11.95 -19.41
N LEU B 964 -15.12 11.66 -19.96
CA LEU B 964 -14.03 11.13 -19.15
C LEU B 964 -13.58 12.14 -18.10
N ASN B 965 -13.46 13.41 -18.49
CA ASN B 965 -13.05 14.42 -17.53
C ASN B 965 -14.12 14.69 -16.50
N THR B 966 -15.38 14.45 -16.85
CA THR B 966 -16.47 14.70 -15.92
C THR B 966 -16.35 13.84 -14.67
N LEU B 967 -16.05 12.56 -14.85
CA LEU B 967 -15.82 11.68 -13.71
C LEU B 967 -14.42 11.88 -13.18
N LYS B 968 -14.27 11.78 -11.86
CA LYS B 968 -12.95 11.85 -11.24
C LYS B 968 -12.12 10.63 -11.63
N ALA B 969 -10.81 10.85 -11.79
CA ALA B 969 -9.94 9.78 -12.26
C ALA B 969 -9.86 8.63 -11.27
N GLY B 970 -9.99 8.91 -9.97
CA GLY B 970 -9.96 7.85 -8.98
C GLY B 970 -11.13 6.90 -9.10
N GLY B 971 -12.25 7.36 -9.64
CA GLY B 971 -13.31 6.46 -9.97
C GLY B 971 -12.95 5.48 -11.06
N ILE B 972 -12.07 5.88 -11.98
CA ILE B 972 -11.62 4.94 -13.00
C ILE B 972 -10.84 3.82 -12.36
N LEU B 973 -10.04 4.12 -11.34
CA LEU B 973 -9.33 3.08 -10.62
C LEU B 973 -10.30 2.20 -9.85
N ASN B 974 -11.24 2.82 -9.13
CA ASN B 974 -12.22 2.05 -8.37
C ASN B 974 -13.12 1.21 -9.27
N ARG B 975 -13.20 1.56 -10.55
CA ARG B 975 -14.03 0.81 -11.49
C ARG B 975 -13.56 -0.62 -11.67
N PHE B 976 -12.28 -0.90 -11.38
CA PHE B 976 -11.76 -2.25 -11.49
C PHE B 976 -11.01 -2.73 -10.26
N SER B 977 -10.58 -1.85 -9.37
CA SER B 977 -9.73 -2.26 -8.25
C SER B 977 -10.43 -3.25 -7.35
N LYS B 978 -11.72 -3.09 -7.12
CA LYS B 978 -12.43 -3.97 -6.20
C LYS B 978 -13.61 -4.64 -6.90
N ASP B 979 -14.22 -3.93 -7.85
CA ASP B 979 -15.43 -4.44 -8.50
C ASP B 979 -15.14 -5.72 -9.27
N ILE B 980 -14.07 -5.74 -10.06
CA ILE B 980 -13.73 -6.95 -10.79
C ILE B 980 -13.37 -8.06 -9.83
N ALA B 981 -12.71 -7.72 -8.72
CA ALA B 981 -12.36 -8.74 -7.73
C ALA B 981 -13.61 -9.33 -7.09
N ILE B 982 -14.58 -8.49 -6.75
CA ILE B 982 -15.81 -9.00 -6.18
C ILE B 982 -16.54 -9.87 -7.19
N LEU B 983 -16.53 -9.47 -8.45
CA LEU B 983 -17.18 -10.27 -9.49
C LEU B 983 -16.51 -11.62 -9.64
N ASP B 984 -15.19 -11.65 -9.59
CA ASP B 984 -14.47 -12.91 -9.75
C ASP B 984 -14.70 -13.83 -8.56
N ASP B 985 -14.51 -13.31 -7.35
CA ASP B 985 -14.50 -14.17 -6.16
C ASP B 985 -15.88 -14.30 -5.53
N LEU B 986 -16.46 -13.18 -5.10
CA LEU B 986 -17.64 -13.25 -4.23
C LEU B 986 -18.86 -13.74 -4.99
N LEU B 987 -19.12 -13.15 -6.16
CA LEU B 987 -20.39 -13.39 -6.84
C LEU B 987 -20.59 -14.86 -7.24
N PRO B 988 -19.61 -15.54 -7.81
CA PRO B 988 -19.87 -16.92 -8.24
C PRO B 988 -20.21 -17.85 -7.08
N LEU B 989 -19.44 -17.78 -5.99
CA LEU B 989 -19.68 -18.68 -4.86
C LEU B 989 -21.06 -18.43 -4.27
N THR B 990 -21.41 -17.16 -4.06
CA THR B 990 -22.71 -16.84 -3.48
C THR B 990 -23.84 -17.27 -4.40
N ILE B 991 -23.70 -17.01 -5.70
CA ILE B 991 -24.77 -17.36 -6.63
C ILE B 991 -24.96 -18.87 -6.67
N PHE B 992 -23.87 -19.62 -6.73
CA PHE B 992 -23.97 -21.07 -6.78
C PHE B 992 -24.57 -21.63 -5.51
N ASP B 993 -24.16 -21.11 -4.36
CA ASP B 993 -24.71 -21.60 -3.09
C ASP B 993 -26.20 -21.30 -3.00
N PHE B 994 -26.60 -20.09 -3.39
CA PHE B 994 -28.02 -19.74 -3.36
C PHE B 994 -28.82 -20.64 -4.30
N ILE B 995 -28.28 -20.89 -5.50
CA ILE B 995 -29.00 -21.73 -6.46
C ILE B 995 -29.15 -23.15 -5.91
N GLN B 996 -28.08 -23.71 -5.36
CA GLN B 996 -28.14 -25.07 -4.85
C GLN B 996 -29.13 -25.18 -3.71
N LEU B 997 -29.07 -24.22 -2.78
CA LEU B 997 -29.98 -24.24 -1.64
C LEU B 997 -31.43 -24.10 -2.10
N LEU B 998 -31.68 -23.20 -3.05
CA LEU B 998 -33.04 -23.02 -3.55
C LEU B 998 -33.55 -24.28 -4.21
N LEU B 999 -32.69 -24.93 -5.01
CA LEU B 999 -33.11 -26.16 -5.67
C LEU B 999 -33.43 -27.24 -4.64
N ILE B 1000 -32.61 -27.35 -3.60
CA ILE B 1000 -32.85 -28.36 -2.57
C ILE B 1000 -34.17 -28.07 -1.85
N VAL B 1001 -34.41 -26.81 -1.52
CA VAL B 1001 -35.64 -26.45 -0.82
C VAL B 1001 -36.85 -26.74 -1.69
N ILE B 1002 -36.78 -26.38 -2.97
CA ILE B 1002 -37.91 -26.61 -3.87
C ILE B 1002 -38.15 -28.09 -4.03
N GLY B 1003 -37.08 -28.89 -4.09
CA GLY B 1003 -37.24 -30.32 -4.20
C GLY B 1003 -37.89 -30.92 -2.96
N ALA B 1004 -37.51 -30.41 -1.80
CA ALA B 1004 -38.17 -30.85 -0.56
C ALA B 1004 -39.64 -30.51 -0.59
N ILE B 1005 -39.97 -29.31 -1.09
CA ILE B 1005 -41.36 -28.91 -1.17
C ILE B 1005 -42.14 -29.85 -2.09
N ALA B 1006 -41.56 -30.18 -3.23
CA ALA B 1006 -42.23 -31.08 -4.17
C ALA B 1006 -42.40 -32.46 -3.56
N VAL B 1007 -41.39 -32.93 -2.84
CA VAL B 1007 -41.49 -34.24 -2.21
C VAL B 1007 -42.63 -34.24 -1.19
N VAL B 1008 -42.73 -33.17 -0.40
CA VAL B 1008 -43.79 -33.11 0.61
C VAL B 1008 -45.16 -33.05 -0.06
N ALA B 1009 -45.26 -32.32 -1.17
CA ALA B 1009 -46.53 -32.25 -1.88
C ALA B 1009 -46.90 -33.60 -2.47
N VAL B 1010 -45.90 -34.40 -2.84
CA VAL B 1010 -46.17 -35.75 -3.32
C VAL B 1010 -46.77 -36.62 -2.23
N LEU B 1011 -46.51 -36.29 -0.96
CA LEU B 1011 -47.00 -37.14 0.13
C LEU B 1011 -48.51 -37.13 0.21
N GLN B 1012 -49.13 -35.96 0.09
CA GLN B 1012 -50.57 -35.84 0.28
C GLN B 1012 -51.09 -34.69 -0.56
N PRO B 1013 -52.34 -34.73 -0.96
CA PRO B 1013 -52.92 -33.67 -1.80
C PRO B 1013 -53.55 -32.52 -1.04
N TYR B 1014 -52.82 -32.00 -0.05
CA TYR B 1014 -53.28 -30.80 0.64
C TYR B 1014 -52.17 -29.78 0.87
N ILE B 1015 -50.91 -30.21 0.67
CA ILE B 1015 -49.76 -29.42 1.13
C ILE B 1015 -49.66 -28.12 0.34
N PHE B 1016 -49.79 -28.18 -0.97
CA PHE B 1016 -49.55 -26.99 -1.79
C PHE B 1016 -50.53 -25.88 -1.46
N VAL B 1017 -51.77 -26.25 -1.13
CA VAL B 1017 -52.81 -25.26 -0.89
C VAL B 1017 -52.42 -24.34 0.26
N ALA B 1018 -51.69 -24.85 1.24
CA ALA B 1018 -51.22 -24.02 2.33
C ALA B 1018 -49.82 -23.46 2.08
N THR B 1019 -48.97 -24.23 1.38
CA THR B 1019 -47.60 -23.79 1.15
C THR B 1019 -47.54 -22.54 0.29
N VAL B 1020 -48.42 -22.43 -0.72
CA VAL B 1020 -48.35 -21.30 -1.64
C VAL B 1020 -48.56 -19.97 -0.93
N PRO B 1021 -49.57 -19.81 -0.06
CA PRO B 1021 -49.70 -18.53 0.64
C PRO B 1021 -48.50 -18.21 1.50
N VAL B 1022 -47.85 -19.22 2.07
CA VAL B 1022 -46.66 -18.99 2.87
C VAL B 1022 -45.55 -18.42 2.01
N ILE B 1023 -45.34 -18.99 0.83
CA ILE B 1023 -44.29 -18.50 -0.06
C ILE B 1023 -44.62 -17.09 -0.54
N VAL B 1024 -45.88 -16.83 -0.86
CA VAL B 1024 -46.26 -15.50 -1.35
C VAL B 1024 -46.04 -14.45 -0.27
N ALA B 1025 -46.46 -14.75 0.97
CA ALA B 1025 -46.25 -13.81 2.07
C ALA B 1025 -44.77 -13.62 2.35
N PHE B 1026 -43.98 -14.68 2.23
CA PHE B 1026 -42.54 -14.56 2.41
C PHE B 1026 -41.94 -13.64 1.38
N ILE B 1027 -42.36 -13.77 0.12
CA ILE B 1027 -41.84 -12.90 -0.93
C ILE B 1027 -42.22 -11.46 -0.67
N MET B 1028 -43.47 -11.23 -0.26
CA MET B 1028 -43.91 -9.87 0.04
C MET B 1028 -43.12 -9.28 1.19
N LEU B 1029 -42.90 -10.06 2.24
CA LEU B 1029 -42.15 -9.58 3.39
C LEU B 1029 -40.71 -9.27 3.01
N ARG B 1030 -40.09 -10.14 2.20
CA ARG B 1030 -38.73 -9.89 1.76
C ARG B 1030 -38.66 -8.62 0.93
N ALA B 1031 -39.62 -8.41 0.04
CA ALA B 1031 -39.63 -7.20 -0.78
C ALA B 1031 -39.77 -5.96 0.08
N TYR B 1032 -40.65 -6.00 1.08
CA TYR B 1032 -40.83 -4.85 1.96
C TYR B 1032 -39.56 -4.56 2.75
N PHE B 1033 -38.92 -5.60 3.28
CA PHE B 1033 -37.72 -5.42 4.08
C PHE B 1033 -36.55 -4.93 3.23
N LEU B 1034 -36.53 -5.30 1.95
CA LEU B 1034 -35.38 -4.99 1.10
C LEU B 1034 -35.15 -3.49 0.98
N GLN B 1035 -36.23 -2.72 0.80
CA GLN B 1035 -36.08 -1.29 0.59
C GLN B 1035 -35.43 -0.63 1.80
N THR B 1036 -35.96 -0.90 2.99
CA THR B 1036 -35.41 -0.31 4.20
C THR B 1036 -33.99 -0.81 4.43
N SER B 1037 -33.73 -2.09 4.17
CA SER B 1037 -32.39 -2.61 4.38
C SER B 1037 -31.38 -1.91 3.50
N GLN B 1038 -31.70 -1.75 2.21
CA GLN B 1038 -30.79 -1.08 1.30
C GLN B 1038 -30.58 0.38 1.69
N GLN B 1039 -31.67 1.07 2.06
CA GLN B 1039 -31.53 2.46 2.44
C GLN B 1039 -30.63 2.61 3.67
N LEU B 1040 -30.84 1.75 4.66
CA LEU B 1040 -30.04 1.82 5.88
C LEU B 1040 -28.59 1.50 5.59
N LYS B 1041 -28.34 0.48 4.76
CA LYS B 1041 -26.97 0.10 4.44
C LYS B 1041 -26.25 1.23 3.72
N GLN B 1042 -26.92 1.85 2.75
CA GLN B 1042 -26.31 2.96 2.02
C GLN B 1042 -26.03 4.15 2.94
N LEU B 1043 -26.99 4.49 3.80
CA LEU B 1043 -26.77 5.61 4.71
C LEU B 1043 -25.60 5.32 5.65
N GLU B 1044 -25.53 4.11 6.19
CA GLU B 1044 -24.47 3.76 7.13
C GLU B 1044 -23.11 3.77 6.44
N SER B 1045 -23.04 3.22 5.22
CA SER B 1045 -21.79 3.24 4.48
C SER B 1045 -21.36 4.66 4.16
N GLU B 1046 -22.32 5.51 3.79
CA GLU B 1046 -21.99 6.89 3.46
C GLU B 1046 -21.47 7.64 4.68
N GLY B 1047 -22.09 7.42 5.84
CA GLY B 1047 -21.70 8.16 7.02
C GLY B 1047 -20.37 7.78 7.63
N ARG B 1048 -19.89 6.57 7.34
CA ARG B 1048 -18.66 6.11 7.96
C ARG B 1048 -17.47 6.98 7.59
N SER B 1049 -17.49 7.58 6.40
CA SER B 1049 -16.36 8.36 5.95
C SER B 1049 -16.03 9.55 6.85
N PRO B 1050 -17.00 10.27 7.40
CA PRO B 1050 -16.65 11.45 8.20
C PRO B 1050 -15.75 11.14 9.37
N ILE B 1051 -15.86 9.95 9.96
CA ILE B 1051 -15.00 9.60 11.08
C ILE B 1051 -13.55 9.51 10.64
N PHE B 1052 -13.31 8.82 9.52
CA PHE B 1052 -11.94 8.76 9.01
C PHE B 1052 -11.47 10.14 8.57
N THR B 1053 -12.39 10.99 8.11
CA THR B 1053 -12.01 12.36 7.75
C THR B 1053 -11.53 13.13 8.97
N HIS B 1054 -12.25 13.03 10.08
CA HIS B 1054 -11.82 13.70 11.30
C HIS B 1054 -10.50 13.13 11.80
N LEU B 1055 -10.33 11.81 11.69
CA LEU B 1055 -9.08 11.19 12.11
C LEU B 1055 -7.91 11.70 11.28
N VAL B 1056 -8.10 11.82 9.97
CA VAL B 1056 -7.04 12.31 9.10
C VAL B 1056 -6.75 13.78 9.40
N THR B 1057 -7.79 14.56 9.69
CA THR B 1057 -7.58 15.95 10.05
C THR B 1057 -6.76 16.06 11.33
N SER B 1058 -7.06 15.20 12.31
CA SER B 1058 -6.28 15.20 13.55
C SER B 1058 -4.84 14.79 13.27
N LEU B 1059 -4.63 13.79 12.41
CA LEU B 1059 -3.28 13.37 12.10
C LEU B 1059 -2.49 14.49 11.45
N LYS B 1060 -3.14 15.24 10.57
CA LYS B 1060 -2.46 16.36 9.92
C LYS B 1060 -2.14 17.47 10.91
N GLY B 1061 -3.09 17.80 11.79
CA GLY B 1061 -2.91 18.93 12.67
C GLY B 1061 -2.30 18.64 14.02
N LEU B 1062 -1.83 17.40 14.26
CA LEU B 1062 -1.35 16.98 15.58
C LEU B 1062 -0.51 18.04 16.28
N TRP B 1063 0.48 18.62 15.60
CA TRP B 1063 1.36 19.57 16.28
C TRP B 1063 0.60 20.82 16.70
N THR B 1064 -0.20 21.38 15.80
CA THR B 1064 -0.95 22.58 16.15
C THR B 1064 -1.97 22.30 17.24
N LEU B 1065 -2.56 21.11 17.22
CA LEU B 1065 -3.50 20.73 18.26
C LEU B 1065 -2.81 20.64 19.62
N ARG B 1066 -1.62 20.04 19.65
CA ARG B 1066 -0.86 19.98 20.89
C ARG B 1066 -0.51 21.38 21.36
N ALA B 1067 -0.28 22.29 20.43
CA ALA B 1067 -0.05 23.68 20.79
C ALA B 1067 -1.31 24.30 21.41
N PHE B 1068 -2.47 24.06 20.80
CA PHE B 1068 -3.69 24.72 21.23
C PHE B 1068 -4.15 24.24 22.61
N GLY B 1069 -4.04 22.94 22.87
CA GLY B 1069 -4.48 22.42 24.15
C GLY B 1069 -5.97 22.36 24.35
N ARG B 1070 -6.76 22.57 23.30
CA ARG B 1070 -8.21 22.59 23.37
C ARG B 1070 -8.82 21.26 22.93
N GLN B 1071 -8.16 20.16 23.26
CA GLN B 1071 -8.49 18.84 22.75
C GLN B 1071 -9.93 18.44 23.09
N PRO B 1072 -10.53 19.03 24.12
CA PRO B 1072 -11.91 18.66 24.46
C PRO B 1072 -12.89 18.84 23.33
N TYR B 1073 -12.74 19.91 22.54
CA TYR B 1073 -13.66 20.12 21.43
C TYR B 1073 -13.49 19.05 20.37
N PHE B 1074 -12.25 18.65 20.09
CA PHE B 1074 -12.01 17.58 19.14
C PHE B 1074 -12.61 16.27 19.64
N GLU B 1075 -12.51 16.02 20.94
CA GLU B 1075 -13.14 14.83 21.52
C GLU B 1075 -14.65 14.89 21.36
N THR B 1076 -15.23 16.08 21.55
CA THR B 1076 -16.66 16.24 21.37
C THR B 1076 -17.07 15.94 19.93
N LEU B 1077 -16.29 16.43 18.97
CA LEU B 1077 -16.60 16.17 17.56
C LEU B 1077 -16.48 14.69 17.23
N PHE B 1078 -15.43 14.04 17.71
CA PHE B 1078 -15.24 12.61 17.44
C PHE B 1078 -16.36 11.79 18.02
N HIS B 1079 -16.75 12.09 19.26
CA HIS B 1079 -17.86 11.39 19.88
C HIS B 1079 -19.17 11.62 19.13
N LYS B 1080 -19.40 12.86 18.68
CA LYS B 1080 -20.62 13.15 17.95
C LYS B 1080 -20.69 12.36 16.66
N ALA B 1081 -19.58 12.31 15.92
CA ALA B 1081 -19.57 11.54 14.67
C ALA B 1081 -19.74 10.05 14.93
N LEU B 1082 -19.07 9.54 15.96
CA LEU B 1082 -19.19 8.12 16.28
C LEU B 1082 -20.63 7.77 16.65
N ASN B 1083 -21.28 8.62 17.44
CA ASN B 1083 -22.67 8.37 17.81
C ASN B 1083 -23.59 8.47 16.59
N LEU B 1084 -23.29 9.40 15.69
CA LEU B 1084 -24.10 9.53 14.48
C LEU B 1084 -24.04 8.26 13.65
N HIS B 1085 -22.84 7.70 13.48
CA HIS B 1085 -22.72 6.44 12.75
C HIS B 1085 -23.39 5.30 13.52
N THR B 1086 -23.23 5.30 14.83
CA THR B 1086 -23.80 4.23 15.66
C THR B 1086 -25.31 4.21 15.58
N ALA B 1087 -25.94 5.37 15.43
CA ALA B 1087 -27.40 5.40 15.33
C ALA B 1087 -27.86 4.61 14.11
N ASN B 1088 -27.26 4.89 12.95
CA ASN B 1088 -27.62 4.16 11.74
C ASN B 1088 -27.29 2.67 11.88
N TRP B 1089 -26.15 2.36 12.49
CA TRP B 1089 -25.74 0.96 12.61
C TRP B 1089 -26.74 0.18 13.47
N PHE B 1090 -27.12 0.75 14.61
CA PHE B 1090 -28.09 0.08 15.48
C PHE B 1090 -29.44 -0.04 14.82
N LEU B 1091 -29.86 1.00 14.08
CA LEU B 1091 -31.14 0.92 13.39
C LEU B 1091 -31.14 -0.20 12.36
N TYR B 1092 -30.09 -0.30 11.56
CA TYR B 1092 -30.02 -1.35 10.55
C TYR B 1092 -30.00 -2.72 11.17
N LEU B 1093 -29.21 -2.89 12.23
CA LEU B 1093 -29.15 -4.18 12.90
C LEU B 1093 -30.51 -4.56 13.47
N SER B 1094 -31.22 -3.59 14.06
CA SER B 1094 -32.53 -3.88 14.61
C SER B 1094 -33.51 -4.28 13.53
N THR B 1095 -33.46 -3.58 12.39
CA THR B 1095 -34.35 -3.94 11.29
C THR B 1095 -34.07 -5.34 10.80
N LEU B 1096 -32.79 -5.70 10.69
CA LEU B 1096 -32.43 -7.04 10.26
C LEU B 1096 -32.91 -8.08 11.26
N ARG B 1097 -32.80 -7.76 12.55
CA ARG B 1097 -33.27 -8.69 13.57
C ARG B 1097 -34.77 -8.91 13.46
N TRP B 1098 -35.52 -7.82 13.23
CA TRP B 1098 -36.96 -7.95 13.07
C TRP B 1098 -37.30 -8.79 11.85
N PHE B 1099 -36.54 -8.62 10.77
CA PHE B 1099 -36.74 -9.44 9.59
C PHE B 1099 -36.48 -10.92 9.88
N GLN B 1100 -35.41 -11.21 10.61
CA GLN B 1100 -35.10 -12.60 10.95
C GLN B 1100 -36.20 -13.21 11.80
N MET B 1101 -36.69 -12.46 12.79
CA MET B 1101 -37.74 -12.95 13.66
C MET B 1101 -39.03 -13.21 12.88
N ARG B 1102 -39.38 -12.29 11.98
CA ARG B 1102 -40.60 -12.47 11.20
C ARG B 1102 -40.49 -13.66 10.26
N ILE B 1103 -39.33 -13.86 9.64
CA ILE B 1103 -39.14 -15.01 8.76
C ILE B 1103 -39.25 -16.29 9.56
N GLU B 1104 -38.68 -16.31 10.76
CA GLU B 1104 -38.78 -17.49 11.61
C GLU B 1104 -40.24 -17.75 11.99
N MET B 1105 -40.99 -16.70 12.28
CA MET B 1105 -42.40 -16.87 12.62
C MET B 1105 -43.19 -17.45 11.46
N ILE B 1106 -42.92 -16.96 10.25
CA ILE B 1106 -43.63 -17.48 9.08
C ILE B 1106 -43.30 -18.94 8.87
N PHE B 1107 -42.03 -19.30 9.00
CA PHE B 1107 -41.62 -20.69 8.82
C PHE B 1107 -42.27 -21.58 9.88
N VAL B 1108 -42.32 -21.11 11.12
CA VAL B 1108 -42.91 -21.89 12.20
C VAL B 1108 -44.40 -22.09 11.95
N ILE B 1109 -45.08 -21.05 11.48
CA ILE B 1109 -46.51 -21.16 11.20
C ILE B 1109 -46.74 -22.20 10.10
N PHE B 1110 -45.94 -22.13 9.04
CA PHE B 1110 -46.11 -23.08 7.94
C PHE B 1110 -45.86 -24.51 8.41
N PHE B 1111 -44.81 -24.71 9.20
CA PHE B 1111 -44.50 -26.04 9.70
C PHE B 1111 -45.61 -26.56 10.60
N ILE B 1112 -46.16 -25.69 11.44
CA ILE B 1112 -47.23 -26.11 12.34
C ILE B 1112 -48.45 -26.52 11.55
N ALA B 1113 -48.80 -25.74 10.52
CA ALA B 1113 -49.96 -26.07 9.70
C ALA B 1113 -49.76 -27.41 8.99
N VAL B 1114 -48.58 -27.63 8.43
CA VAL B 1114 -48.31 -28.89 7.75
C VAL B 1114 -48.37 -30.04 8.73
N THR B 1115 -47.85 -29.84 9.95
CA THR B 1115 -47.87 -30.88 10.96
C THR B 1115 -49.30 -31.23 11.35
N PHE B 1116 -50.15 -30.22 11.52
CA PHE B 1116 -51.54 -30.48 11.86
C PHE B 1116 -52.23 -31.24 10.73
N ILE B 1117 -51.95 -30.85 9.49
CA ILE B 1117 -52.57 -31.52 8.35
C ILE B 1117 -52.14 -32.99 8.31
N SER B 1118 -50.86 -33.25 8.52
CA SER B 1118 -50.38 -34.62 8.52
C SER B 1118 -50.98 -35.41 9.66
N ILE B 1119 -51.11 -34.80 10.84
CA ILE B 1119 -51.65 -35.50 11.99
C ILE B 1119 -53.09 -35.89 11.74
N LEU B 1120 -53.86 -35.01 11.09
CA LEU B 1120 -55.22 -35.38 10.72
C LEU B 1120 -55.24 -36.52 9.71
N THR B 1121 -54.20 -36.63 8.89
CA THR B 1121 -54.11 -37.70 7.90
C THR B 1121 -53.84 -39.03 8.58
N GLY B 1125 -50.34 -45.38 6.72
CA GLY B 1125 -49.05 -45.10 6.13
C GLY B 1125 -48.06 -44.51 7.12
N GLU B 1126 -46.99 -45.25 7.40
CA GLU B 1126 -45.99 -44.83 8.37
C GLU B 1126 -44.80 -44.15 7.72
N GLY B 1127 -44.26 -44.72 6.63
CA GLY B 1127 -43.08 -44.16 6.02
C GLY B 1127 -43.30 -42.79 5.44
N ARG B 1128 -44.49 -42.54 4.88
CA ARG B 1128 -44.79 -41.21 4.36
C ARG B 1128 -44.82 -40.18 5.47
N VAL B 1129 -45.45 -40.53 6.59
CA VAL B 1129 -45.52 -39.59 7.71
C VAL B 1129 -44.13 -39.28 8.24
N GLY B 1130 -43.31 -40.33 8.39
CA GLY B 1130 -41.96 -40.11 8.88
C GLY B 1130 -41.13 -39.28 7.92
N ILE B 1131 -41.27 -39.53 6.62
CA ILE B 1131 -40.54 -38.75 5.64
C ILE B 1131 -40.96 -37.29 5.70
N ILE B 1132 -42.25 -37.03 5.76
CA ILE B 1132 -42.75 -35.66 5.80
C ILE B 1132 -42.24 -34.95 7.04
N LEU B 1133 -42.35 -35.62 8.20
CA LEU B 1133 -41.93 -34.99 9.44
C LEU B 1133 -40.43 -34.71 9.44
N THR B 1134 -39.63 -35.67 8.97
CA THR B 1134 -38.19 -35.48 8.97
C THR B 1134 -37.78 -34.36 8.04
N LEU B 1135 -38.39 -34.30 6.85
CA LEU B 1135 -38.09 -33.22 5.93
C LEU B 1135 -38.47 -31.88 6.55
N ALA B 1136 -39.60 -31.84 7.25
CA ALA B 1136 -39.95 -30.66 8.01
C ALA B 1136 -38.93 -30.39 9.10
N MET B 1137 -38.42 -31.46 9.73
CA MET B 1137 -37.47 -31.29 10.82
C MET B 1137 -36.14 -30.72 10.37
N ASN B 1138 -35.89 -30.65 9.07
CA ASN B 1138 -34.61 -30.17 8.56
C ASN B 1138 -34.70 -28.86 7.79
N ILE B 1139 -35.87 -28.53 7.24
CA ILE B 1139 -35.98 -27.45 6.27
C ILE B 1139 -35.61 -26.09 6.83
N MET B 1140 -35.65 -25.93 8.15
CA MET B 1140 -35.51 -24.59 8.74
C MET B 1140 -34.13 -24.00 8.47
N SER B 1141 -33.08 -24.77 8.71
CA SER B 1141 -31.73 -24.24 8.52
C SER B 1141 -31.49 -23.90 7.06
N THR B 1142 -32.00 -24.73 6.16
CA THR B 1142 -31.88 -24.46 4.74
C THR B 1142 -32.61 -23.18 4.37
N LEU B 1143 -33.80 -22.97 4.92
CA LEU B 1143 -34.55 -21.76 4.60
C LEU B 1143 -33.84 -20.52 5.12
N GLN B 1144 -33.26 -20.61 6.32
CA GLN B 1144 -32.52 -19.46 6.86
C GLN B 1144 -31.31 -19.14 6.00
N TRP B 1145 -30.56 -20.17 5.60
CA TRP B 1145 -29.44 -19.96 4.70
C TRP B 1145 -29.92 -19.38 3.38
N ALA B 1146 -31.11 -19.78 2.93
CA ALA B 1146 -31.64 -19.28 1.67
C ALA B 1146 -31.98 -17.79 1.76
N VAL B 1147 -32.58 -17.39 2.88
CA VAL B 1147 -32.88 -15.96 3.06
C VAL B 1147 -31.59 -15.16 3.10
N ASN B 1148 -30.60 -15.68 3.83
CA ASN B 1148 -29.31 -14.99 3.90
C ASN B 1148 -28.68 -14.89 2.51
N SER B 1149 -28.80 -15.94 1.71
CA SER B 1149 -28.22 -15.92 0.36
C SER B 1149 -28.96 -14.97 -0.56
N SER B 1150 -30.27 -14.86 -0.43
CA SER B 1150 -31.00 -13.88 -1.22
C SER B 1150 -30.56 -12.47 -0.86
N ILE B 1151 -30.38 -12.21 0.43
CA ILE B 1151 -29.89 -10.90 0.85
C ILE B 1151 -28.49 -10.65 0.29
N ASP B 1152 -27.65 -11.68 0.32
CA ASP B 1152 -26.28 -11.55 -0.17
C ASP B 1152 -26.25 -11.28 -1.66
N VAL B 1153 -27.13 -11.93 -2.41
CA VAL B 1153 -27.22 -11.69 -3.85
C VAL B 1153 -27.69 -10.27 -4.12
N ASP B 1154 -28.66 -9.80 -3.33
CA ASP B 1154 -29.11 -8.42 -3.46
C ASP B 1154 -27.97 -7.44 -3.22
N SER B 1155 -27.14 -7.73 -2.21
CA SER B 1155 -25.98 -6.87 -1.94
C SER B 1155 -24.97 -6.93 -3.08
N LEU B 1156 -24.70 -8.12 -3.61
CA LEU B 1156 -23.67 -8.27 -4.61
C LEU B 1156 -24.07 -7.66 -5.94
N MET B 1157 -25.38 -7.61 -6.23
CA MET B 1157 -25.82 -7.13 -7.53
C MET B 1157 -25.44 -5.66 -7.79
N ARG B 1158 -25.10 -4.93 -6.74
CA ARG B 1158 -24.76 -3.51 -6.91
C ARG B 1158 -23.52 -3.34 -7.77
N SER B 1159 -22.52 -4.18 -7.56
CA SER B 1159 -21.30 -4.07 -8.36
C SER B 1159 -21.59 -4.37 -9.83
N VAL B 1160 -22.44 -5.35 -10.09
CA VAL B 1160 -22.79 -5.68 -11.47
C VAL B 1160 -23.55 -4.51 -12.10
N SER B 1161 -24.42 -3.87 -11.34
CA SER B 1161 -25.13 -2.71 -11.85
C SER B 1161 -24.16 -1.60 -12.20
N ARG B 1162 -23.17 -1.37 -11.33
CA ARG B 1162 -22.18 -0.34 -11.60
C ARG B 1162 -21.39 -0.66 -12.86
N VAL B 1163 -21.01 -1.93 -13.02
CA VAL B 1163 -20.26 -2.34 -14.20
C VAL B 1163 -21.08 -2.14 -15.47
N PHE B 1164 -22.35 -2.52 -15.42
CA PHE B 1164 -23.20 -2.37 -16.59
C PHE B 1164 -23.41 -0.90 -16.94
N LYS B 1165 -23.56 -0.05 -15.93
CA LYS B 1165 -23.67 1.38 -16.19
C LYS B 1165 -22.40 1.93 -16.81
N PHE B 1166 -21.23 1.49 -16.32
CA PHE B 1166 -19.97 1.97 -16.85
C PHE B 1166 -19.78 1.54 -18.30
N ILE B 1167 -20.13 0.30 -18.62
CA ILE B 1167 -20.00 -0.17 -20.00
C ILE B 1167 -20.96 0.58 -20.91
N ASP B 1168 -22.12 0.96 -20.39
CA ASP B 1168 -23.13 1.66 -21.19
C ASP B 1168 -22.68 3.10 -21.42
N MET B 1169 -21.67 3.22 -22.30
CA MET B 1169 -21.08 4.51 -22.60
C MET B 1169 -20.99 4.70 -24.11
N PRO B 1170 -21.06 5.94 -24.57
CA PRO B 1170 -20.90 6.20 -26.01
C PRO B 1170 -19.44 6.30 -26.40
N THR B 1171 -19.12 5.79 -27.59
CA THR B 1171 -17.77 5.87 -28.10
C THR B 1171 -17.42 7.31 -28.45
N GLU B 1172 -16.12 7.57 -28.62
CA GLU B 1172 -15.69 8.91 -29.01
C GLU B 1172 -16.25 9.31 -30.36
N GLY B 1173 -16.51 8.34 -31.23
CA GLY B 1173 -17.10 8.63 -32.53
C GLY B 1173 -16.30 8.06 -33.69
N GLY B 1207 2.31 15.76 -48.17
CA GLY B 1207 2.30 17.20 -48.01
C GLY B 1207 2.24 17.63 -46.56
N GLY B 1208 2.52 18.91 -46.32
CA GLY B 1208 2.51 19.44 -44.97
C GLY B 1208 1.63 20.66 -44.80
N GLN B 1209 1.14 21.20 -45.92
CA GLN B 1209 0.29 22.38 -45.87
C GLN B 1209 -1.03 22.09 -45.17
N MET B 1210 -1.59 23.12 -44.53
CA MET B 1210 -2.84 22.97 -43.80
C MET B 1210 -3.51 24.33 -43.69
N THR B 1211 -4.82 24.31 -43.48
CA THR B 1211 -5.63 25.50 -43.31
C THR B 1211 -6.70 25.25 -42.26
N VAL B 1212 -6.78 26.13 -41.28
CA VAL B 1212 -7.78 26.05 -40.22
C VAL B 1212 -8.70 27.25 -40.32
N LYS B 1213 -9.95 27.06 -39.89
CA LYS B 1213 -10.95 28.12 -39.91
C LYS B 1213 -12.15 27.66 -39.10
N ASP B 1214 -12.95 28.63 -38.65
CA ASP B 1214 -14.18 28.37 -37.91
C ASP B 1214 -13.93 27.54 -36.66
N LEU B 1215 -12.76 27.75 -36.03
CA LEU B 1215 -12.36 26.96 -34.88
C LEU B 1215 -13.25 27.19 -33.66
N THR B 1216 -13.99 26.17 -33.26
CA THR B 1216 -14.75 26.18 -32.01
C THR B 1216 -14.28 25.04 -31.13
N ALA B 1217 -14.09 25.33 -29.85
CA ALA B 1217 -13.56 24.32 -28.94
C ALA B 1217 -13.96 24.63 -27.52
N LYS B 1218 -13.94 23.60 -26.68
CA LYS B 1218 -14.26 23.70 -25.27
C LYS B 1218 -13.90 22.36 -24.61
N TYR B 1219 -13.76 22.40 -23.29
CA TYR B 1219 -13.50 21.16 -22.54
C TYR B 1219 -14.74 20.28 -22.51
N THR B 1220 -15.89 20.87 -22.22
CA THR B 1220 -17.17 20.16 -22.24
C THR B 1220 -17.99 20.63 -23.44
N GLU B 1221 -19.18 20.03 -23.58
CA GLU B 1221 -20.09 20.41 -24.65
C GLU B 1221 -20.66 21.78 -24.34
N GLY B 1222 -20.20 22.79 -25.06
CA GLY B 1222 -20.67 24.15 -24.87
C GLY B 1222 -20.01 24.91 -23.74
N GLY B 1223 -18.83 24.49 -23.30
CA GLY B 1223 -18.13 25.17 -22.23
C GLY B 1223 -17.42 26.43 -22.68
N ASN B 1224 -16.30 26.74 -22.03
CA ASN B 1224 -15.50 27.91 -22.39
C ASN B 1224 -15.01 27.78 -23.83
N ALA B 1225 -15.35 28.78 -24.66
CA ALA B 1225 -14.97 28.75 -26.05
C ALA B 1225 -13.47 28.95 -26.21
N ILE B 1226 -12.74 27.85 -26.45
CA ILE B 1226 -11.29 27.94 -26.58
C ILE B 1226 -10.87 28.73 -27.80
N LEU B 1227 -11.70 28.77 -28.84
CA LEU B 1227 -11.41 29.52 -30.04
C LEU B 1227 -12.70 30.12 -30.58
N GLU B 1228 -12.59 31.33 -31.11
CA GLU B 1228 -13.73 32.03 -31.70
C GLU B 1228 -13.50 32.08 -33.21
N ASN B 1229 -13.91 31.01 -33.90
CA ASN B 1229 -13.80 30.89 -35.35
C ASN B 1229 -12.37 31.11 -35.82
N ILE B 1230 -11.40 30.73 -34.97
CA ILE B 1230 -10.00 31.06 -35.23
C ILE B 1230 -9.54 30.42 -36.54
N SER B 1231 -8.59 31.07 -37.19
CA SER B 1231 -8.00 30.58 -38.44
C SER B 1231 -6.48 30.67 -38.35
N PHE B 1232 -5.82 29.76 -39.07
CA PHE B 1232 -4.37 29.74 -39.12
C PHE B 1232 -3.92 28.99 -40.36
N SER B 1233 -2.74 29.33 -40.85
CA SER B 1233 -2.15 28.70 -42.02
C SER B 1233 -0.84 28.03 -41.63
N ILE B 1234 -0.61 26.83 -42.14
CA ILE B 1234 0.60 26.08 -41.87
C ILE B 1234 1.59 26.29 -43.01
N SER B 1235 2.77 26.82 -42.68
CA SER B 1235 3.80 27.01 -43.68
C SER B 1235 4.45 25.67 -44.04
N PRO B 1236 4.93 25.51 -45.27
CA PRO B 1236 5.55 24.24 -45.67
C PRO B 1236 6.95 24.09 -45.09
N GLY B 1237 7.11 23.18 -44.12
CA GLY B 1237 8.42 22.89 -43.57
C GLY B 1237 9.02 23.98 -42.72
N GLN B 1238 8.21 24.93 -42.24
CA GLN B 1238 8.69 26.02 -41.40
C GLN B 1238 7.94 26.01 -40.07
N ARG B 1239 8.66 26.22 -38.99
CA ARG B 1239 8.07 26.21 -37.66
C ARG B 1239 7.35 27.53 -37.38
N VAL B 1240 6.24 27.43 -36.66
CA VAL B 1240 5.43 28.59 -36.27
C VAL B 1240 5.56 28.78 -34.77
N GLY B 1241 5.93 29.99 -34.35
CA GLY B 1241 6.10 30.27 -32.94
C GLY B 1241 4.78 30.52 -32.25
N LEU B 1242 4.48 29.73 -31.23
CA LEU B 1242 3.26 29.90 -30.44
C LEU B 1242 3.51 31.03 -29.44
N LEU B 1243 3.26 32.27 -29.88
CA LEU B 1243 3.58 33.44 -29.09
C LEU B 1243 2.32 34.24 -28.78
N GLY B 1244 2.50 35.43 -28.22
CA GLY B 1244 1.38 36.29 -27.87
C GLY B 1244 0.94 36.12 -26.43
N ARG B 1245 -0.29 35.65 -26.21
CA ARG B 1245 -0.80 35.50 -24.85
C ARG B 1245 -0.25 34.24 -24.21
N THR B 1246 1.08 34.12 -24.16
CA THR B 1246 1.71 32.96 -23.55
C THR B 1246 1.58 33.03 -22.04
N GLY B 1247 1.20 31.91 -21.44
CA GLY B 1247 0.85 31.85 -20.04
C GLY B 1247 -0.63 31.92 -19.76
N SER B 1248 -1.43 32.29 -20.77
CA SER B 1248 -2.88 32.22 -20.65
C SER B 1248 -3.42 30.83 -20.95
N GLY B 1249 -2.55 29.89 -21.33
CA GLY B 1249 -2.97 28.53 -21.61
C GLY B 1249 -2.88 28.17 -23.08
N LYS B 1250 -1.83 27.43 -23.45
CA LYS B 1250 -1.68 26.93 -24.80
C LYS B 1250 -1.91 25.44 -24.90
N SER B 1251 -2.01 24.74 -23.78
CA SER B 1251 -2.27 23.30 -23.81
C SER B 1251 -3.59 23.00 -24.49
N THR B 1252 -4.57 23.89 -24.34
CA THR B 1252 -5.85 23.67 -25.00
C THR B 1252 -5.72 23.70 -26.52
N LEU B 1253 -4.96 24.67 -27.05
CA LEU B 1253 -4.77 24.72 -28.50
C LEU B 1253 -3.98 23.52 -28.99
N LEU B 1254 -3.00 23.09 -28.21
CA LEU B 1254 -2.23 21.91 -28.58
C LEU B 1254 -3.12 20.66 -28.62
N SER B 1255 -4.00 20.51 -27.63
CA SER B 1255 -4.92 19.39 -27.65
C SER B 1255 -5.89 19.49 -28.83
N ALA B 1256 -6.31 20.71 -29.14
CA ALA B 1256 -7.18 20.92 -30.30
C ALA B 1256 -6.47 20.58 -31.61
N PHE B 1257 -5.14 20.66 -31.64
CA PHE B 1257 -4.42 20.24 -32.83
C PHE B 1257 -4.64 18.77 -33.13
N LEU B 1258 -4.94 17.97 -32.10
CA LEU B 1258 -5.34 16.58 -32.27
C LEU B 1258 -6.83 16.37 -32.05
N ARG B 1259 -7.59 17.44 -31.79
CA ARG B 1259 -9.03 17.36 -31.53
C ARG B 1259 -9.33 16.46 -30.34
N LEU B 1260 -8.48 16.54 -29.32
CA LEU B 1260 -8.66 15.77 -28.10
C LEU B 1260 -9.63 16.42 -27.14
N LEU B 1261 -10.31 17.50 -27.56
CA LEU B 1261 -11.25 18.22 -26.73
C LEU B 1261 -12.59 18.33 -27.46
N ASN B 1262 -13.58 18.85 -26.74
CA ASN B 1262 -14.92 19.05 -27.29
C ASN B 1262 -14.84 20.21 -28.28
N THR B 1263 -14.41 19.89 -29.50
CA THR B 1263 -14.08 20.89 -30.50
C THR B 1263 -14.73 20.52 -31.82
N GLU B 1264 -15.05 21.55 -32.60
CA GLU B 1264 -15.60 21.39 -33.94
C GLU B 1264 -15.24 22.61 -34.77
N GLY B 1265 -15.06 22.39 -36.06
CA GLY B 1265 -14.64 23.45 -36.96
C GLY B 1265 -14.08 22.91 -38.25
N GLU B 1266 -13.03 23.54 -38.78
CA GLU B 1266 -12.41 23.12 -40.04
C GLU B 1266 -10.92 22.92 -39.85
N ILE B 1267 -10.42 21.78 -40.30
CA ILE B 1267 -8.99 21.49 -40.36
C ILE B 1267 -8.70 20.80 -41.69
N GLN B 1268 -8.21 21.55 -42.67
CA GLN B 1268 -7.97 21.05 -44.02
C GLN B 1268 -6.46 21.01 -44.24
N ILE B 1269 -5.86 19.88 -43.88
CA ILE B 1269 -4.42 19.67 -44.01
C ILE B 1269 -4.15 18.85 -45.26
N ASP B 1270 -3.33 19.39 -46.16
CA ASP B 1270 -2.92 18.70 -47.38
C ASP B 1270 -4.12 18.31 -48.24
N GLY B 1271 -5.19 19.10 -48.16
CA GLY B 1271 -6.41 18.81 -48.87
C GLY B 1271 -7.34 17.84 -48.16
N VAL B 1272 -6.87 17.16 -47.14
CA VAL B 1272 -7.68 16.21 -46.38
C VAL B 1272 -8.41 16.97 -45.28
N SER B 1273 -9.66 16.59 -45.06
CA SER B 1273 -10.50 17.25 -44.05
C SER B 1273 -10.50 16.46 -42.75
N TRP B 1274 -11.05 17.07 -41.71
CA TRP B 1274 -11.14 16.46 -40.39
C TRP B 1274 -12.28 15.44 -40.29
N ASP B 1275 -13.09 15.29 -41.34
CA ASP B 1275 -14.25 14.40 -41.28
C ASP B 1275 -14.02 13.09 -42.00
N SER B 1276 -13.44 13.12 -43.21
CA SER B 1276 -13.35 11.91 -44.03
C SER B 1276 -12.50 10.85 -43.37
N ILE B 1277 -11.35 11.25 -42.82
CA ILE B 1277 -10.41 10.31 -42.21
C ILE B 1277 -10.88 9.95 -40.80
N THR B 1278 -10.78 8.67 -40.46
CA THR B 1278 -11.05 8.24 -39.10
C THR B 1278 -10.06 8.91 -38.14
N LEU B 1279 -10.55 9.25 -36.94
CA LEU B 1279 -9.72 9.96 -35.98
C LEU B 1279 -8.45 9.19 -35.66
N GLN B 1280 -8.52 7.86 -35.63
CA GLN B 1280 -7.33 7.06 -35.41
C GLN B 1280 -6.31 7.24 -36.52
N GLN B 1281 -6.78 7.54 -37.74
CA GLN B 1281 -5.89 7.79 -38.86
C GLN B 1281 -5.59 9.26 -39.09
N TRP B 1282 -6.52 10.15 -38.71
CA TRP B 1282 -6.31 11.57 -38.96
C TRP B 1282 -5.29 12.16 -38.00
N ARG B 1283 -5.32 11.75 -36.73
CA ARG B 1283 -4.46 12.36 -35.72
C ARG B 1283 -3.02 11.88 -35.80
N LYS B 1284 -2.74 10.82 -36.57
CA LYS B 1284 -1.40 10.24 -36.57
C LYS B 1284 -0.34 11.21 -37.10
N ALA B 1285 -0.74 12.13 -37.99
CA ALA B 1285 0.24 13.03 -38.59
C ALA B 1285 0.83 13.99 -37.57
N PHE B 1286 0.09 14.31 -36.51
CA PHE B 1286 0.59 15.22 -35.50
C PHE B 1286 1.61 14.53 -34.61
N GLY B 1287 2.61 15.29 -34.16
CA GLY B 1287 3.60 14.78 -33.24
C GLY B 1287 3.49 15.40 -31.86
N VAL B 1288 3.18 14.58 -30.87
CA VAL B 1288 2.97 15.08 -29.51
C VAL B 1288 4.31 15.28 -28.82
N ILE B 1289 4.41 16.35 -28.06
CA ILE B 1289 5.57 16.62 -27.21
C ILE B 1289 5.05 17.06 -25.85
N PRO B 1290 4.43 16.17 -25.09
CA PRO B 1290 3.82 16.57 -23.82
C PRO B 1290 4.86 17.02 -22.80
N GLN B 1291 4.43 17.90 -21.89
CA GLN B 1291 5.30 18.32 -20.80
C GLN B 1291 5.70 17.14 -19.93
N LYS B 1292 4.78 16.22 -19.70
CA LYS B 1292 5.04 15.00 -18.94
C LYS B 1292 5.07 13.82 -19.90
N VAL B 1293 6.18 13.09 -19.90
CA VAL B 1293 6.35 11.96 -20.82
C VAL B 1293 5.63 10.74 -20.26
N PHE B 1294 4.84 10.09 -21.11
CA PHE B 1294 4.20 8.83 -20.77
C PHE B 1294 5.09 7.69 -21.18
N ILE B 1295 5.50 6.87 -20.21
CA ILE B 1295 6.39 5.74 -20.44
C ILE B 1295 5.72 4.48 -19.91
N PHE B 1296 5.53 3.50 -20.78
CA PHE B 1296 5.00 2.22 -20.33
C PHE B 1296 6.07 1.46 -19.56
N SER B 1297 5.70 0.96 -18.38
CA SER B 1297 6.62 0.23 -17.53
C SER B 1297 6.96 -1.08 -18.20
N GLY B 1298 8.20 -1.21 -18.66
CA GLY B 1298 8.63 -2.43 -19.31
C GLY B 1298 9.98 -2.26 -19.96
N THR B 1299 10.43 -3.32 -20.61
CA THR B 1299 11.68 -3.29 -21.36
C THR B 1299 11.61 -2.28 -22.49
N PHE B 1300 12.77 -1.76 -22.89
CA PHE B 1300 12.82 -0.73 -23.91
C PHE B 1300 12.24 -1.18 -25.24
N ARG B 1301 12.41 -2.47 -25.58
CA ARG B 1301 11.87 -2.95 -26.85
C ARG B 1301 10.36 -2.82 -26.90
N LYS B 1302 9.68 -3.19 -25.82
CA LYS B 1302 8.24 -3.00 -25.77
C LYS B 1302 7.86 -1.55 -25.51
N ASN B 1303 8.60 -0.89 -24.62
CA ASN B 1303 8.23 0.46 -24.21
C ASN B 1303 8.37 1.45 -25.36
N LEU B 1304 9.27 1.20 -26.29
CA LEU B 1304 9.47 2.09 -27.42
C LEU B 1304 8.73 1.64 -28.66
N ASP B 1305 8.35 0.37 -28.75
CA ASP B 1305 7.65 -0.17 -29.93
C ASP B 1305 6.44 -0.94 -29.46
N PRO B 1306 5.43 -0.24 -28.93
CA PRO B 1306 4.19 -0.94 -28.54
C PRO B 1306 3.50 -1.61 -29.70
N TYR B 1307 3.55 -1.04 -30.90
CA TYR B 1307 2.90 -1.67 -32.04
C TYR B 1307 3.64 -2.91 -32.51
N GLU B 1308 4.97 -2.93 -32.33
CA GLU B 1308 5.81 -4.06 -32.73
C GLU B 1308 5.66 -4.34 -34.23
N GLN B 1309 6.10 -3.37 -35.03
CA GLN B 1309 6.01 -3.47 -36.48
C GLN B 1309 7.29 -2.95 -37.15
N TRP B 1310 8.42 -3.02 -36.45
CA TRP B 1310 9.68 -2.53 -36.98
C TRP B 1310 10.78 -3.56 -36.72
N SER B 1311 11.95 -3.29 -37.30
CA SER B 1311 13.10 -4.18 -37.14
C SER B 1311 14.03 -3.66 -36.05
N ASP B 1312 14.68 -4.61 -35.37
CA ASP B 1312 15.57 -4.25 -34.26
C ASP B 1312 16.80 -3.50 -34.74
N GLN B 1313 17.35 -3.88 -35.90
CA GLN B 1313 18.51 -3.15 -36.44
C GLN B 1313 18.13 -1.71 -36.78
N GLU B 1314 16.96 -1.52 -37.39
CA GLU B 1314 16.50 -0.16 -37.69
C GLU B 1314 16.27 0.63 -36.41
N ILE B 1315 15.76 -0.03 -35.37
CA ILE B 1315 15.55 0.65 -34.10
C ILE B 1315 16.87 1.10 -33.50
N TRP B 1316 17.89 0.24 -33.53
CA TRP B 1316 19.19 0.62 -33.00
C TRP B 1316 19.81 1.74 -33.83
N LYS B 1317 19.67 1.68 -35.15
CA LYS B 1317 20.21 2.73 -36.00
C LYS B 1317 19.54 4.07 -35.73
N VAL B 1318 18.22 4.07 -35.59
CA VAL B 1318 17.52 5.30 -35.30
C VAL B 1318 17.88 5.83 -33.92
N ALA B 1319 18.02 4.94 -32.93
CA ALA B 1319 18.40 5.36 -31.58
C ALA B 1319 19.77 6.01 -31.57
N ASP B 1320 20.72 5.44 -32.31
CA ASP B 1320 22.00 6.12 -32.51
C ASP B 1320 21.80 7.46 -33.19
N GLU B 1321 20.92 7.52 -34.19
CA GLU B 1321 20.59 8.79 -34.82
C GLU B 1321 19.83 9.72 -33.88
N VAL B 1322 19.15 9.18 -32.87
CA VAL B 1322 18.38 9.96 -31.93
C VAL B 1322 19.09 10.08 -30.59
N GLY B 1323 20.37 9.71 -30.52
CA GLY B 1323 21.11 9.87 -29.29
C GLY B 1323 20.62 9.02 -28.14
N LEU B 1324 20.18 7.79 -28.42
CA LEU B 1324 19.72 6.89 -27.36
C LEU B 1324 20.65 5.71 -27.13
N ARG B 1325 21.56 5.43 -28.05
CA ARG B 1325 22.45 4.28 -27.88
C ARG B 1325 23.33 4.45 -26.65
N SER B 1326 23.91 5.64 -26.48
CA SER B 1326 24.65 5.90 -25.25
C SER B 1326 23.72 6.05 -24.06
N VAL B 1327 22.53 6.62 -24.27
CA VAL B 1327 21.56 6.72 -23.19
C VAL B 1327 21.10 5.34 -22.74
N ILE B 1328 21.21 4.34 -23.60
CA ILE B 1328 20.82 2.98 -23.25
C ILE B 1328 22.01 2.10 -22.84
N GLU B 1329 23.24 2.52 -23.13
CA GLU B 1329 24.40 1.70 -22.78
C GLU B 1329 24.54 1.54 -21.27
N GLN B 1330 24.06 2.50 -20.50
CA GLN B 1330 24.15 2.44 -19.05
C GLN B 1330 23.03 1.63 -18.42
N PHE B 1331 22.10 1.14 -19.23
CA PHE B 1331 20.97 0.36 -18.74
C PHE B 1331 21.33 -1.11 -18.58
N PRO B 1332 20.55 -1.85 -17.80
CA PRO B 1332 20.81 -3.28 -17.64
C PRO B 1332 20.73 -4.01 -18.97
N GLY B 1333 21.66 -4.94 -19.18
CA GLY B 1333 21.71 -5.65 -20.44
C GLY B 1333 21.99 -4.68 -21.57
N LYS B 1334 21.25 -4.85 -22.67
CA LYS B 1334 21.36 -3.96 -23.82
C LYS B 1334 20.08 -3.17 -24.04
N LEU B 1335 18.95 -3.86 -24.22
CA LEU B 1335 17.68 -3.18 -24.43
C LEU B 1335 16.54 -3.77 -23.62
N ASP B 1336 16.78 -4.82 -22.84
CA ASP B 1336 15.73 -5.50 -22.10
C ASP B 1336 15.39 -4.83 -20.77
N PHE B 1337 16.05 -3.71 -20.44
CA PHE B 1337 15.85 -3.08 -19.15
C PHE B 1337 14.39 -2.70 -18.92
N VAL B 1338 13.75 -3.36 -17.96
CA VAL B 1338 12.36 -3.07 -17.64
C VAL B 1338 12.27 -1.70 -16.99
N LEU B 1339 11.30 -0.90 -17.44
CA LEU B 1339 11.09 0.47 -16.94
C LEU B 1339 10.33 0.44 -15.61
N VAL B 1340 11.03 -0.01 -14.58
CA VAL B 1340 10.44 -0.05 -13.24
C VAL B 1340 10.10 1.36 -12.78
N ASP B 1341 9.01 1.49 -12.02
CA ASP B 1341 8.59 2.76 -11.44
C ASP B 1341 8.38 3.81 -12.51
N GLY B 1342 7.79 3.41 -13.63
CA GLY B 1342 7.58 4.33 -14.73
C GLY B 1342 8.86 4.79 -15.39
N GLY B 1343 9.88 3.93 -15.44
CA GLY B 1343 11.16 4.33 -16.01
C GLY B 1343 11.87 5.35 -15.15
N CYS B 1344 11.89 5.10 -13.84
CA CYS B 1344 12.46 6.05 -12.89
C CYS B 1344 13.92 6.36 -13.20
N VAL B 1345 14.64 5.44 -13.85
CA VAL B 1345 16.03 5.70 -14.18
C VAL B 1345 16.17 6.86 -15.15
N LEU B 1346 15.25 6.97 -16.10
CA LEU B 1346 15.34 8.01 -17.11
C LEU B 1346 15.10 9.38 -16.50
N SER B 1347 15.93 10.35 -16.86
CA SER B 1347 15.74 11.73 -16.44
C SER B 1347 14.73 12.43 -17.34
N HIS B 1348 14.34 13.64 -16.94
CA HIS B 1348 13.36 14.39 -17.70
C HIS B 1348 13.85 14.69 -19.11
N GLY B 1349 15.09 15.12 -19.25
CA GLY B 1349 15.64 15.35 -20.57
C GLY B 1349 15.82 14.05 -21.34
N HIS B 1350 16.24 12.99 -20.66
CA HIS B 1350 16.35 11.69 -21.33
C HIS B 1350 14.96 11.22 -21.77
N LYS B 1351 13.95 11.45 -20.95
CA LYS B 1351 12.60 11.08 -21.34
C LYS B 1351 12.11 11.89 -22.53
N GLN B 1352 12.45 13.18 -22.58
CA GLN B 1352 12.10 13.99 -23.72
C GLN B 1352 12.78 13.47 -24.98
N LEU B 1353 14.05 13.08 -24.86
CA LEU B 1353 14.76 12.51 -26.00
C LEU B 1353 14.10 11.23 -26.46
N MET B 1354 13.66 10.40 -25.50
CA MET B 1354 12.99 9.16 -25.85
C MET B 1354 11.68 9.43 -26.57
N CYS B 1355 10.92 10.43 -26.11
CA CYS B 1355 9.67 10.78 -26.77
C CYS B 1355 9.92 11.27 -28.17
N LEU B 1356 10.95 12.10 -28.35
CA LEU B 1356 11.29 12.59 -29.68
C LEU B 1356 11.70 11.46 -30.60
N ALA B 1357 12.48 10.51 -30.08
CA ALA B 1357 12.88 9.35 -30.87
C ALA B 1357 11.67 8.53 -31.28
N ARG B 1358 10.74 8.32 -30.35
CA ARG B 1358 9.54 7.56 -30.68
C ARG B 1358 8.72 8.26 -31.74
N SER B 1359 8.62 9.58 -31.63
CA SER B 1359 7.87 10.33 -32.65
C SER B 1359 8.56 10.24 -34.00
N VAL B 1360 9.90 10.32 -34.02
CA VAL B 1360 10.62 10.20 -35.27
C VAL B 1360 10.42 8.83 -35.86
N LEU B 1361 10.35 7.79 -35.01
CA LEU B 1361 10.05 6.45 -35.50
C LEU B 1361 8.66 6.39 -36.10
N SER B 1362 7.70 7.08 -35.49
CA SER B 1362 6.35 7.10 -36.04
C SER B 1362 6.28 7.81 -37.39
N LYS B 1363 7.26 8.67 -37.69
CA LYS B 1363 7.32 9.40 -38.96
C LYS B 1363 6.09 10.29 -39.14
N ALA B 1364 5.79 11.08 -38.12
CA ALA B 1364 4.68 12.02 -38.18
C ALA B 1364 5.04 13.23 -39.02
N LYS B 1365 4.04 13.75 -39.75
CA LYS B 1365 4.27 14.91 -40.61
C LYS B 1365 4.32 16.22 -39.84
N ILE B 1366 3.91 16.23 -38.57
CA ILE B 1366 3.89 17.44 -37.76
C ILE B 1366 4.46 17.12 -36.38
N LEU B 1367 4.91 18.16 -35.69
CA LEU B 1367 5.49 17.99 -34.34
C LEU B 1367 5.37 19.33 -33.59
N LEU B 1368 4.39 19.41 -32.69
CA LEU B 1368 4.21 20.60 -31.86
C LEU B 1368 5.02 20.47 -30.57
N LEU B 1369 6.04 21.31 -30.43
CA LEU B 1369 6.85 21.31 -29.20
C LEU B 1369 6.20 22.16 -28.12
N ASP B 1370 6.49 21.82 -26.86
CA ASP B 1370 5.90 22.52 -25.74
C ASP B 1370 6.85 22.51 -24.55
N GLU B 1371 7.14 23.70 -24.01
CA GLU B 1371 7.89 23.90 -22.77
C GLU B 1371 9.25 23.21 -22.80
N PRO B 1372 10.04 23.42 -23.85
CA PRO B 1372 11.36 22.77 -23.91
C PRO B 1372 12.29 23.20 -22.78
N SER B 1373 12.58 24.50 -22.70
CA SER B 1373 13.51 24.98 -21.70
C SER B 1373 12.96 24.86 -20.29
N ALA B 1374 11.63 24.78 -20.14
CA ALA B 1374 11.06 24.65 -18.81
C ALA B 1374 11.40 23.31 -18.18
N HIS B 1375 11.35 22.24 -18.97
CA HIS B 1375 11.62 20.90 -18.44
C HIS B 1375 13.08 20.50 -18.53
N LEU B 1376 13.84 21.09 -19.46
CA LEU B 1376 15.20 20.65 -19.73
C LEU B 1376 16.22 21.41 -18.88
N ASP B 1377 17.25 20.70 -18.45
CA ASP B 1377 18.42 21.31 -17.81
C ASP B 1377 19.29 21.94 -18.88
N PRO B 1378 20.39 22.60 -18.49
CA PRO B 1378 21.23 23.30 -19.49
C PRO B 1378 21.75 22.38 -20.59
N VAL B 1379 22.49 21.34 -20.21
CA VAL B 1379 23.06 20.44 -21.21
C VAL B 1379 21.97 19.66 -21.91
N THR B 1380 20.90 19.30 -21.18
CA THR B 1380 19.80 18.58 -21.81
C THR B 1380 19.12 19.44 -22.87
N TYR B 1381 18.89 20.72 -22.56
CA TYR B 1381 18.29 21.60 -23.56
C TYR B 1381 19.21 21.78 -24.76
N GLN B 1382 20.52 21.85 -24.53
CA GLN B 1382 21.46 22.01 -25.63
C GLN B 1382 21.44 20.80 -26.56
N ILE B 1383 21.50 19.60 -25.98
CA ILE B 1383 21.47 18.39 -26.79
C ILE B 1383 20.13 18.27 -27.52
N ILE B 1384 19.04 18.61 -26.85
CA ILE B 1384 17.72 18.55 -27.47
C ILE B 1384 17.65 19.51 -28.65
N ARG B 1385 18.13 20.73 -28.46
CA ARG B 1385 18.09 21.70 -29.55
C ARG B 1385 18.94 21.24 -30.72
N ARG B 1386 20.13 20.71 -30.44
CA ARG B 1386 20.99 20.23 -31.52
C ARG B 1386 20.31 19.10 -32.28
N THR B 1387 19.71 18.16 -31.56
CA THR B 1387 19.09 17.01 -32.22
C THR B 1387 17.88 17.43 -33.03
N LEU B 1388 17.05 18.32 -32.48
CA LEU B 1388 15.86 18.76 -33.19
C LEU B 1388 16.24 19.55 -34.44
N LYS B 1389 17.20 20.47 -34.32
CA LYS B 1389 17.61 21.27 -35.46
C LYS B 1389 18.36 20.45 -36.50
N GLN B 1390 18.96 19.33 -36.11
CA GLN B 1390 19.68 18.50 -37.07
C GLN B 1390 18.74 17.54 -37.79
N ALA B 1391 18.05 16.68 -37.04
CA ALA B 1391 17.25 15.64 -37.68
C ALA B 1391 15.86 16.16 -38.06
N PHE B 1392 15.17 16.82 -37.14
CA PHE B 1392 13.80 17.26 -37.36
C PHE B 1392 13.73 18.58 -38.11
N ALA B 1393 14.76 18.91 -38.90
CA ALA B 1393 14.74 20.17 -39.65
C ALA B 1393 13.66 20.20 -40.71
N ASP B 1394 13.16 19.03 -41.11
CA ASP B 1394 12.23 18.91 -42.24
C ASP B 1394 10.78 18.80 -41.80
N CYS B 1395 10.39 19.47 -40.72
CA CYS B 1395 9.03 19.40 -40.19
C CYS B 1395 8.50 20.79 -39.89
N THR B 1396 7.19 20.97 -40.03
CA THR B 1396 6.51 22.22 -39.69
C THR B 1396 6.14 22.18 -38.22
N VAL B 1397 7.12 22.53 -37.38
CA VAL B 1397 6.99 22.40 -35.93
C VAL B 1397 6.23 23.58 -35.34
N ILE B 1398 5.79 23.41 -34.09
CA ILE B 1398 5.27 24.52 -33.30
C ILE B 1398 5.81 24.42 -31.88
N LEU B 1399 6.88 25.15 -31.58
CA LEU B 1399 7.48 25.17 -30.26
C LEU B 1399 6.78 26.21 -29.40
N CYS B 1400 5.94 25.76 -28.48
CA CYS B 1400 5.22 26.67 -27.59
C CYS B 1400 6.10 27.02 -26.40
N GLU B 1401 6.29 28.31 -26.16
CA GLU B 1401 7.08 28.79 -25.04
C GLU B 1401 6.39 29.96 -24.37
N HIS B 1402 6.34 29.92 -23.03
CA HIS B 1402 5.83 31.07 -22.28
C HIS B 1402 6.73 32.29 -22.48
N ARG B 1403 8.05 32.08 -22.45
CA ARG B 1403 9.00 33.15 -22.67
C ARG B 1403 9.16 33.39 -24.16
N ILE B 1404 8.94 34.63 -24.59
CA ILE B 1404 9.07 34.97 -26.00
C ILE B 1404 10.51 34.82 -26.47
N GLU B 1405 11.48 35.06 -25.58
CA GLU B 1405 12.88 34.97 -25.97
C GLU B 1405 13.25 33.56 -26.39
N ALA B 1406 12.71 32.54 -25.72
CA ALA B 1406 13.02 31.17 -26.10
C ALA B 1406 12.49 30.86 -27.49
N MET B 1407 11.31 31.36 -27.83
CA MET B 1407 10.71 31.13 -29.13
C MET B 1407 11.20 32.12 -30.19
N LEU B 1408 12.10 33.04 -29.82
CA LEU B 1408 12.55 34.06 -30.77
C LEU B 1408 13.26 33.45 -31.98
N GLU B 1409 13.80 32.24 -31.85
CA GLU B 1409 14.51 31.63 -32.98
C GLU B 1409 13.56 31.21 -34.09
N CYS B 1410 12.27 31.07 -33.82
CA CYS B 1410 11.33 30.57 -34.81
C CYS B 1410 11.16 31.55 -35.96
N GLN B 1411 10.97 31.00 -37.16
CA GLN B 1411 10.73 31.83 -38.34
C GLN B 1411 9.31 32.40 -38.33
N GLN B 1412 8.31 31.54 -38.35
CA GLN B 1412 6.92 31.99 -38.30
C GLN B 1412 6.51 32.28 -36.87
N PHE B 1413 5.45 33.07 -36.73
CA PHE B 1413 4.98 33.49 -35.41
C PHE B 1413 3.46 33.59 -35.44
N LEU B 1414 2.82 32.86 -34.54
CA LEU B 1414 1.37 32.92 -34.34
C LEU B 1414 1.11 33.49 -32.96
N VAL B 1415 0.80 34.78 -32.90
CA VAL B 1415 0.55 35.44 -31.64
C VAL B 1415 -0.80 35.00 -31.08
N ILE B 1416 -0.86 34.79 -29.77
CA ILE B 1416 -2.09 34.43 -29.10
C ILE B 1416 -2.68 35.64 -28.40
N GLU B 1417 -3.99 35.66 -28.26
CA GLU B 1417 -4.69 36.69 -27.50
C GLU B 1417 -6.01 36.11 -27.02
N GLU B 1418 -6.58 36.76 -26.01
CA GLU B 1418 -7.83 36.28 -25.43
C GLU B 1418 -8.94 36.23 -26.48
N ASN B 1419 -9.39 35.01 -26.79
CA ASN B 1419 -10.46 34.72 -27.75
C ASN B 1419 -10.11 35.10 -29.18
N LYS B 1420 -8.84 35.40 -29.48
CA LYS B 1420 -8.45 35.75 -30.84
C LYS B 1420 -6.97 35.41 -31.02
N VAL B 1421 -6.70 34.29 -31.70
CA VAL B 1421 -5.34 33.88 -32.00
C VAL B 1421 -4.87 34.54 -33.29
N ARG B 1422 -4.28 35.72 -33.18
CA ARG B 1422 -3.85 36.47 -34.34
C ARG B 1422 -2.67 35.80 -35.02
N GLN B 1423 -2.22 36.40 -36.13
CA GLN B 1423 -1.06 35.94 -36.88
C GLN B 1423 -0.13 37.12 -37.13
N TYR B 1424 1.17 36.89 -36.94
CA TYR B 1424 2.20 37.90 -37.17
C TYR B 1424 3.35 37.23 -37.91
N ASP B 1425 3.38 37.40 -39.23
CA ASP B 1425 4.35 36.71 -40.06
C ASP B 1425 5.79 37.05 -39.69
N SER B 1426 6.06 38.29 -39.29
CA SER B 1426 7.42 38.74 -39.06
C SER B 1426 7.51 39.48 -37.73
N ILE B 1427 8.70 39.40 -37.12
CA ILE B 1427 8.94 40.06 -35.84
C ILE B 1427 8.92 41.58 -35.98
N GLN B 1428 9.12 42.10 -37.19
CA GLN B 1428 9.12 43.55 -37.40
C GLN B 1428 7.79 44.17 -36.96
N LYS B 1429 6.71 43.41 -37.01
CA LYS B 1429 5.43 43.83 -36.45
C LYS B 1429 5.03 43.06 -35.20
N LEU B 1430 5.52 41.82 -35.05
CA LEU B 1430 5.17 41.02 -33.88
C LEU B 1430 5.72 41.63 -32.61
N LEU B 1431 7.01 42.00 -32.62
CA LEU B 1431 7.60 42.58 -31.42
C LEU B 1431 7.07 43.97 -31.12
N ASN B 1432 6.60 44.70 -32.14
CA ASN B 1432 6.11 46.05 -31.94
C ASN B 1432 4.64 46.12 -31.58
N GLU B 1433 3.86 45.11 -31.94
CA GLU B 1433 2.42 45.20 -31.72
C GLU B 1433 1.92 44.13 -30.76
N ARG B 1434 2.31 42.87 -30.98
CA ARG B 1434 1.81 41.80 -30.14
C ARG B 1434 2.45 41.86 -28.75
N SER B 1435 3.78 41.92 -28.70
CA SER B 1435 4.47 42.06 -27.42
C SER B 1435 4.44 43.49 -26.92
N LEU B 1436 4.34 44.46 -27.82
CA LEU B 1436 4.33 45.87 -27.44
C LEU B 1436 3.09 46.58 -27.99
N UNK C 1 4.30 4.34 0.97
CA UNK C 1 5.01 5.42 0.28
C UNK C 1 4.07 6.17 -0.66
N UNK C 2 2.79 5.83 -0.64
CA UNK C 2 1.81 6.47 -1.50
C UNK C 2 1.30 7.75 -0.86
N UNK C 3 0.90 8.71 -1.70
CA UNK C 3 0.43 10.00 -1.21
C UNK C 3 -1.09 10.09 -1.26
N UNK C 4 -1.69 9.50 -2.30
CA UNK C 4 -3.14 9.51 -2.45
C UNK C 4 -3.79 8.62 -1.40
N UNK C 5 -5.05 8.92 -1.06
CA UNK C 5 -5.78 8.13 -0.07
C UNK C 5 -5.98 6.71 -0.57
N UNK C 6 -5.63 5.73 0.26
CA UNK C 6 -5.62 4.32 -0.12
C UNK C 6 -6.99 3.80 -0.55
N UNK C 7 -8.05 4.42 -0.03
CA UNK C 7 -9.40 3.96 -0.33
C UNK C 7 -10.08 4.85 -1.36
N UNK C 8 -9.52 6.03 -1.60
CA UNK C 8 -10.14 7.01 -2.47
C UNK C 8 -10.21 6.55 -3.92
N UNK C 9 -11.26 5.80 -4.24
CA UNK C 9 -11.52 5.35 -5.60
C UNK C 9 -12.88 4.66 -5.68
N UNK C 10 -13.21 3.93 -4.62
CA UNK C 10 -14.42 3.11 -4.60
C UNK C 10 -15.69 3.96 -4.54
N UNK C 11 -15.66 4.98 -3.68
CA UNK C 11 -16.82 5.84 -3.44
C UNK C 11 -17.40 6.42 -4.72
N UNK C 12 -16.55 7.12 -5.48
CA UNK C 12 -16.99 7.78 -6.71
C UNK C 12 -17.56 6.78 -7.70
N UNK C 13 -17.12 5.53 -7.60
CA UNK C 13 -17.55 4.50 -8.52
C UNK C 13 -18.72 3.70 -7.95
N UNK C 14 -18.75 3.56 -6.63
CA UNK C 14 -19.76 2.75 -5.95
C UNK C 14 -21.16 3.15 -6.36
N UNK C 15 -21.46 4.45 -6.29
CA UNK C 15 -22.77 4.96 -6.61
C UNK C 15 -23.11 4.71 -8.08
N UNK C 16 -22.15 4.97 -8.95
CA UNK C 16 -22.36 4.77 -10.38
C UNK C 16 -22.49 3.28 -10.67
N UNK C 17 -21.88 2.46 -9.82
CA UNK C 17 -21.92 1.02 -10.00
C UNK C 17 -23.28 0.44 -9.70
N UNK C 18 -24.14 1.26 -9.08
CA UNK C 18 -25.49 0.84 -8.70
C UNK C 18 -25.44 -0.45 -7.87
N UNK C 19 -26.51 -1.23 -7.92
CA UNK C 19 -26.58 -2.49 -7.19
C UNK C 19 -27.58 -3.45 -7.82
#